data_7L8W
#
_entry.id   7L8W
#
loop_
_entity.id
_entity.type
_entity.pdbx_description
1 polymer 'BG505 SOSIP.v5.2 N241/N289 - gp120'
2 polymer 'BG505 SOSIP.v5.2 N241/N289 - gp41'
3 polymer 'Rh.33311 pAbC-3 - Heavy Chain'
4 polymer 'Rh.33311 pAbC-3 - Light Chain'
5 branched alpha-D-mannopyranose-(1-2)-alpha-D-mannopyranose-(1-2)-alpha-D-mannopyranose-(1-3)-[alpha-D-mannopyranose-(1-3)-[alpha-D-mannopyranose-(1-6)]alpha-D-mannopyranose-(1-6)]beta-D-mannopyranose-(1-4)-2-acetamido-2-deoxy-beta-D-glucopyranose-(1-4)-2-acetamido-2-deoxy-beta-D-glucopyranose
6 branched 2-acetamido-2-deoxy-beta-D-glucopyranose-(1-4)-2-acetamido-2-deoxy-beta-D-glucopyranose
7 branched alpha-D-mannopyranose-(1-3)-[alpha-D-mannopyranose-(1-6)]beta-D-mannopyranose-(1-4)-2-acetamido-2-deoxy-beta-D-glucopyranose-(1-4)-2-acetamido-2-deoxy-beta-D-glucopyranose
8 non-polymer 2-acetamido-2-deoxy-beta-D-glucopyranose
#
loop_
_entity_poly.entity_id
_entity_poly.type
_entity_poly.pdbx_seq_one_letter_code
_entity_poly.pdbx_strand_id
1 'polypeptide(L)'
;MKRGLCCVLLLCGAVFVSPSQEIHARFRRGARAENLWVTVYYGVPVWKDAETTLFCASDAKAYETKKHNVWATHCCVPTD
PNPQEIHLENVTEEFNMWKNNMVEQMHTDIISLWDQSLKPCVKLTPLCVTLQCTNVTNNITDDMRGELKNCSFNMTTELR
DKKQKVYSLFYRLDVVQINENQGNRSNNSNKEYRLINCNTSAITQACPKVSFEPIPIHYCAPAGFAILKCKDKKFNGTGP
CTNVSTVQCTHGIKPVVSTQLLLNGSLAEEEVIIRSENITNNAKNILVQLNESVQINCTRPNNNTRKSIRIGPGQWFYAT
GDIIGDIRQAHCNVSKATWNETLGKVVKQLRKHFGNNTIIRFANSSGGDLEVTTHSFNCGGEFFYCNTSGLFNSTWISNT
SVQGSNSTGSNDSITLPCRIKQIINMWQRIGQAMYAPPIQGVIRCVSNITGLILTRDGGSTNSTTETFRPGGGDMRDNWR
SELYKYKVVKIEPLGVAPTRCKR
;
A,C,E
2 'polypeptide(L)'
;LGFLGAAGSTMGAASMTLTVQARNLLSGIVQQQSNLLRAPECQQHLLKLTVWGIKQLQARVLAVERYLRDQQLLGIWGCS
GKLICCTNVPWNSTWSNRNLSEIWDNMTWLQWDKEISNYTQIIYGLLEESQNQQEKNEQDLLALD
;
B,D,F
3 'polypeptide(L)'
;(UNK)(UNK)(UNK)(UNK)(UNK)(UNK)(UNK)(UNK)(UNK)(UNK)(UNK)(UNK)(UNK)(UNK)(UNK)(UNK)
(UNK)(UNK)(UNK)(UNK)(UNK)(UNK)(UNK)(UNK)(UNK)(UNK)(UNK)(UNK)(UNK)(UNK)(UNK)(UNK)
(UNK)(UNK)(UNK)(UNK)(UNK)(UNK)(UNK)(UNK)(UNK)(UNK)(UNK)(UNK)(UNK)(UNK)(UNK)(UNK)
(UNK)(UNK)(UNK)(UNK)(UNK)(UNK)(UNK)(UNK)(UNK)(UNK)(UNK)(UNK)(UNK)(UNK)(UNK)(UNK)
(UNK)(UNK)(UNK)(UNK)(UNK)(UNK)(UNK)(UNK)(UNK)(UNK)(UNK)(UNK)(UNK)(UNK)(UNK)(UNK)
(UNK)(UNK)(UNK)(UNK)(UNK)(UNK)(UNK)(UNK)(UNK)(UNK)(UNK)(UNK)(UNK)(UNK)(UNK)(UNK)
(UNK)(UNK)(UNK)(UNK)(UNK)(UNK)(UNK)(UNK)(UNK)(UNK)(UNK)(UNK)(UNK)
;
H
4 'polypeptide(L)'
;(UNK)(UNK)(UNK)(UNK)(UNK)(UNK)(UNK)(UNK)(UNK)(UNK)(UNK)(UNK)(UNK)(UNK)(UNK)(UNK)
(UNK)(UNK)(UNK)(UNK)(UNK)(UNK)(UNK)(UNK)(UNK)(UNK)(UNK)(UNK)(UNK)(UNK)(UNK)(UNK)
(UNK)(UNK)(UNK)(UNK)(UNK)(UNK)(UNK)(UNK)(UNK)(UNK)(UNK)(UNK)(UNK)(UNK)(UNK)(UNK)
(UNK)(UNK)(UNK)(UNK)(UNK)(UNK)(UNK)(UNK)(UNK)(UNK)(UNK)(UNK)(UNK)(UNK)(UNK)(UNK)
(UNK)(UNK)(UNK)(UNK)(UNK)(UNK)(UNK)(UNK)(UNK)(UNK)(UNK)(UNK)(UNK)(UNK)(UNK)(UNK)
(UNK)(UNK)(UNK)(UNK)(UNK)(UNK)(UNK)(UNK)(UNK)(UNK)(UNK)(UNK)(UNK)(UNK)(UNK)(UNK)
(UNK)(UNK)(UNK)(UNK)(UNK)(UNK)(UNK)
;
L
#
loop_
_chem_comp.id
_chem_comp.type
_chem_comp.name
_chem_comp.formula
BMA D-saccharide, beta linking beta-D-mannopyranose 'C6 H12 O6'
MAN D-saccharide, alpha linking alpha-D-mannopyranose 'C6 H12 O6'
NAG D-saccharide, beta linking 2-acetamido-2-deoxy-beta-D-glucopyranose 'C8 H15 N O6'
#
# COMPACT_ATOMS: atom_id res chain seq x y z
N ASN A 35 27.33 33.51 38.57
CA ASN A 35 27.19 33.74 37.14
C ASN A 35 27.12 32.38 36.39
N LEU A 36 25.95 31.70 36.56
CA LEU A 36 25.56 30.42 35.96
C LEU A 36 24.89 30.75 34.64
N TRP A 37 25.39 30.20 33.55
CA TRP A 37 24.88 30.53 32.22
C TRP A 37 24.16 29.40 31.53
N VAL A 38 23.60 29.69 30.36
CA VAL A 38 22.84 28.67 29.66
C VAL A 38 23.68 27.48 29.26
N THR A 39 23.14 26.31 29.55
CA THR A 39 23.72 25.06 29.17
C THR A 39 22.65 24.31 28.41
N VAL A 40 23.04 23.73 27.29
CA VAL A 40 22.14 22.98 26.43
C VAL A 40 22.31 21.48 26.59
N TYR A 41 21.20 20.80 26.88
CA TYR A 41 21.21 19.36 27.10
C TYR A 41 20.51 18.67 25.96
N TYR A 42 21.19 17.71 25.33
CA TYR A 42 20.57 17.00 24.25
C TYR A 42 19.42 16.15 24.66
N GLY A 43 19.62 15.35 25.69
CA GLY A 43 18.55 14.52 26.17
C GLY A 43 18.12 15.04 27.51
N VAL A 44 16.85 14.95 27.76
CA VAL A 44 16.23 15.33 28.98
C VAL A 44 15.08 14.35 29.18
N PRO A 45 14.82 13.79 30.37
CA PRO A 45 13.70 12.90 30.62
C PRO A 45 12.36 13.62 30.76
N VAL A 46 11.93 14.27 29.69
CA VAL A 46 10.66 15.00 29.67
C VAL A 46 9.79 14.72 28.46
N TRP A 47 8.51 15.03 28.61
CA TRP A 47 7.53 14.81 27.58
C TRP A 47 6.32 15.72 27.67
N LYS A 48 5.57 15.75 26.58
CA LYS A 48 4.30 16.44 26.51
C LYS A 48 3.23 15.55 25.91
N ASP A 49 1.99 15.80 26.28
CA ASP A 49 0.88 15.02 25.76
C ASP A 49 0.83 15.13 24.27
N ALA A 50 0.61 14.01 23.57
CA ALA A 50 0.58 14.13 22.12
C ALA A 50 -0.22 13.08 21.43
N GLU A 51 -0.69 13.42 20.25
CA GLU A 51 -1.38 12.45 19.44
C GLU A 51 -0.41 11.95 18.39
N THR A 52 -0.43 10.67 18.13
CA THR A 52 0.38 10.08 17.08
C THR A 52 -0.26 8.80 16.69
N THR A 53 -0.03 8.36 15.48
CA THR A 53 -0.55 7.09 15.02
C THR A 53 0.17 5.95 15.71
N LEU A 54 -0.59 5.03 16.26
CA LEU A 54 -0.01 3.86 16.91
C LEU A 54 -0.04 2.70 15.97
N PHE A 55 0.78 1.70 16.22
CA PHE A 55 0.71 0.55 15.35
C PHE A 55 0.25 -0.64 16.18
N CYS A 56 -0.31 -1.64 15.49
CA CYS A 56 -0.88 -2.84 16.10
C CYS A 56 0.06 -4.03 15.97
N ALA A 57 0.07 -4.83 17.02
CA ALA A 57 0.80 -6.08 17.10
C ALA A 57 -0.10 -7.11 17.75
N SER A 58 0.09 -8.38 17.43
CA SER A 58 -0.70 -9.43 18.05
C SER A 58 0.01 -10.74 17.94
N ASP A 59 -0.46 -11.77 18.64
CA ASP A 59 0.18 -13.07 18.51
C ASP A 59 -0.80 -14.15 18.11
N ALA A 60 -0.77 -14.56 16.86
CA ALA A 60 -1.64 -15.66 16.50
C ALA A 60 -1.00 -16.88 17.12
N LYS A 61 -1.77 -17.81 17.67
CA LYS A 61 -1.15 -18.98 18.23
C LYS A 61 -1.22 -20.17 17.28
N ALA A 62 -1.87 -19.99 16.15
CA ALA A 62 -2.05 -21.10 15.22
C ALA A 62 -2.13 -20.60 13.80
N TYR A 63 -1.81 -21.47 12.86
CA TYR A 63 -1.84 -21.10 11.45
C TYR A 63 -3.19 -20.63 10.92
N GLU A 64 -4.29 -21.33 11.21
CA GLU A 64 -5.51 -20.84 10.60
C GLU A 64 -5.75 -19.43 11.02
N THR A 65 -5.47 -19.13 12.28
CA THR A 65 -5.67 -17.80 12.78
C THR A 65 -4.80 -16.85 11.96
N LYS A 66 -3.53 -17.22 11.75
CA LYS A 66 -2.63 -16.36 10.99
C LYS A 66 -3.16 -16.05 9.58
N LYS A 67 -3.82 -17.00 8.96
CA LYS A 67 -4.31 -16.81 7.60
C LYS A 67 -5.71 -16.20 7.45
N HIS A 68 -6.67 -16.63 8.27
CA HIS A 68 -8.05 -16.20 8.14
C HIS A 68 -8.63 -15.33 9.23
N ASN A 69 -7.94 -15.15 10.34
CA ASN A 69 -8.50 -14.33 11.40
C ASN A 69 -8.22 -12.91 11.02
N VAL A 70 -9.26 -12.13 10.93
CA VAL A 70 -9.10 -10.78 10.47
C VAL A 70 -8.15 -9.99 11.32
N TRP A 71 -8.18 -10.24 12.63
CA TRP A 71 -7.35 -9.42 13.56
C TRP A 71 -5.90 -9.90 13.51
N ALA A 72 -5.73 -11.15 13.14
CA ALA A 72 -4.40 -11.72 13.01
C ALA A 72 -3.70 -11.33 11.72
N THR A 73 -4.44 -11.23 10.62
CA THR A 73 -3.82 -10.88 9.36
C THR A 73 -3.45 -9.43 9.35
N HIS A 74 -4.21 -8.59 10.07
CA HIS A 74 -3.93 -7.13 9.96
C HIS A 74 -3.19 -6.53 11.18
N CYS A 75 -2.89 -7.34 12.20
CA CYS A 75 -1.93 -7.07 13.26
C CYS A 75 -0.84 -8.14 13.15
N CYS A 76 -0.16 -8.05 12.03
CA CYS A 76 0.90 -8.94 11.61
C CYS A 76 2.08 -8.89 12.57
N VAL A 77 2.43 -7.71 12.99
CA VAL A 77 3.61 -7.57 13.79
C VAL A 77 3.46 -8.36 15.09
N PRO A 78 4.43 -9.22 15.44
CA PRO A 78 4.45 -10.04 16.65
C PRO A 78 4.70 -9.15 17.83
N THR A 79 4.33 -9.60 19.00
CA THR A 79 4.54 -8.81 20.19
C THR A 79 5.95 -9.00 20.71
N ASP A 80 6.31 -8.13 21.65
CA ASP A 80 7.57 -8.16 22.35
C ASP A 80 7.57 -9.36 23.30
N PRO A 81 8.46 -10.37 23.15
CA PRO A 81 8.53 -11.55 23.99
C PRO A 81 8.71 -11.24 25.47
N ASN A 82 9.23 -10.07 25.77
CA ASN A 82 9.46 -9.69 27.16
C ASN A 82 9.47 -8.17 27.27
N PRO A 83 8.32 -7.50 27.39
CA PRO A 83 8.16 -6.07 27.54
C PRO A 83 8.51 -5.70 28.95
N GLN A 84 8.87 -4.45 29.19
CA GLN A 84 9.10 -4.02 30.55
C GLN A 84 8.27 -2.83 30.90
N GLU A 85 8.01 -2.70 32.19
CA GLU A 85 7.33 -1.56 32.76
C GLU A 85 8.30 -0.78 33.61
N ILE A 86 8.42 0.51 33.34
CA ILE A 86 9.36 1.33 34.08
C ILE A 86 8.70 2.17 35.13
N HIS A 87 9.11 1.95 36.38
CA HIS A 87 8.44 2.60 37.54
C HIS A 87 9.00 4.02 37.73
N LEU A 88 8.34 5.01 37.13
CA LEU A 88 8.67 6.39 37.37
C LEU A 88 8.31 6.70 38.81
N GLU A 89 9.13 7.46 39.49
CA GLU A 89 8.88 7.80 40.87
C GLU A 89 8.71 9.31 41.02
N ASN A 90 7.76 9.73 41.90
CA ASN A 90 7.38 11.12 42.22
C ASN A 90 6.92 11.91 40.96
N VAL A 91 6.12 11.24 40.11
CA VAL A 91 5.52 11.78 38.89
C VAL A 91 4.03 11.73 39.05
N THR A 92 3.39 12.88 38.97
CA THR A 92 1.94 12.90 39.12
C THR A 92 1.35 13.40 37.83
N GLU A 93 0.47 12.62 37.23
CA GLU A 93 -0.11 13.01 35.95
C GLU A 93 -1.58 12.75 35.76
N GLU A 94 -2.15 13.59 34.91
CA GLU A 94 -3.56 13.57 34.51
C GLU A 94 -3.86 12.62 33.35
N PHE A 95 -4.84 11.74 33.57
CA PHE A 95 -5.25 10.80 32.52
C PHE A 95 -6.72 10.95 32.15
N ASN A 96 -7.01 11.78 31.15
CA ASN A 96 -8.40 12.02 30.76
C ASN A 96 -8.86 11.01 29.76
N MET A 97 -9.67 10.07 30.19
CA MET A 97 -10.07 9.00 29.31
C MET A 97 -11.12 9.45 28.31
N TRP A 98 -11.89 10.45 28.66
CA TRP A 98 -12.97 10.83 27.78
C TRP A 98 -12.49 11.50 26.50
N LYS A 99 -11.33 12.12 26.57
CA LYS A 99 -10.73 12.80 25.43
C LYS A 99 -9.54 12.06 24.87
N ASN A 100 -9.38 10.80 25.22
CA ASN A 100 -8.20 10.07 24.83
C ASN A 100 -8.18 9.61 23.36
N ASN A 101 -7.22 10.16 22.63
CA ASN A 101 -7.03 9.92 21.19
C ASN A 101 -6.74 8.46 20.88
N MET A 102 -6.21 7.76 21.85
CA MET A 102 -5.86 6.39 21.69
C MET A 102 -7.12 5.55 21.45
N VAL A 103 -8.23 5.97 22.07
CA VAL A 103 -9.49 5.28 21.92
C VAL A 103 -10.02 5.56 20.54
N GLU A 104 -9.90 6.81 20.15
CA GLU A 104 -10.39 7.20 18.84
C GLU A 104 -9.69 6.43 17.75
N GLN A 105 -8.38 6.21 17.89
CA GLN A 105 -7.74 5.43 16.85
C GLN A 105 -8.22 4.01 16.84
N MET A 106 -8.43 3.40 18.00
CA MET A 106 -8.86 2.03 17.96
C MET A 106 -10.18 1.91 17.24
N HIS A 107 -11.05 2.90 17.46
CA HIS A 107 -12.34 2.87 16.81
C HIS A 107 -12.23 3.03 15.31
N THR A 108 -11.49 4.01 14.84
CA THR A 108 -11.49 4.16 13.39
C THR A 108 -10.79 2.99 12.74
N ASP A 109 -9.81 2.41 13.43
CA ASP A 109 -9.07 1.32 12.86
C ASP A 109 -9.96 0.09 12.73
N ILE A 110 -10.82 -0.19 13.72
CA ILE A 110 -11.66 -1.36 13.58
C ILE A 110 -12.67 -1.18 12.47
N ILE A 111 -13.11 0.05 12.22
CA ILE A 111 -14.09 0.22 11.17
C ILE A 111 -13.44 -0.11 9.86
N SER A 112 -12.25 0.43 9.65
CA SER A 112 -11.57 0.23 8.40
C SER A 112 -11.25 -1.22 8.20
N LEU A 113 -10.80 -1.90 9.25
CA LEU A 113 -10.45 -3.28 9.15
C LEU A 113 -11.63 -4.13 8.80
N TRP A 114 -12.76 -3.86 9.45
CA TRP A 114 -14.00 -4.61 9.15
C TRP A 114 -14.33 -4.48 7.66
N ASP A 115 -14.29 -3.26 7.13
CA ASP A 115 -14.64 -3.11 5.72
C ASP A 115 -13.65 -3.76 4.81
N GLN A 116 -12.38 -3.71 5.15
CA GLN A 116 -11.36 -4.29 4.31
C GLN A 116 -11.54 -5.78 4.15
N SER A 117 -11.99 -6.43 5.20
CA SER A 117 -12.13 -7.88 5.16
C SER A 117 -13.25 -8.32 4.22
N LEU A 118 -14.14 -7.39 3.85
CA LEU A 118 -15.24 -7.73 3.00
C LEU A 118 -15.04 -7.36 1.57
N LYS A 119 -13.90 -6.79 1.23
CA LYS A 119 -13.76 -6.39 -0.14
C LYS A 119 -13.76 -7.56 -1.12
N PRO A 120 -12.92 -8.59 -0.97
CA PRO A 120 -12.87 -9.69 -1.90
C PRO A 120 -13.93 -10.75 -1.62
N CYS A 121 -15.22 -10.36 -1.55
CA CYS A 121 -16.32 -11.26 -1.21
C CYS A 121 -17.49 -11.05 -2.17
N VAL A 122 -18.24 -12.11 -2.35
CA VAL A 122 -19.38 -12.14 -3.26
C VAL A 122 -20.49 -11.18 -2.87
N LYS A 123 -21.02 -10.47 -3.86
CA LYS A 123 -22.10 -9.54 -3.64
C LYS A 123 -23.38 -10.32 -3.71
N LEU A 124 -24.40 -9.91 -2.97
CA LEU A 124 -25.67 -10.60 -3.08
C LEU A 124 -26.69 -9.76 -3.78
N THR A 125 -26.24 -8.82 -4.59
CA THR A 125 -27.16 -8.00 -5.36
C THR A 125 -28.19 -8.86 -6.09
N PRO A 126 -27.84 -9.99 -6.76
CA PRO A 126 -28.74 -10.85 -7.48
C PRO A 126 -29.84 -11.43 -6.62
N LEU A 127 -29.72 -11.39 -5.31
CA LEU A 127 -30.75 -11.94 -4.42
C LEU A 127 -31.82 -10.92 -3.99
N CYS A 128 -31.73 -9.64 -4.40
CA CYS A 128 -32.69 -8.61 -4.04
C CYS A 128 -33.87 -8.69 -5.01
N VAL A 129 -34.63 -9.75 -4.78
CA VAL A 129 -35.76 -10.17 -5.60
C VAL A 129 -36.97 -10.42 -4.76
N THR A 130 -38.10 -10.59 -5.40
CA THR A 130 -39.32 -10.88 -4.73
C THR A 130 -39.27 -12.30 -4.22
N LEU A 131 -39.61 -12.49 -2.98
CA LEU A 131 -39.61 -13.81 -2.37
C LEU A 131 -41.03 -14.27 -2.18
N GLN A 132 -41.27 -15.56 -2.37
CA GLN A 132 -42.57 -16.16 -2.07
C GLN A 132 -42.38 -16.87 -0.76
N CYS A 133 -43.08 -16.46 0.34
CA CYS A 133 -42.79 -17.04 1.66
C CYS A 133 -44.02 -17.54 2.40
N THR A 134 -43.81 -18.67 3.06
CA THR A 134 -44.77 -19.31 3.95
C THR A 134 -44.12 -19.51 5.32
N ASN A 135 -44.91 -19.95 6.30
CA ASN A 135 -44.38 -20.19 7.67
C ASN A 135 -43.66 -21.54 7.72
N VAL A 136 -42.71 -21.68 8.65
CA VAL A 136 -42.14 -22.99 9.01
C VAL A 136 -42.96 -23.46 10.18
N THR A 137 -43.74 -24.52 9.97
CA THR A 137 -44.64 -25.01 10.99
C THR A 137 -44.29 -26.40 11.48
N ASN A 138 -43.20 -26.94 10.96
CA ASN A 138 -42.84 -28.30 11.27
C ASN A 138 -41.97 -28.41 12.53
N ASN A 139 -42.50 -29.10 13.59
CA ASN A 139 -41.86 -29.35 14.88
C ASN A 139 -41.36 -28.07 15.56
N ILE A 140 -42.17 -26.99 15.54
CA ILE A 140 -41.78 -25.69 16.09
C ILE A 140 -42.58 -25.32 17.32
N THR A 141 -41.87 -24.87 18.34
CA THR A 141 -42.52 -24.39 19.56
C THR A 141 -43.26 -23.11 19.29
N ASP A 142 -44.32 -22.84 20.03
CA ASP A 142 -45.09 -21.61 19.78
C ASP A 142 -44.27 -20.35 19.94
N ASP A 143 -43.27 -20.36 20.81
CA ASP A 143 -42.43 -19.20 21.04
C ASP A 143 -41.70 -18.74 19.78
N MET A 144 -41.49 -19.66 18.84
CA MET A 144 -40.79 -19.42 17.60
C MET A 144 -41.75 -19.33 16.43
N ARG A 145 -43.04 -19.35 16.71
CA ARG A 145 -43.95 -19.37 15.63
C ARG A 145 -43.96 -18.02 15.00
N GLY A 146 -43.75 -17.99 13.70
CA GLY A 146 -43.73 -16.74 12.97
C GLY A 146 -42.35 -16.09 12.94
N GLU A 147 -41.37 -16.67 13.64
CA GLU A 147 -40.04 -16.08 13.67
C GLU A 147 -39.15 -16.64 12.61
N LEU A 148 -39.65 -17.61 11.87
CA LEU A 148 -38.89 -18.26 10.84
C LEU A 148 -39.78 -18.55 9.65
N LYS A 149 -39.35 -18.09 8.48
CA LYS A 149 -40.10 -18.27 7.26
C LYS A 149 -39.35 -19.10 6.22
N ASN A 150 -40.12 -19.83 5.39
CA ASN A 150 -39.66 -20.66 4.28
C ASN A 150 -39.94 -19.92 2.95
N CYS A 151 -38.86 -19.42 2.30
CA CYS A 151 -38.94 -18.58 1.10
C CYS A 151 -38.33 -19.24 -0.12
N SER A 152 -38.89 -18.88 -1.27
CA SER A 152 -38.33 -19.34 -2.52
C SER A 152 -38.33 -18.23 -3.54
N PHE A 153 -37.40 -18.35 -4.47
CA PHE A 153 -37.26 -17.34 -5.50
C PHE A 153 -36.52 -17.80 -6.76
N ASN A 154 -36.72 -17.02 -7.83
CA ASN A 154 -35.96 -17.20 -9.10
C ASN A 154 -34.65 -16.41 -8.99
N MET A 155 -33.55 -17.11 -9.23
CA MET A 155 -32.17 -16.58 -9.19
C MET A 155 -31.36 -17.06 -10.37
N THR A 156 -30.28 -16.33 -10.68
CA THR A 156 -29.41 -16.63 -11.79
C THR A 156 -28.60 -17.88 -11.59
N THR A 157 -27.99 -18.34 -12.69
CA THR A 157 -27.18 -19.53 -12.74
C THR A 157 -25.83 -19.19 -13.34
N GLU A 158 -25.03 -20.19 -13.68
CA GLU A 158 -23.71 -19.96 -14.23
C GLU A 158 -23.80 -19.15 -15.50
N LEU A 159 -24.82 -19.43 -16.29
CA LEU A 159 -25.00 -18.74 -17.54
C LEU A 159 -25.93 -17.57 -17.31
N ARG A 160 -25.75 -16.54 -18.11
CA ARG A 160 -26.59 -15.35 -18.04
C ARG A 160 -28.06 -15.62 -18.35
N ASP A 161 -28.35 -16.52 -19.28
CA ASP A 161 -29.70 -16.80 -19.74
C ASP A 161 -30.55 -17.70 -18.84
N LYS A 162 -29.98 -18.81 -18.39
CA LYS A 162 -30.72 -19.80 -17.60
C LYS A 162 -30.94 -19.35 -16.15
N LYS A 163 -32.11 -19.71 -15.62
CA LYS A 163 -32.53 -19.38 -14.25
C LYS A 163 -32.83 -20.64 -13.45
N GLN A 164 -32.79 -20.53 -12.12
CA GLN A 164 -33.12 -21.63 -11.22
C GLN A 164 -34.02 -21.20 -10.08
N LYS A 165 -34.83 -22.12 -9.56
CA LYS A 165 -35.61 -21.81 -8.37
C LYS A 165 -34.93 -22.38 -7.16
N VAL A 166 -34.80 -21.59 -6.12
CA VAL A 166 -34.16 -22.08 -4.91
C VAL A 166 -35.01 -21.88 -3.68
N TYR A 167 -34.67 -22.62 -2.63
CA TYR A 167 -35.35 -22.52 -1.33
C TYR A 167 -34.38 -22.29 -0.18
N SER A 168 -34.78 -21.45 0.77
CA SER A 168 -34.01 -21.16 1.97
C SER A 168 -34.88 -20.66 3.10
N LEU A 169 -34.35 -20.61 4.31
CA LEU A 169 -35.13 -20.08 5.41
C LEU A 169 -34.63 -18.73 5.85
N PHE A 170 -35.50 -17.88 6.30
CA PHE A 170 -35.05 -16.61 6.82
C PHE A 170 -35.63 -16.28 8.15
N TYR A 171 -34.87 -15.54 8.92
CA TYR A 171 -35.40 -15.11 10.19
C TYR A 171 -36.30 -13.95 9.92
N ARG A 172 -37.35 -13.86 10.71
CA ARG A 172 -38.33 -12.80 10.56
C ARG A 172 -37.75 -11.42 10.51
N LEU A 173 -36.72 -11.15 11.27
CA LEU A 173 -36.17 -9.82 11.33
C LEU A 173 -35.63 -9.30 10.00
N ASP A 174 -35.18 -10.18 9.13
CA ASP A 174 -34.58 -9.74 7.89
C ASP A 174 -35.50 -9.71 6.69
N VAL A 175 -36.77 -10.04 6.90
CA VAL A 175 -37.67 -10.09 5.76
C VAL A 175 -38.88 -9.18 5.97
N VAL A 176 -39.15 -8.35 5.00
CA VAL A 176 -40.26 -7.42 5.07
C VAL A 176 -41.34 -7.69 4.06
N GLN A 177 -42.59 -7.69 4.51
CA GLN A 177 -43.70 -7.94 3.60
C GLN A 177 -43.96 -6.76 2.72
N ILE A 178 -44.12 -7.02 1.44
CA ILE A 178 -44.37 -5.95 0.50
C ILE A 178 -45.80 -6.03 -0.08
N ASN A 179 -46.54 -4.90 -0.03
CA ASN A 179 -47.92 -4.73 -0.51
C ASN A 179 -48.29 -3.27 -0.27
N LYS A 191 -48.41 -13.02 0.11
CA LYS A 191 -47.25 -13.82 0.51
C LYS A 191 -45.92 -13.35 -0.16
N GLU A 192 -45.86 -12.09 -0.66
CA GLU A 192 -44.67 -11.49 -1.28
C GLU A 192 -43.87 -10.71 -0.27
N TYR A 193 -42.59 -11.02 -0.24
CA TYR A 193 -41.62 -10.43 0.66
C TYR A 193 -40.35 -10.02 -0.03
N ARG A 194 -39.60 -9.13 0.60
CA ARG A 194 -38.28 -8.77 0.10
C ARG A 194 -37.32 -8.67 1.25
N LEU A 195 -36.04 -8.67 0.97
CA LEU A 195 -35.08 -8.49 2.03
C LEU A 195 -35.09 -7.04 2.48
N ILE A 196 -34.90 -6.84 3.78
CA ILE A 196 -34.96 -5.48 4.33
C ILE A 196 -33.93 -4.50 3.84
N ASN A 197 -32.78 -4.95 3.40
CA ASN A 197 -31.78 -4.00 2.92
C ASN A 197 -32.05 -3.37 1.55
N CYS A 198 -33.00 -3.92 0.74
CA CYS A 198 -33.23 -3.53 -0.65
C CYS A 198 -33.63 -2.07 -0.85
N ASN A 199 -34.26 -1.45 0.13
CA ASN A 199 -34.61 -0.05 -0.10
C ASN A 199 -33.55 0.95 0.41
N THR A 200 -32.42 0.46 0.99
CA THR A 200 -31.36 1.27 1.60
C THR A 200 -29.99 1.05 1.01
N SER A 201 -29.53 -0.20 0.92
CA SER A 201 -28.17 -0.44 0.47
C SER A 201 -27.95 -1.82 -0.12
N ALA A 202 -26.86 -1.96 -0.88
CA ALA A 202 -26.45 -3.25 -1.41
C ALA A 202 -25.84 -4.08 -0.31
N ILE A 203 -26.06 -5.37 -0.35
CA ILE A 203 -25.54 -6.24 0.68
C ILE A 203 -24.48 -7.20 0.18
N THR A 204 -23.41 -7.34 0.95
CA THR A 204 -22.29 -8.23 0.64
C THR A 204 -22.24 -9.41 1.59
N GLN A 205 -22.03 -10.62 1.07
CA GLN A 205 -21.91 -11.77 1.95
C GLN A 205 -20.52 -11.89 2.43
N ALA A 206 -20.34 -12.11 3.70
CA ALA A 206 -19.01 -12.29 4.21
C ALA A 206 -18.45 -13.57 3.66
N CYS A 207 -17.13 -13.63 3.41
CA CYS A 207 -16.41 -14.81 2.94
C CYS A 207 -16.53 -15.91 4.03
N PRO A 208 -16.92 -17.13 3.65
CA PRO A 208 -17.29 -18.25 4.52
C PRO A 208 -16.24 -18.77 5.46
N LYS A 209 -14.97 -18.58 5.18
CA LYS A 209 -13.96 -19.09 6.10
C LYS A 209 -13.30 -17.98 6.86
N VAL A 210 -13.79 -16.77 6.71
CA VAL A 210 -13.15 -15.68 7.40
C VAL A 210 -13.64 -15.60 8.81
N SER A 211 -12.70 -15.51 9.72
CA SER A 211 -13.03 -15.46 11.12
C SER A 211 -12.85 -14.11 11.75
N PHE A 212 -13.94 -13.63 12.36
CA PHE A 212 -13.98 -12.32 13.05
C PHE A 212 -14.11 -12.58 14.55
N GLU A 213 -13.01 -12.95 15.19
CA GLU A 213 -13.08 -13.36 16.57
C GLU A 213 -11.98 -12.66 17.32
N PRO A 214 -12.28 -11.93 18.40
CA PRO A 214 -11.32 -11.21 19.19
C PRO A 214 -10.18 -12.08 19.71
N ILE A 215 -8.98 -11.57 19.53
CA ILE A 215 -7.76 -12.18 20.01
C ILE A 215 -7.14 -11.00 20.71
N PRO A 216 -6.19 -11.15 21.63
CA PRO A 216 -5.56 -10.03 22.26
C PRO A 216 -4.87 -9.18 21.23
N ILE A 217 -5.07 -7.89 21.34
CA ILE A 217 -4.48 -6.88 20.48
C ILE A 217 -3.59 -5.97 21.28
N HIS A 218 -2.40 -5.68 20.80
CA HIS A 218 -1.56 -4.78 21.53
C HIS A 218 -1.28 -3.53 20.75
N TYR A 219 -1.42 -2.37 21.38
CA TYR A 219 -1.04 -1.15 20.69
C TYR A 219 0.36 -0.80 21.15
N CYS A 220 1.24 -0.40 20.21
CA CYS A 220 2.63 -0.07 20.45
C CYS A 220 2.99 1.31 19.92
N ALA A 221 3.80 2.01 20.70
CA ALA A 221 4.25 3.35 20.32
C ALA A 221 5.33 3.29 19.24
N PRO A 222 5.37 4.26 18.33
CA PRO A 222 6.44 4.49 17.38
C PRO A 222 7.61 5.09 18.13
N ALA A 223 8.83 4.97 17.59
CA ALA A 223 9.97 5.58 18.28
C ALA A 223 9.73 7.07 18.43
N GLY A 224 10.12 7.60 19.60
CA GLY A 224 9.97 9.01 19.90
C GLY A 224 8.76 9.26 20.78
N PHE A 225 7.94 8.23 20.94
CA PHE A 225 6.74 8.25 21.74
C PHE A 225 6.72 7.17 22.80
N ALA A 226 5.90 7.37 23.82
CA ALA A 226 5.79 6.39 24.88
C ALA A 226 4.38 6.30 25.42
N ILE A 227 4.03 5.14 25.99
CA ILE A 227 2.71 5.01 26.56
C ILE A 227 2.80 4.96 28.07
N LEU A 228 2.08 5.85 28.71
CA LEU A 228 2.10 5.92 30.15
C LEU A 228 0.87 5.21 30.68
N LYS A 229 1.01 4.60 31.83
CA LYS A 229 -0.12 3.93 32.46
C LYS A 229 -0.36 4.44 33.85
N CYS A 230 -1.65 4.49 34.27
CA CYS A 230 -2.01 4.78 35.66
C CYS A 230 -2.32 3.45 36.35
N LYS A 231 -1.49 3.11 37.31
CA LYS A 231 -1.53 1.88 38.08
C LYS A 231 -2.28 2.06 39.38
N ASP A 232 -2.84 3.22 39.59
CA ASP A 232 -3.56 3.47 40.82
C ASP A 232 -4.77 2.55 40.83
N LYS A 233 -4.79 1.72 41.84
CA LYS A 233 -5.75 0.66 42.01
C LYS A 233 -7.18 1.17 41.90
N LYS A 234 -7.45 2.36 42.38
CA LYS A 234 -8.83 2.82 42.35
C LYS A 234 -9.01 4.03 41.46
N PHE A 235 -8.10 4.15 40.50
CA PHE A 235 -8.02 5.37 39.66
C PHE A 235 -9.38 5.57 38.99
N ASN A 236 -10.08 6.69 39.33
CA ASN A 236 -11.39 7.15 38.78
C ASN A 236 -11.16 7.93 37.45
N GLY A 237 -12.00 7.71 36.43
CA GLY A 237 -11.69 8.05 35.03
C GLY A 237 -10.83 9.28 34.74
N THR A 238 -11.10 10.44 35.32
CA THR A 238 -10.31 11.62 34.90
C THR A 238 -9.72 12.36 36.10
N GLY A 239 -8.43 12.67 36.06
CA GLY A 239 -7.79 13.37 37.18
C GLY A 239 -6.49 12.70 37.57
N PRO A 240 -5.57 13.36 38.36
CA PRO A 240 -4.18 13.05 38.44
C PRO A 240 -4.03 11.77 39.24
N CYS A 241 -2.91 11.05 39.07
CA CYS A 241 -2.55 9.94 39.93
C CYS A 241 -1.04 9.91 40.08
N THR A 242 -0.60 9.25 41.13
CA THR A 242 0.83 9.12 41.46
C THR A 242 1.52 7.82 41.04
N ASN A 243 0.75 6.76 40.79
CA ASN A 243 1.24 5.45 40.42
C ASN A 243 1.32 5.38 38.89
N VAL A 244 2.39 5.97 38.31
CA VAL A 244 2.54 6.13 36.85
C VAL A 244 3.75 5.36 36.37
N SER A 245 3.54 4.56 35.34
CA SER A 245 4.62 3.78 34.78
C SER A 245 4.66 3.88 33.28
N THR A 246 5.78 3.49 32.69
CA THR A 246 5.88 3.57 31.23
C THR A 246 6.13 2.26 30.55
N VAL A 247 5.40 2.04 29.46
CA VAL A 247 5.57 0.84 28.65
C VAL A 247 5.72 1.13 27.17
N GLN A 248 6.30 0.18 26.46
CA GLN A 248 6.38 0.24 25.00
C GLN A 248 5.05 -0.06 24.28
N CYS A 249 4.28 -1.03 24.83
CA CYS A 249 3.03 -1.56 24.30
C CYS A 249 2.07 -1.73 25.46
N THR A 250 0.79 -1.72 25.13
CA THR A 250 -0.26 -1.96 26.09
C THR A 250 -0.36 -3.43 26.33
N HIS A 251 -1.12 -3.83 27.35
CA HIS A 251 -1.35 -5.24 27.54
C HIS A 251 -2.33 -5.60 26.46
N GLY A 252 -2.64 -6.88 26.29
CA GLY A 252 -3.55 -7.15 25.22
C GLY A 252 -4.97 -6.74 25.57
N ILE A 253 -5.66 -6.20 24.59
CA ILE A 253 -7.06 -5.83 24.69
C ILE A 253 -7.83 -6.67 23.72
N LYS A 254 -8.93 -7.27 24.15
CA LYS A 254 -9.69 -7.97 23.14
C LYS A 254 -10.76 -7.04 22.62
N PRO A 255 -10.87 -6.82 21.32
CA PRO A 255 -11.81 -5.95 20.68
C PRO A 255 -13.17 -6.62 20.61
N VAL A 256 -13.76 -6.81 21.77
CA VAL A 256 -15.04 -7.48 21.83
C VAL A 256 -16.12 -6.47 21.58
N VAL A 257 -17.00 -6.78 20.66
CA VAL A 257 -18.08 -5.89 20.33
C VAL A 257 -19.34 -6.35 21.02
N SER A 258 -19.95 -5.45 21.78
CA SER A 258 -21.20 -5.72 22.47
C SER A 258 -21.87 -4.41 22.70
N THR A 259 -23.17 -4.44 22.99
CA THR A 259 -23.86 -3.16 23.25
C THR A 259 -24.37 -2.78 24.65
N GLN A 260 -24.54 -3.70 25.58
CA GLN A 260 -25.09 -3.28 26.88
C GLN A 260 -24.22 -3.76 28.00
N LEU A 261 -23.82 -4.99 27.89
CA LEU A 261 -22.95 -5.58 28.87
C LEU A 261 -21.65 -5.80 28.15
N LEU A 262 -20.61 -5.40 28.82
CA LEU A 262 -19.25 -5.51 28.35
C LEU A 262 -18.82 -6.89 28.69
N LEU A 263 -18.26 -7.57 27.71
CA LEU A 263 -17.83 -8.92 27.93
C LEU A 263 -16.33 -9.06 27.79
N ASN A 264 -15.76 -10.01 28.56
CA ASN A 264 -14.37 -10.49 28.54
C ASN A 264 -13.31 -9.38 28.71
N GLY A 265 -13.56 -8.37 29.59
CA GLY A 265 -12.64 -7.26 29.89
C GLY A 265 -11.94 -7.45 31.24
N SER A 266 -11.44 -6.36 31.78
CA SER A 266 -10.74 -6.38 33.07
C SER A 266 -11.74 -6.45 34.22
N LEU A 267 -11.27 -6.82 35.42
CA LEU A 267 -12.14 -6.87 36.59
C LEU A 267 -11.90 -5.85 37.68
N ALA A 268 -11.88 -4.59 37.28
CA ALA A 268 -11.92 -3.43 38.16
C ALA A 268 -10.90 -3.37 39.29
N GLU A 269 -9.73 -3.94 39.14
CA GLU A 269 -8.74 -3.86 40.21
C GLU A 269 -9.30 -4.25 41.60
N GLU A 270 -10.15 -5.28 41.66
CA GLU A 270 -10.73 -5.82 42.90
C GLU A 270 -11.70 -4.95 43.72
N GLU A 271 -12.35 -3.95 43.11
CA GLU A 271 -13.40 -3.19 43.79
C GLU A 271 -14.43 -2.77 42.75
N VAL A 272 -15.70 -2.65 43.09
CA VAL A 272 -16.61 -2.20 42.04
C VAL A 272 -16.40 -0.71 41.79
N ILE A 273 -16.15 -0.37 40.54
CA ILE A 273 -15.83 1.00 40.19
C ILE A 273 -16.78 1.63 39.19
N ILE A 274 -17.26 2.80 39.53
CA ILE A 274 -18.15 3.51 38.65
C ILE A 274 -17.46 4.71 38.04
N ARG A 275 -17.38 4.77 36.73
CA ARG A 275 -16.69 5.87 36.07
C ARG A 275 -17.62 6.57 35.07
N SER A 276 -17.53 7.87 34.97
CA SER A 276 -18.32 8.57 33.98
C SER A 276 -17.65 9.87 33.68
N GLU A 277 -18.02 10.50 32.58
CA GLU A 277 -17.46 11.80 32.27
C GLU A 277 -17.94 12.92 33.22
N ASN A 278 -19.25 12.91 33.55
CA ASN A 278 -19.94 13.87 34.41
C ASN A 278 -21.17 13.19 35.00
N ILE A 279 -21.15 12.79 36.28
CA ILE A 279 -22.23 12.02 36.96
C ILE A 279 -23.54 12.77 36.92
N THR A 280 -23.44 14.06 37.12
CA THR A 280 -24.52 15.01 37.13
C THR A 280 -25.29 15.11 35.81
N ASN A 281 -24.61 15.03 34.68
CA ASN A 281 -25.25 15.23 33.40
C ASN A 281 -25.92 13.96 32.87
N ASN A 282 -27.24 13.97 32.72
CA ASN A 282 -27.99 12.77 32.32
C ASN A 282 -27.63 12.31 30.90
N ALA A 283 -26.98 13.16 30.15
CA ALA A 283 -26.58 12.85 28.78
C ALA A 283 -25.34 11.97 28.71
N LYS A 284 -24.67 11.76 29.83
CA LYS A 284 -23.46 10.96 29.82
C LYS A 284 -23.72 9.53 30.22
N ASN A 285 -22.95 8.62 29.65
CA ASN A 285 -23.06 7.21 30.01
C ASN A 285 -22.18 6.88 31.17
N ILE A 286 -22.56 5.86 31.91
CA ILE A 286 -21.79 5.40 33.02
C ILE A 286 -21.19 4.03 32.73
N LEU A 287 -19.89 3.93 32.90
CA LEU A 287 -19.21 2.67 32.68
C LEU A 287 -18.93 2.03 34.01
N VAL A 288 -19.47 0.85 34.23
CA VAL A 288 -19.27 0.22 35.52
C VAL A 288 -18.45 -1.03 35.39
N GLN A 289 -17.36 -1.11 36.14
CA GLN A 289 -16.56 -2.32 36.10
C GLN A 289 -16.79 -3.12 37.37
N LEU A 290 -16.88 -4.42 37.20
CA LEU A 290 -17.15 -5.34 38.29
C LEU A 290 -15.87 -5.96 38.80
N ASN A 291 -15.82 -6.37 40.09
CA ASN A 291 -14.63 -6.98 40.70
C ASN A 291 -14.60 -8.53 40.67
N GLU A 292 -15.55 -9.17 39.98
CA GLU A 292 -15.64 -10.60 39.75
C GLU A 292 -16.46 -10.70 38.49
N SER A 293 -16.31 -11.78 37.75
CA SER A 293 -17.12 -11.93 36.56
C SER A 293 -18.42 -12.61 36.84
N VAL A 294 -19.39 -12.39 35.96
CA VAL A 294 -20.64 -13.11 36.03
C VAL A 294 -20.79 -13.92 34.76
N GLN A 295 -20.99 -15.21 34.85
CA GLN A 295 -21.08 -15.95 33.61
C GLN A 295 -22.44 -15.89 32.99
N ILE A 296 -22.44 -15.81 31.67
CA ILE A 296 -23.64 -15.88 30.87
C ILE A 296 -23.49 -17.00 29.82
N ASN A 297 -24.38 -18.02 29.86
CA ASN A 297 -24.37 -19.20 28.99
C ASN A 297 -25.42 -19.05 27.88
N CYS A 298 -24.99 -18.79 26.63
CA CYS A 298 -25.88 -18.55 25.49
C CYS A 298 -25.87 -19.72 24.53
N THR A 299 -27.06 -20.13 24.12
CA THR A 299 -27.20 -21.23 23.19
C THR A 299 -28.19 -20.95 22.06
N ARG A 300 -27.86 -21.49 20.90
CA ARG A 300 -28.73 -21.49 19.75
C ARG A 300 -28.92 -22.95 19.41
N PRO A 301 -29.90 -23.62 20.02
CA PRO A 301 -30.10 -25.06 20.05
C PRO A 301 -30.49 -25.75 18.75
N ASN A 302 -30.97 -25.00 17.78
CA ASN A 302 -31.42 -25.62 16.54
C ASN A 302 -30.22 -26.09 15.73
N ASN A 303 -30.29 -27.32 15.19
CA ASN A 303 -29.25 -27.94 14.37
C ASN A 303 -29.42 -27.50 12.90
N ASN A 304 -28.59 -26.54 12.46
CA ASN A 304 -28.66 -25.95 11.12
C ASN A 304 -27.78 -26.65 10.12
N THR A 305 -28.15 -26.53 8.86
CA THR A 305 -27.36 -27.08 7.77
C THR A 305 -27.14 -25.97 6.79
N ARG A 306 -26.19 -26.12 5.90
CA ARG A 306 -25.96 -25.10 4.90
C ARG A 306 -26.15 -25.60 3.48
N LYS A 307 -26.65 -24.72 2.63
CA LYS A 307 -26.77 -25.01 1.20
C LYS A 307 -25.90 -24.10 0.38
N SER A 308 -25.08 -24.68 -0.47
CA SER A 308 -24.22 -23.86 -1.29
C SER A 308 -24.86 -23.72 -2.66
N ILE A 309 -25.18 -22.50 -3.04
CA ILE A 309 -25.85 -22.23 -4.29
C ILE A 309 -25.00 -21.45 -5.26
N ARG A 310 -24.84 -21.96 -6.46
CA ARG A 310 -24.06 -21.23 -7.44
C ARG A 310 -24.92 -20.11 -8.00
N ILE A 311 -24.39 -18.88 -8.02
CA ILE A 311 -25.17 -17.78 -8.56
C ILE A 311 -24.50 -17.14 -9.78
N GLY A 312 -23.24 -17.53 -10.03
CA GLY A 312 -22.49 -17.05 -11.18
C GLY A 312 -21.19 -17.84 -11.29
N PRO A 313 -20.35 -17.60 -12.31
CA PRO A 313 -19.11 -18.31 -12.60
C PRO A 313 -18.16 -18.50 -11.44
N GLY A 314 -18.06 -17.53 -10.57
CA GLY A 314 -17.13 -17.67 -9.46
C GLY A 314 -17.83 -17.20 -8.21
N GLN A 315 -19.14 -17.24 -8.26
CA GLN A 315 -19.91 -16.73 -7.16
C GLN A 315 -20.84 -17.73 -6.54
N TRP A 316 -20.74 -17.83 -5.24
CA TRP A 316 -21.58 -18.70 -4.46
C TRP A 316 -22.30 -17.97 -3.40
N PHE A 317 -23.51 -18.37 -3.15
CA PHE A 317 -24.27 -17.89 -2.06
C PHE A 317 -24.43 -18.97 -1.03
N TYR A 318 -24.23 -18.63 0.22
CA TYR A 318 -24.45 -19.65 1.23
C TYR A 318 -25.74 -19.39 1.93
N ALA A 319 -26.67 -20.30 1.67
CA ALA A 319 -28.03 -20.27 2.16
C ALA A 319 -28.12 -20.99 3.47
N THR A 320 -29.17 -20.67 4.20
CA THR A 320 -29.49 -21.18 5.52
C THR A 320 -29.92 -22.62 5.67
N GLY A 321 -30.18 -23.31 4.58
CA GLY A 321 -30.54 -24.72 4.66
C GLY A 321 -31.88 -25.01 5.28
N ASP A 322 -31.94 -26.13 6.01
CA ASP A 322 -33.16 -26.65 6.64
C ASP A 322 -32.80 -27.16 8.04
N ILE A 323 -33.62 -26.86 9.03
CA ILE A 323 -33.34 -27.30 10.39
C ILE A 323 -33.65 -28.75 10.61
N ILE A 324 -32.70 -29.43 11.23
CA ILE A 324 -32.81 -30.81 11.56
C ILE A 324 -33.21 -30.91 13.00
N GLY A 325 -34.28 -31.61 13.26
CA GLY A 325 -34.77 -31.73 14.61
C GLY A 325 -35.74 -30.62 14.91
N ASP A 326 -36.12 -30.52 16.17
CA ASP A 326 -37.13 -29.57 16.61
C ASP A 326 -36.60 -28.15 16.60
N ILE A 327 -37.51 -27.19 16.50
CA ILE A 327 -37.15 -25.78 16.54
C ILE A 327 -37.46 -25.13 17.89
N ARG A 328 -36.43 -24.56 18.48
CA ARG A 328 -36.44 -23.92 19.78
C ARG A 328 -35.88 -22.51 19.73
N GLN A 329 -36.24 -21.73 20.73
CA GLN A 329 -35.79 -20.36 20.83
C GLN A 329 -34.38 -20.23 21.40
N ALA A 330 -33.59 -19.34 20.81
CA ALA A 330 -32.26 -19.04 21.31
C ALA A 330 -32.42 -18.34 22.65
N HIS A 331 -31.51 -18.60 23.57
CA HIS A 331 -31.61 -17.98 24.88
C HIS A 331 -30.27 -17.96 25.62
N CYS A 332 -30.17 -17.10 26.67
CA CYS A 332 -29.00 -16.99 27.55
C CYS A 332 -29.39 -17.15 29.03
N ASN A 333 -28.58 -17.89 29.77
CA ASN A 333 -28.79 -18.12 31.20
C ASN A 333 -27.74 -17.38 32.04
N VAL A 334 -28.23 -16.59 33.03
CA VAL A 334 -27.43 -15.82 34.02
C VAL A 334 -27.76 -16.29 35.42
N SER A 335 -26.76 -16.62 36.23
CA SER A 335 -27.11 -17.07 37.58
C SER A 335 -27.87 -16.00 38.30
N LYS A 336 -29.03 -16.34 38.86
CA LYS A 336 -29.82 -15.31 39.51
C LYS A 336 -29.19 -14.79 40.76
N ALA A 337 -28.67 -15.66 41.60
CA ALA A 337 -28.11 -15.16 42.83
C ALA A 337 -26.90 -14.31 42.56
N THR A 338 -26.09 -14.72 41.59
CA THR A 338 -24.88 -13.97 41.32
C THR A 338 -25.26 -12.61 40.81
N TRP A 339 -26.20 -12.55 39.88
CA TRP A 339 -26.61 -11.28 39.34
C TRP A 339 -27.14 -10.34 40.40
N ASN A 340 -28.00 -10.86 41.28
CA ASN A 340 -28.58 -10.05 42.38
C ASN A 340 -27.44 -9.41 43.17
N GLU A 341 -26.54 -10.24 43.70
CA GLU A 341 -25.45 -9.79 44.56
C GLU A 341 -24.59 -8.76 43.87
N THR A 342 -24.33 -8.98 42.60
CA THR A 342 -23.50 -8.09 41.82
C THR A 342 -24.17 -6.76 41.69
N LEU A 343 -25.45 -6.79 41.41
CA LEU A 343 -26.16 -5.56 41.22
C LEU A 343 -26.20 -4.82 42.54
N GLY A 344 -26.39 -5.53 43.66
CA GLY A 344 -26.43 -4.85 44.93
C GLY A 344 -25.12 -4.13 45.22
N LYS A 345 -23.98 -4.72 44.84
CA LYS A 345 -22.70 -4.06 45.03
C LYS A 345 -22.63 -2.78 44.24
N VAL A 346 -23.16 -2.82 43.02
CA VAL A 346 -23.14 -1.64 42.21
C VAL A 346 -23.97 -0.57 42.85
N VAL A 347 -25.12 -0.93 43.38
CA VAL A 347 -25.98 0.04 44.00
C VAL A 347 -25.30 0.68 45.21
N LYS A 348 -24.63 -0.12 46.03
CA LYS A 348 -23.96 0.44 47.19
C LYS A 348 -22.94 1.50 46.77
N GLN A 349 -22.18 1.20 45.72
CA GLN A 349 -21.19 2.16 45.27
C GLN A 349 -21.85 3.32 44.56
N LEU A 350 -22.94 3.06 43.88
CA LEU A 350 -23.60 4.06 43.09
C LEU A 350 -24.10 5.17 43.97
N ARG A 351 -24.67 4.78 45.11
CA ARG A 351 -25.23 5.72 46.07
C ARG A 351 -24.19 6.63 46.68
N LYS A 352 -22.91 6.34 46.50
CA LYS A 352 -21.87 7.18 47.02
C LYS A 352 -22.03 8.61 46.52
N HIS A 353 -22.55 8.78 45.31
CA HIS A 353 -22.69 10.08 44.70
C HIS A 353 -24.13 10.57 44.71
N PHE A 354 -24.96 9.97 45.54
CA PHE A 354 -26.37 10.30 45.63
C PHE A 354 -26.75 10.28 47.10
N GLY A 355 -28.00 10.56 47.43
CA GLY A 355 -28.33 10.58 48.85
C GLY A 355 -28.16 9.20 49.47
N ASN A 356 -27.77 9.18 50.75
CA ASN A 356 -27.48 7.93 51.44
C ASN A 356 -28.66 7.00 51.53
N ASN A 357 -29.87 7.54 51.58
CA ASN A 357 -31.03 6.70 51.67
C ASN A 357 -32.01 6.95 50.53
N THR A 358 -31.51 7.27 49.34
CA THR A 358 -32.45 7.43 48.24
C THR A 358 -32.67 6.08 47.61
N ILE A 359 -33.70 6.00 46.79
CA ILE A 359 -34.09 4.79 46.12
C ILE A 359 -33.47 4.65 44.75
N ILE A 360 -32.85 3.50 44.52
CA ILE A 360 -32.26 3.24 43.23
C ILE A 360 -33.11 2.26 42.49
N ARG A 361 -33.71 2.74 41.43
CA ARG A 361 -34.61 1.91 40.66
C ARG A 361 -33.99 1.52 39.37
N PHE A 362 -34.08 0.26 39.04
CA PHE A 362 -33.62 -0.18 37.76
C PHE A 362 -34.82 -0.48 36.93
N ALA A 363 -34.66 -0.26 35.65
CA ALA A 363 -35.72 -0.52 34.71
C ALA A 363 -35.10 -1.01 33.43
N ASN A 364 -35.93 -1.56 32.52
CA ASN A 364 -35.50 -2.10 31.25
C ASN A 364 -35.23 -0.97 30.25
N SER A 365 -34.85 -1.34 29.01
CA SER A 365 -34.44 -0.42 27.96
C SER A 365 -35.51 0.57 27.52
N SER A 366 -35.05 1.76 27.21
CA SER A 366 -35.88 2.83 26.71
C SER A 366 -36.11 2.54 25.26
N GLY A 367 -37.00 3.27 24.60
CA GLY A 367 -37.21 2.97 23.21
C GLY A 367 -35.96 3.27 22.40
N GLY A 368 -35.74 2.48 21.37
CA GLY A 368 -34.59 2.63 20.49
C GLY A 368 -34.60 1.48 19.50
N ASP A 369 -33.57 1.36 18.70
CA ASP A 369 -33.55 0.32 17.70
C ASP A 369 -33.13 -1.01 18.30
N LEU A 370 -33.10 -2.06 17.50
CA LEU A 370 -32.76 -3.37 18.06
C LEU A 370 -31.37 -3.39 18.65
N GLU A 371 -30.46 -2.73 17.97
CA GLU A 371 -29.06 -2.66 18.32
C GLU A 371 -28.81 -1.88 19.61
N VAL A 372 -29.81 -1.14 20.03
CA VAL A 372 -29.71 -0.30 21.20
C VAL A 372 -30.42 -0.90 22.39
N THR A 373 -31.63 -1.40 22.17
CA THR A 373 -32.44 -1.86 23.27
C THR A 373 -32.15 -3.27 23.69
N THR A 374 -31.57 -4.08 22.82
CA THR A 374 -31.23 -5.43 23.22
C THR A 374 -29.74 -5.54 23.36
N HIS A 375 -29.30 -6.64 23.91
CA HIS A 375 -27.89 -6.88 24.08
C HIS A 375 -27.36 -7.56 22.86
N SER A 376 -26.55 -6.85 22.10
CA SER A 376 -26.02 -7.45 20.91
C SER A 376 -24.84 -8.24 21.32
N PHE A 377 -24.95 -9.53 21.05
CA PHE A 377 -24.00 -10.56 21.40
C PHE A 377 -23.53 -11.33 20.18
N ASN A 378 -22.30 -11.15 19.80
CA ASN A 378 -21.77 -11.82 18.61
C ASN A 378 -20.91 -13.00 18.98
N CYS A 379 -21.39 -14.27 18.79
CA CYS A 379 -20.65 -15.46 19.21
C CYS A 379 -20.99 -16.66 18.36
N GLY A 380 -19.96 -17.44 18.05
CA GLY A 380 -20.13 -18.69 17.32
C GLY A 380 -20.27 -18.43 15.85
N GLY A 381 -20.12 -17.18 15.48
CA GLY A 381 -20.29 -16.73 14.13
C GLY A 381 -21.68 -16.16 13.87
N GLU A 382 -22.56 -16.10 14.87
CA GLU A 382 -23.87 -15.52 14.61
C GLU A 382 -24.24 -14.41 15.57
N PHE A 383 -25.10 -13.54 15.08
CA PHE A 383 -25.51 -12.38 15.83
C PHE A 383 -26.82 -12.52 16.57
N PHE A 384 -26.72 -12.45 17.88
CA PHE A 384 -27.82 -12.59 18.81
C PHE A 384 -28.23 -11.23 19.31
N TYR A 385 -29.54 -11.04 19.44
CA TYR A 385 -30.12 -9.82 20.07
C TYR A 385 -31.00 -10.24 21.24
N CYS A 386 -30.42 -10.21 22.43
CA CYS A 386 -31.05 -10.76 23.64
C CYS A 386 -31.78 -9.70 24.47
N ASN A 387 -32.93 -10.12 25.00
CA ASN A 387 -33.79 -9.28 25.83
C ASN A 387 -33.32 -9.33 27.28
N THR A 388 -32.79 -8.18 27.77
CA THR A 388 -32.19 -7.98 29.08
C THR A 388 -33.13 -7.39 30.10
N SER A 389 -34.42 -7.33 29.79
CA SER A 389 -35.33 -6.74 30.77
C SER A 389 -35.34 -7.54 32.06
N GLY A 390 -35.05 -8.83 32.00
CA GLY A 390 -35.05 -9.69 33.16
C GLY A 390 -33.90 -9.39 34.11
N LEU A 391 -32.93 -8.60 33.65
CA LEU A 391 -31.81 -8.25 34.49
C LEU A 391 -31.99 -6.92 35.21
N PHE A 392 -32.96 -6.12 34.78
CA PHE A 392 -33.13 -4.79 35.34
C PHE A 392 -34.60 -4.52 35.68
N ASN A 393 -35.11 -5.24 36.70
CA ASN A 393 -36.51 -5.23 37.14
C ASN A 393 -36.58 -5.27 38.67
N SER A 394 -35.95 -4.29 39.34
CA SER A 394 -35.88 -4.24 40.81
C SER A 394 -35.68 -2.84 41.34
N THR A 395 -36.08 -2.65 42.59
CA THR A 395 -35.88 -1.41 43.28
C THR A 395 -35.08 -1.66 44.53
N TRP A 396 -34.02 -0.91 44.70
CA TRP A 396 -33.16 -1.11 45.83
C TRP A 396 -33.23 0.02 46.87
N ILE A 397 -33.19 -0.36 48.17
CA ILE A 397 -33.15 0.51 49.35
C ILE A 397 -33.29 -0.34 50.60
N SER A 413 -31.23 -18.83 38.37
CA SER A 413 -31.04 -18.92 36.94
C SER A 413 -32.13 -18.08 36.20
N ILE A 414 -31.69 -16.98 35.55
CA ILE A 414 -32.50 -16.04 34.79
C ILE A 414 -32.39 -16.38 33.32
N THR A 415 -33.51 -16.60 32.64
CA THR A 415 -33.39 -16.91 31.22
C THR A 415 -33.82 -15.72 30.39
N LEU A 416 -32.95 -15.31 29.50
CA LEU A 416 -33.15 -14.21 28.60
C LEU A 416 -33.44 -14.77 27.22
N PRO A 417 -34.59 -14.54 26.60
CA PRO A 417 -34.90 -15.03 25.27
C PRO A 417 -34.04 -14.20 24.34
N CYS A 418 -33.63 -14.75 23.18
CA CYS A 418 -32.81 -14.07 22.16
C CYS A 418 -33.32 -14.25 20.74
N ARG A 419 -33.11 -13.22 19.92
CA ARG A 419 -33.43 -13.28 18.50
C ARG A 419 -32.17 -13.41 17.67
N ILE A 420 -32.32 -13.97 16.48
CA ILE A 420 -31.20 -14.11 15.55
C ILE A 420 -31.42 -13.28 14.31
N LYS A 421 -30.41 -12.54 13.88
CA LYS A 421 -30.54 -11.73 12.67
C LYS A 421 -29.33 -12.08 11.80
N GLN A 422 -29.47 -12.06 10.46
CA GLN A 422 -28.31 -12.32 9.60
C GLN A 422 -27.84 -11.09 8.87
N ILE A 423 -28.73 -10.15 8.63
CA ILE A 423 -28.33 -8.93 7.98
C ILE A 423 -27.95 -7.91 9.03
N ILE A 424 -26.69 -7.44 8.96
CA ILE A 424 -26.06 -6.66 10.07
C ILE A 424 -25.59 -5.29 9.57
N ASN A 425 -25.62 -4.28 10.46
CA ASN A 425 -25.03 -2.95 10.27
C ASN A 425 -24.11 -2.72 11.46
N MET A 426 -22.90 -3.23 11.38
CA MET A 426 -22.02 -3.27 12.55
C MET A 426 -21.72 -1.98 13.21
N TRP A 427 -21.53 -0.95 12.43
CA TRP A 427 -21.11 0.28 13.04
C TRP A 427 -22.17 1.35 13.03
N GLN A 428 -23.43 0.93 12.89
CA GLN A 428 -24.60 1.81 12.84
C GLN A 428 -24.62 2.70 11.59
N ARG A 429 -23.87 2.31 10.58
CA ARG A 429 -23.87 2.99 9.31
C ARG A 429 -24.96 2.35 8.50
N ILE A 430 -25.59 3.11 7.60
CA ILE A 430 -26.60 2.51 6.76
C ILE A 430 -26.26 2.56 5.29
N GLY A 431 -25.01 2.84 4.96
CA GLY A 431 -24.65 2.91 3.55
C GLY A 431 -24.23 1.55 3.02
N GLN A 432 -24.21 0.56 3.89
CA GLN A 432 -23.80 -0.78 3.56
C GLN A 432 -24.72 -1.75 4.26
N ALA A 433 -24.49 -3.02 4.02
CA ALA A 433 -25.18 -4.09 4.71
C ALA A 433 -24.32 -5.32 4.60
N MET A 434 -24.38 -6.16 5.62
CA MET A 434 -23.58 -7.39 5.53
C MET A 434 -24.48 -8.59 5.73
N TYR A 435 -24.17 -9.68 5.02
CA TYR A 435 -24.90 -10.90 5.27
C TYR A 435 -24.02 -11.94 5.91
N ALA A 436 -24.46 -12.39 7.07
CA ALA A 436 -23.75 -13.39 7.83
C ALA A 436 -24.09 -14.77 7.32
N PRO A 437 -23.12 -15.58 6.86
CA PRO A 437 -23.36 -16.93 6.41
C PRO A 437 -23.86 -17.65 7.61
N PRO A 438 -24.66 -18.68 7.45
CA PRO A 438 -25.17 -19.51 8.50
C PRO A 438 -24.07 -20.39 9.05
N ILE A 439 -24.18 -20.73 10.32
CA ILE A 439 -23.28 -21.69 10.92
C ILE A 439 -23.98 -23.00 11.14
N GLN A 440 -23.37 -24.07 10.67
CA GLN A 440 -23.98 -25.39 10.77
C GLN A 440 -23.84 -25.92 12.17
N GLY A 441 -24.75 -26.79 12.56
CA GLY A 441 -24.67 -27.40 13.87
C GLY A 441 -25.35 -26.49 14.89
N VAL A 442 -24.90 -26.62 16.13
CA VAL A 442 -25.46 -25.94 17.30
C VAL A 442 -24.42 -25.09 17.98
N ILE A 443 -24.79 -23.88 18.35
CA ILE A 443 -23.87 -22.96 18.99
C ILE A 443 -24.07 -22.87 20.48
N ARG A 444 -23.00 -23.06 21.22
CA ARG A 444 -23.03 -22.91 22.66
C ARG A 444 -21.86 -22.00 22.99
N CYS A 445 -22.09 -20.93 23.78
CA CYS A 445 -21.10 -19.91 24.10
C CYS A 445 -21.17 -19.42 25.54
N VAL A 446 -20.07 -19.51 26.28
CA VAL A 446 -20.07 -18.98 27.63
C VAL A 446 -19.15 -17.79 27.78
N SER A 447 -19.72 -16.66 28.14
CA SER A 447 -18.93 -15.43 28.26
C SER A 447 -18.89 -14.90 29.69
N ASN A 448 -17.87 -14.05 29.99
CA ASN A 448 -17.69 -13.37 31.28
C ASN A 448 -18.20 -11.92 31.21
N ILE A 449 -19.24 -11.57 32.00
CA ILE A 449 -19.74 -10.19 32.06
C ILE A 449 -18.79 -9.48 32.99
N THR A 450 -18.16 -8.44 32.48
CA THR A 450 -17.17 -7.71 33.25
C THR A 450 -17.61 -6.29 33.54
N GLY A 451 -18.62 -5.81 32.83
CA GLY A 451 -19.07 -4.45 33.11
C GLY A 451 -20.37 -4.08 32.41
N LEU A 452 -20.90 -2.92 32.79
CA LEU A 452 -22.17 -2.46 32.26
C LEU A 452 -22.17 -1.05 31.70
N ILE A 453 -23.02 -0.79 30.71
CA ILE A 453 -23.22 0.58 30.27
C ILE A 453 -24.60 1.04 30.70
N LEU A 454 -24.62 1.98 31.62
CA LEU A 454 -25.87 2.45 32.20
C LEU A 454 -26.18 3.92 31.96
N THR A 455 -27.46 4.25 31.92
CA THR A 455 -27.91 5.65 31.80
C THR A 455 -28.77 6.06 32.98
N ARG A 456 -28.44 7.20 33.59
CA ARG A 456 -29.21 7.73 34.69
C ARG A 456 -30.16 8.79 34.18
N ASP A 457 -31.46 8.56 34.30
CA ASP A 457 -32.40 9.57 33.86
C ASP A 457 -33.80 9.27 34.39
N THR A 461 -35.88 16.37 39.69
CA THR A 461 -35.92 16.85 41.09
C THR A 461 -36.53 15.77 41.99
N ASN A 462 -36.57 14.52 41.52
CA ASN A 462 -37.12 13.41 42.34
C ASN A 462 -36.16 13.14 43.50
N SER A 463 -36.07 14.11 44.43
CA SER A 463 -35.12 14.07 45.52
C SER A 463 -34.94 12.67 46.08
N THR A 464 -36.03 11.89 46.22
CA THR A 464 -35.88 10.56 46.80
C THR A 464 -35.69 9.32 45.94
N THR A 465 -36.03 9.38 44.66
CA THR A 465 -35.93 8.22 43.79
C THR A 465 -35.26 8.55 42.47
N GLU A 466 -34.33 7.69 42.05
CA GLU A 466 -33.66 7.87 40.77
C GLU A 466 -33.73 6.59 39.94
N THR A 467 -33.79 6.73 38.61
CA THR A 467 -33.92 5.55 37.74
C THR A 467 -32.79 5.38 36.75
N PHE A 468 -32.28 4.15 36.72
CA PHE A 468 -31.22 3.74 35.85
C PHE A 468 -31.69 2.68 34.87
N ARG A 469 -31.29 2.82 33.63
CA ARG A 469 -31.64 1.84 32.61
C ARG A 469 -30.39 1.41 31.88
N PRO A 470 -30.32 0.19 31.38
CA PRO A 470 -29.24 -0.28 30.57
C PRO A 470 -29.42 0.35 29.25
N GLY A 471 -28.37 0.46 28.49
CA GLY A 471 -28.60 0.92 27.14
C GLY A 471 -27.36 0.86 26.30
N GLY A 472 -27.52 1.20 25.04
CA GLY A 472 -26.42 1.14 24.11
C GLY A 472 -25.73 2.46 24.00
N GLY A 473 -24.90 2.58 22.99
CA GLY A 473 -24.11 3.77 22.78
C GLY A 473 -23.10 3.48 21.71
N ASP A 474 -22.19 4.41 21.54
CA ASP A 474 -21.14 4.28 20.55
C ASP A 474 -20.16 3.21 21.01
N MET A 475 -19.60 2.44 20.09
CA MET A 475 -18.64 1.38 20.40
C MET A 475 -17.38 1.94 21.03
N ARG A 476 -17.17 3.23 20.85
CA ARG A 476 -16.05 3.90 21.43
C ARG A 476 -16.07 3.66 22.93
N ASP A 477 -17.25 3.58 23.54
CA ASP A 477 -17.36 3.38 24.96
C ASP A 477 -16.76 2.06 25.41
N ASN A 478 -16.81 1.01 24.58
CA ASN A 478 -16.29 -0.25 25.04
C ASN A 478 -14.79 -0.13 25.17
N TRP A 479 -14.22 0.58 24.23
CA TRP A 479 -12.80 0.75 24.20
C TRP A 479 -12.34 1.74 25.23
N ARG A 480 -13.18 2.71 25.57
CA ARG A 480 -12.79 3.65 26.60
C ARG A 480 -12.61 2.90 27.88
N SER A 481 -13.50 1.94 28.12
CA SER A 481 -13.42 1.21 29.36
C SER A 481 -12.12 0.45 29.45
N GLU A 482 -11.76 -0.29 28.43
CA GLU A 482 -10.53 -1.06 28.54
C GLU A 482 -9.25 -0.22 28.54
N LEU A 483 -9.27 0.89 27.83
CA LEU A 483 -8.11 1.76 27.71
C LEU A 483 -8.12 2.93 28.68
N TYR A 484 -8.97 2.90 29.69
CA TYR A 484 -9.08 4.02 30.62
C TYR A 484 -7.78 4.38 31.31
N LYS A 485 -6.86 3.43 31.42
CA LYS A 485 -5.62 3.64 32.13
C LYS A 485 -4.42 4.03 31.26
N TYR A 486 -4.58 4.20 29.95
CA TYR A 486 -3.39 4.51 29.14
C TYR A 486 -3.38 5.91 28.55
N LYS A 487 -2.18 6.48 28.44
CA LYS A 487 -2.00 7.79 27.81
C LYS A 487 -0.81 7.83 26.85
N VAL A 488 -0.95 8.56 25.75
CA VAL A 488 0.16 8.68 24.80
C VAL A 488 0.87 10.01 24.88
N VAL A 489 2.20 9.96 25.02
CA VAL A 489 2.97 11.19 25.08
C VAL A 489 4.11 11.19 24.08
N LYS A 490 4.58 12.38 23.77
CA LYS A 490 5.71 12.64 22.88
C LYS A 490 6.92 13.03 23.68
N ILE A 491 8.05 12.47 23.33
CA ILE A 491 9.26 12.77 24.04
C ILE A 491 9.93 13.95 23.38
N GLU A 492 10.37 14.90 24.20
CA GLU A 492 11.04 16.11 23.71
C GLU A 492 12.40 16.27 24.37
N PRO A 493 13.46 15.64 23.86
CA PRO A 493 14.78 15.58 24.43
C PRO A 493 15.49 16.88 24.77
N LEU A 494 15.26 18.00 24.07
CA LEU A 494 16.05 19.17 24.42
C LEU A 494 15.56 19.97 25.59
N GLY A 495 16.52 20.57 26.30
CA GLY A 495 16.20 21.51 27.37
C GLY A 495 17.43 22.27 27.83
N VAL A 496 17.22 23.22 28.73
CA VAL A 496 18.30 24.05 29.23
C VAL A 496 18.34 24.19 30.75
N ALA A 497 19.49 24.59 31.26
CA ALA A 497 19.69 24.89 32.67
C ALA A 497 20.84 25.89 32.84
N PRO A 498 20.88 26.68 33.92
CA PRO A 498 21.99 27.55 34.32
C PRO A 498 23.12 26.77 35.01
N THR A 499 24.31 26.64 34.41
CA THR A 499 25.37 25.91 35.14
C THR A 499 26.73 26.63 35.13
N ARG A 500 27.66 26.05 35.89
CA ARG A 500 28.99 26.65 36.08
C ARG A 500 30.04 26.39 34.99
N CYS A 501 29.81 26.91 33.76
CA CYS A 501 30.75 26.82 32.63
C CYS A 501 30.49 27.90 31.58
N LYS A 502 31.50 28.15 30.75
CA LYS A 502 31.48 29.11 29.65
C LYS A 502 32.25 28.42 28.51
N ARG A 503 32.09 28.83 27.21
CA ARG A 503 32.82 28.21 26.09
C ARG A 503 34.33 28.50 26.21
N GLY B 2 14.78 1.03 30.82
CA GLY B 2 14.66 2.29 31.52
C GLY B 2 14.73 3.48 30.57
N PHE B 3 13.86 3.49 29.54
CA PHE B 3 13.77 4.52 28.48
C PHE B 3 13.64 5.95 29.00
N LEU B 4 12.78 6.17 29.96
CA LEU B 4 12.63 7.51 30.50
C LEU B 4 13.49 7.71 31.73
N GLY B 5 14.25 6.70 32.14
CA GLY B 5 14.99 6.88 33.37
C GLY B 5 13.95 7.15 34.43
N ALA B 6 14.14 8.24 35.15
CA ALA B 6 13.21 8.64 36.17
C ALA B 6 13.10 10.15 36.14
N ALA B 7 11.93 10.64 35.79
CA ALA B 7 11.75 12.08 35.66
C ALA B 7 12.01 12.76 36.97
N GLY B 8 11.68 12.09 38.07
CA GLY B 8 11.82 12.64 39.40
C GLY B 8 13.25 12.65 39.95
N SER B 9 14.21 12.13 39.20
CA SER B 9 15.59 12.09 39.69
C SER B 9 16.24 13.46 39.54
N THR B 10 17.39 13.62 40.20
CA THR B 10 18.16 14.86 40.17
C THR B 10 18.52 15.24 38.74
N MET B 11 18.42 16.53 38.42
CA MET B 11 18.68 16.89 37.04
C MET B 11 20.02 16.45 36.52
N GLY B 12 21.05 16.50 37.36
CA GLY B 12 22.36 16.05 36.94
C GLY B 12 22.46 14.53 36.89
N ALA B 13 21.58 13.84 37.61
CA ALA B 13 21.59 12.39 37.65
C ALA B 13 21.25 11.87 36.28
N ALA B 14 20.41 12.65 35.60
CA ALA B 14 19.90 12.34 34.28
C ALA B 14 21.02 12.13 33.29
N SER B 15 22.20 12.68 33.56
CA SER B 15 23.34 12.56 32.66
C SER B 15 23.60 11.10 32.32
N MET B 16 23.42 10.23 33.31
CA MET B 16 23.73 8.82 33.18
C MET B 16 22.92 8.08 32.12
N THR B 17 21.74 8.59 31.78
CA THR B 17 20.88 7.91 30.83
C THR B 17 20.69 8.72 29.56
N LEU B 18 21.50 9.75 29.33
CA LEU B 18 21.18 10.55 28.16
C LEU B 18 21.61 9.87 26.88
N THR B 19 22.62 9.01 26.96
CA THR B 19 23.07 8.26 25.80
C THR B 19 21.96 7.34 25.37
N VAL B 20 21.31 6.77 26.37
CA VAL B 20 20.23 5.83 26.16
C VAL B 20 19.09 6.53 25.48
N GLN B 21 18.75 7.73 25.96
CA GLN B 21 17.66 8.44 25.35
C GLN B 21 17.96 8.76 23.90
N ALA B 22 19.21 9.12 23.60
CA ALA B 22 19.54 9.43 22.23
C ALA B 22 19.45 8.22 21.32
N ARG B 23 19.92 7.07 21.79
CA ARG B 23 19.90 5.90 20.93
C ARG B 23 18.50 5.40 20.64
N ASN B 24 17.61 5.59 21.59
CA ASN B 24 16.26 5.10 21.46
C ASN B 24 15.40 5.90 20.51
N LEU B 25 15.95 6.95 19.91
CA LEU B 25 15.21 7.71 18.95
C LEU B 25 15.17 6.98 17.61
N LEU B 26 16.14 6.10 17.34
CA LEU B 26 16.18 5.43 16.06
C LEU B 26 15.80 3.93 16.19
N SER B 27 14.94 3.44 15.26
CA SER B 27 14.44 2.05 15.17
C SER B 27 15.56 1.06 14.81
N ARG B 38 11.12 -8.07 8.86
CA ARG B 38 11.75 -9.33 8.34
C ARG B 38 10.66 -10.37 8.07
N ALA B 39 9.45 -10.16 8.60
CA ALA B 39 8.36 -11.09 8.26
C ALA B 39 7.81 -10.62 6.91
N PRO B 40 8.06 -11.34 5.81
CA PRO B 40 7.64 -10.89 4.48
C PRO B 40 6.14 -10.63 4.60
N GLU B 41 5.50 -11.25 5.57
CA GLU B 41 4.05 -11.28 5.52
C GLU B 41 3.44 -9.89 5.80
N CYS B 42 4.07 -9.10 6.71
CA CYS B 42 3.64 -7.77 7.15
C CYS B 42 3.79 -6.87 5.97
N GLN B 43 4.84 -7.14 5.20
CA GLN B 43 5.10 -6.39 3.99
C GLN B 43 4.01 -6.65 2.96
N GLN B 44 3.58 -7.91 2.81
CA GLN B 44 2.54 -8.22 1.83
C GLN B 44 1.23 -7.55 2.21
N HIS B 45 0.94 -7.54 3.51
CA HIS B 45 -0.31 -6.96 3.94
C HIS B 45 -0.27 -5.47 3.80
N LEU B 46 0.84 -4.81 4.16
CA LEU B 46 0.86 -3.37 4.04
C LEU B 46 0.78 -2.90 2.61
N LEU B 47 1.38 -3.63 1.68
CA LEU B 47 1.28 -3.17 0.31
C LEU B 47 -0.16 -3.21 -0.18
N LYS B 48 -0.91 -4.24 0.20
CA LYS B 48 -2.32 -4.28 -0.19
C LYS B 48 -3.13 -3.22 0.58
N LEU B 49 -2.81 -3.11 1.87
CA LEU B 49 -3.45 -2.16 2.83
C LEU B 49 -2.86 -0.75 2.59
N THR B 50 -3.15 -0.16 1.43
CA THR B 50 -2.56 1.11 1.00
C THR B 50 -2.69 2.21 2.01
N VAL B 51 -3.83 2.36 2.65
CA VAL B 51 -3.93 3.46 3.59
C VAL B 51 -3.03 3.27 4.80
N TRP B 52 -2.85 2.01 5.22
CA TRP B 52 -1.99 1.73 6.41
C TRP B 52 -0.54 1.86 5.99
N GLY B 53 -0.26 1.59 4.71
CA GLY B 53 1.08 1.70 4.16
C GLY B 53 1.48 3.16 4.21
N ILE B 54 0.58 4.05 3.80
CA ILE B 54 0.88 5.46 3.83
C ILE B 54 0.99 5.97 5.24
N LYS B 55 0.08 5.59 6.13
CA LYS B 55 0.23 6.12 7.48
C LYS B 55 1.57 5.71 8.10
N GLN B 56 2.02 4.48 7.88
CA GLN B 56 3.27 4.08 8.49
C GLN B 56 4.45 4.78 7.85
N LEU B 57 4.42 5.01 6.54
CA LEU B 57 5.53 5.74 5.98
C LEU B 57 5.54 7.14 6.49
N GLN B 58 4.38 7.76 6.67
CA GLN B 58 4.39 9.11 7.17
C GLN B 58 4.97 9.14 8.56
N ALA B 59 4.65 8.14 9.39
CA ALA B 59 5.20 8.12 10.73
C ALA B 59 6.71 7.98 10.72
N ARG B 60 7.23 7.16 9.82
CA ARG B 60 8.67 6.99 9.77
C ARG B 60 9.35 8.25 9.27
N VAL B 61 8.73 8.91 8.31
CA VAL B 61 9.30 10.13 7.78
C VAL B 61 9.29 11.18 8.87
N LEU B 62 8.21 11.28 9.63
CA LEU B 62 8.18 12.26 10.68
C LEU B 62 9.30 12.01 11.66
N ALA B 63 9.51 10.77 12.07
CA ALA B 63 10.55 10.54 13.04
C ALA B 63 11.89 11.01 12.51
N VAL B 64 12.15 10.79 11.23
CA VAL B 64 13.41 11.23 10.66
C VAL B 64 13.49 12.73 10.64
N GLU B 65 12.42 13.39 10.23
CA GLU B 65 12.47 14.83 10.18
C GLU B 65 12.66 15.42 11.55
N ARG B 66 12.03 14.86 12.58
CA ARG B 66 12.21 15.43 13.89
C ARG B 66 13.63 15.28 14.35
N TYR B 67 14.22 14.12 14.10
CA TYR B 67 15.58 13.88 14.49
C TYR B 67 16.50 14.89 13.85
N LEU B 68 16.37 15.05 12.55
CA LEU B 68 17.24 15.95 11.85
C LEU B 68 17.03 17.37 12.25
N ARG B 69 15.81 17.79 12.55
CA ARG B 69 15.66 19.17 12.94
C ARG B 69 16.42 19.43 14.22
N ASP B 70 16.40 18.49 15.17
CA ASP B 70 17.14 18.76 16.37
C ASP B 70 18.64 18.74 16.12
N GLN B 71 19.10 17.86 15.26
CA GLN B 71 20.52 17.87 15.03
C GLN B 71 20.95 19.11 14.30
N GLN B 72 20.14 19.61 13.38
CA GLN B 72 20.51 20.80 12.67
C GLN B 72 20.62 21.94 13.64
N LEU B 73 19.70 21.98 14.58
CA LEU B 73 19.68 23.06 15.52
C LEU B 73 20.92 23.04 16.40
N LEU B 74 21.35 21.86 16.84
CA LEU B 74 22.56 21.81 17.64
C LEU B 74 23.73 22.26 16.80
N GLY B 75 23.70 21.91 15.53
CA GLY B 75 24.76 22.32 14.62
C GLY B 75 24.84 23.84 14.54
N ILE B 76 23.70 24.48 14.34
CA ILE B 76 23.65 25.93 14.20
C ILE B 76 24.14 26.61 15.45
N TRP B 77 23.79 26.09 16.60
CA TRP B 77 24.21 26.65 17.87
C TRP B 77 25.66 26.37 18.22
N GLY B 78 26.32 25.51 17.47
CA GLY B 78 27.68 25.11 17.81
C GLY B 78 27.78 24.10 18.97
N CYS B 79 26.71 23.30 19.19
CA CYS B 79 26.56 22.31 20.26
C CYS B 79 26.45 20.90 19.69
N SER B 80 26.83 20.71 18.45
CA SER B 80 26.74 19.38 17.92
C SER B 80 27.90 18.53 18.38
N GLY B 81 27.72 17.21 18.33
CA GLY B 81 28.79 16.28 18.66
C GLY B 81 28.95 15.99 20.15
N LYS B 82 28.05 16.51 20.97
CA LYS B 82 28.14 16.32 22.42
C LYS B 82 26.78 16.25 23.07
N LEU B 83 26.69 15.55 24.20
CA LEU B 83 25.42 15.54 24.91
C LEU B 83 25.18 16.82 25.69
N ILE B 84 26.21 17.38 26.31
CA ILE B 84 25.98 18.61 27.05
C ILE B 84 26.92 19.72 26.56
N CYS B 85 26.33 20.86 26.15
CA CYS B 85 26.99 22.02 25.58
C CYS B 85 26.95 23.25 26.47
N CYS B 86 28.12 23.79 26.72
CA CYS B 86 28.21 25.01 27.47
C CYS B 86 28.17 26.11 26.44
N THR B 87 27.31 27.10 26.61
CA THR B 87 27.27 28.18 25.64
C THR B 87 27.61 29.50 26.30
N ASN B 88 27.57 30.57 25.53
CA ASN B 88 27.92 31.90 26.03
C ASN B 88 26.74 32.84 26.22
N VAL B 89 25.56 32.30 26.37
CA VAL B 89 24.39 33.12 26.60
C VAL B 89 24.17 33.27 28.12
N PRO B 90 24.12 34.51 28.64
CA PRO B 90 23.88 34.81 30.03
C PRO B 90 22.56 34.29 30.48
N TRP B 91 22.48 33.81 31.70
CA TRP B 91 21.21 33.34 32.20
C TRP B 91 20.44 34.55 32.75
N ASN B 92 19.12 34.65 32.46
CA ASN B 92 18.24 35.72 32.92
C ASN B 92 17.43 35.29 34.16
N SER B 93 17.32 36.21 35.15
CA SER B 93 16.51 36.09 36.37
C SER B 93 15.02 36.15 36.04
N THR B 94 14.70 36.61 34.83
CA THR B 94 13.31 36.66 34.40
C THR B 94 12.89 35.28 33.90
N TRP B 95 13.83 34.38 33.66
CA TRP B 95 13.47 33.07 33.19
C TRP B 95 13.37 32.23 34.43
N SER B 96 14.42 32.30 35.25
CA SER B 96 14.50 31.57 36.50
C SER B 96 15.45 32.25 37.44
N ASN B 97 15.04 32.43 38.70
CA ASN B 97 15.89 33.07 39.69
C ASN B 97 16.10 32.20 40.91
N ARG B 98 16.87 31.15 40.72
CA ARG B 98 17.18 30.16 41.72
C ARG B 98 18.65 29.74 41.59
N ASN B 99 19.31 29.39 42.70
CA ASN B 99 20.69 28.88 42.71
C ASN B 99 20.70 27.38 42.42
N LEU B 100 21.90 26.75 42.36
CA LEU B 100 22.02 25.32 42.03
C LEU B 100 21.35 24.38 43.03
N SER B 101 21.25 24.74 44.31
CA SER B 101 20.62 23.76 45.16
C SER B 101 19.16 23.68 44.78
N GLU B 102 18.57 24.85 44.55
CA GLU B 102 17.17 24.96 44.19
C GLU B 102 16.80 24.60 42.75
N ILE B 103 17.66 24.92 41.79
CA ILE B 103 17.31 24.72 40.39
C ILE B 103 18.03 23.58 39.71
N TRP B 104 19.02 22.96 40.33
CA TRP B 104 19.74 21.89 39.68
C TRP B 104 19.61 20.59 40.49
N ASP B 105 20.01 20.63 41.75
CA ASP B 105 20.03 19.42 42.57
C ASP B 105 18.70 19.04 43.21
N ASN B 106 17.71 19.92 43.12
CA ASN B 106 16.41 19.71 43.74
C ASN B 106 15.27 20.02 42.78
N MET B 107 15.35 19.53 41.55
CA MET B 107 14.31 19.83 40.58
C MET B 107 14.00 18.58 39.77
N THR B 108 12.75 18.43 39.39
CA THR B 108 12.29 17.40 38.48
C THR B 108 12.44 18.03 37.10
N TRP B 109 12.99 17.36 36.10
CA TRP B 109 13.13 18.06 34.80
C TRP B 109 11.82 18.60 34.19
N LEU B 110 10.71 17.92 34.47
CA LEU B 110 9.46 18.17 33.69
C LEU B 110 8.79 19.46 34.15
N GLN B 111 8.66 19.66 35.47
CA GLN B 111 7.98 20.86 36.00
C GLN B 111 8.78 22.09 35.55
N TRP B 112 10.11 22.00 35.67
CA TRP B 112 10.93 23.17 35.31
C TRP B 112 10.89 23.35 33.80
N ASP B 113 10.93 22.25 33.05
CA ASP B 113 10.90 22.41 31.58
C ASP B 113 9.69 23.27 31.20
N LYS B 114 8.55 23.05 31.86
CA LYS B 114 7.31 23.77 31.47
C LYS B 114 7.47 25.28 31.67
N GLU B 115 8.06 25.70 32.79
CA GLU B 115 8.15 27.16 33.09
C GLU B 115 9.02 27.86 32.05
N ILE B 116 10.15 27.26 31.66
CA ILE B 116 11.10 27.95 30.74
C ILE B 116 10.47 28.08 29.35
N SER B 117 9.51 27.22 29.01
CA SER B 117 8.94 27.19 27.65
C SER B 117 8.60 28.59 27.15
N ASN B 118 7.99 29.42 27.99
CA ASN B 118 7.70 30.85 27.64
C ASN B 118 8.91 31.48 26.96
N TYR B 119 10.11 31.31 27.55
CA TYR B 119 11.34 32.01 27.19
C TYR B 119 12.21 31.18 26.25
N THR B 120 11.73 30.01 25.85
CA THR B 120 12.54 29.11 25.04
C THR B 120 12.90 29.64 23.69
N GLN B 121 11.98 30.31 23.05
CA GLN B 121 12.30 30.76 21.72
C GLN B 121 13.30 31.90 21.79
N ILE B 122 13.28 32.63 22.91
CA ILE B 122 14.22 33.71 23.09
C ILE B 122 15.59 33.11 23.20
N ILE B 123 15.69 32.05 24.00
CA ILE B 123 16.96 31.42 24.19
C ILE B 123 17.47 30.86 22.90
N TYR B 124 16.62 30.21 22.12
CA TYR B 124 17.11 29.64 20.90
C TYR B 124 17.66 30.70 19.96
N GLY B 125 16.99 31.84 19.84
CA GLY B 125 17.52 32.88 18.96
C GLY B 125 18.88 33.38 19.44
N LEU B 126 19.03 33.51 20.76
CA LEU B 126 20.29 33.98 21.31
C LEU B 126 21.41 33.00 21.06
N LEU B 127 21.11 31.72 21.14
CA LEU B 127 22.13 30.72 20.93
C LEU B 127 22.65 30.77 19.50
N GLU B 128 21.75 30.97 18.54
CA GLU B 128 22.20 31.00 17.16
C GLU B 128 23.09 32.19 16.90
N GLU B 129 22.75 33.34 17.50
CA GLU B 129 23.55 34.52 17.25
C GLU B 129 24.93 34.39 17.85
N SER B 130 25.03 33.80 19.03
CA SER B 130 26.35 33.68 19.62
C SER B 130 27.25 32.89 18.70
N GLN B 131 26.73 31.78 18.14
CA GLN B 131 27.56 31.00 17.26
C GLN B 131 27.87 31.75 15.98
N ASN B 132 26.93 32.54 15.47
CA ASN B 132 27.22 33.26 14.24
C ASN B 132 28.42 34.17 14.43
N GLN B 133 28.49 34.80 15.59
CA GLN B 133 29.59 35.68 15.87
C GLN B 133 30.89 34.91 16.03
N GLN B 134 30.83 33.75 16.69
CA GLN B 134 32.05 33.00 16.87
C GLN B 134 32.62 32.51 15.56
N GLU B 135 31.79 32.06 14.63
CA GLU B 135 32.36 31.57 13.39
C GLU B 135 33.08 32.67 12.64
N LYS B 136 32.50 33.88 12.61
CA LYS B 136 33.18 34.94 11.92
C LYS B 136 34.50 35.23 12.59
N ASN B 137 34.51 35.27 13.92
CA ASN B 137 35.73 35.61 14.59
C ASN B 137 36.83 34.61 14.30
N GLU B 138 36.49 33.32 14.23
CA GLU B 138 37.52 32.34 13.95
C GLU B 138 38.06 32.49 12.53
N GLN B 139 37.20 32.77 11.55
CA GLN B 139 37.66 32.95 10.18
C GLN B 139 38.58 34.16 10.08
N ASP B 140 38.27 35.23 10.82
CA ASP B 140 39.10 36.41 10.78
C ASP B 140 40.45 36.19 11.48
N LEU B 141 40.48 35.41 12.56
CA LEU B 141 41.74 35.14 13.23
C LEU B 141 42.66 34.31 12.36
N LEU B 142 42.09 33.38 11.60
CA LEU B 142 42.91 32.53 10.75
C LEU B 142 43.24 33.24 9.44
N ALA B 143 44.12 34.24 9.52
CA ALA B 143 44.55 35.11 8.41
C ALA B 143 45.21 34.30 7.29
N ASN C 35 50.22 -3.02 22.67
CA ASN C 35 49.85 -1.60 22.54
C ASN C 35 48.95 -1.32 21.32
N LEU C 36 47.97 -2.18 21.09
CA LEU C 36 47.08 -1.95 19.98
C LEU C 36 45.76 -1.47 20.51
N TRP C 37 45.17 -0.58 19.74
CA TRP C 37 43.94 0.10 20.06
C TRP C 37 42.90 -0.11 19.00
N VAL C 38 41.63 -0.07 19.38
CA VAL C 38 40.55 -0.26 18.41
C VAL C 38 40.30 0.95 17.54
N THR C 39 40.40 0.79 16.23
CA THR C 39 40.10 1.94 15.40
C THR C 39 38.96 1.57 14.48
N VAL C 40 38.22 2.59 14.07
CA VAL C 40 37.05 2.35 13.26
C VAL C 40 37.17 2.99 11.90
N TYR C 41 36.89 2.20 10.88
CA TYR C 41 36.97 2.69 9.53
C TYR C 41 35.61 2.71 8.87
N TYR C 42 35.21 3.86 8.35
CA TYR C 42 33.91 3.96 7.68
C TYR C 42 34.10 4.05 6.19
N GLY C 43 33.46 3.14 5.48
CA GLY C 43 33.59 3.06 4.03
C GLY C 43 34.38 1.81 3.63
N VAL C 44 34.37 0.82 4.49
CA VAL C 44 35.06 -0.41 4.23
C VAL C 44 34.35 -1.24 3.17
N PRO C 45 35.02 -1.73 2.10
CA PRO C 45 34.43 -2.47 1.00
C PRO C 45 34.09 -3.91 1.32
N VAL C 46 33.15 -4.07 2.23
CA VAL C 46 32.65 -5.36 2.69
C VAL C 46 31.17 -5.47 2.52
N TRP C 47 30.74 -6.60 1.99
CA TRP C 47 29.35 -6.85 1.78
C TRP C 47 28.87 -8.15 2.38
N LYS C 48 27.58 -8.20 2.63
CA LYS C 48 26.91 -9.38 3.12
C LYS C 48 25.76 -9.71 2.21
N ASP C 49 25.39 -10.97 2.15
CA ASP C 49 24.28 -11.35 1.30
C ASP C 49 23.03 -10.64 1.74
N ALA C 50 22.19 -10.21 0.80
CA ALA C 50 20.99 -9.52 1.24
C ALA C 50 19.82 -9.68 0.29
N GLU C 51 18.62 -9.52 0.83
CA GLU C 51 17.42 -9.59 0.04
C GLU C 51 16.72 -8.25 0.04
N THR C 52 16.76 -7.56 -1.08
CA THR C 52 16.14 -6.26 -1.15
C THR C 52 15.36 -6.17 -2.42
N THR C 53 14.56 -5.14 -2.55
CA THR C 53 13.75 -4.91 -3.73
C THR C 53 14.60 -4.37 -4.87
N LEU C 54 14.47 -4.94 -6.05
CA LEU C 54 15.24 -4.33 -7.18
C LEU C 54 14.36 -3.31 -7.91
N PHE C 55 14.95 -2.23 -8.44
CA PHE C 55 14.14 -1.35 -9.32
C PHE C 55 14.72 -1.54 -10.71
N CYS C 56 13.71 -1.72 -11.53
CA CYS C 56 13.62 -2.15 -12.93
C CYS C 56 13.78 -0.98 -13.89
N ALA C 57 14.60 -1.17 -14.93
CA ALA C 57 14.82 -0.16 -15.96
C ALA C 57 15.08 -0.82 -17.32
N SER C 58 14.83 -0.10 -18.41
CA SER C 58 15.13 -0.62 -19.76
C SER C 58 15.30 0.53 -20.73
N ASP C 59 15.89 0.27 -21.93
CA ASP C 59 16.08 1.30 -22.97
C ASP C 59 14.78 1.52 -23.76
N LYS C 66 7.98 -0.33 -28.46
CA LYS C 66 6.79 0.44 -28.79
C LYS C 66 6.26 1.06 -27.49
N LYS C 67 5.24 1.95 -27.62
CA LYS C 67 4.62 2.68 -26.51
C LYS C 67 3.50 1.93 -25.80
N HIS C 68 3.07 0.83 -26.38
CA HIS C 68 1.98 0.06 -25.79
C HIS C 68 2.46 -1.25 -25.22
N ASN C 69 3.77 -1.39 -25.14
CA ASN C 69 4.40 -2.59 -24.62
C ASN C 69 4.35 -2.56 -23.11
N VAL C 70 3.73 -3.58 -22.52
CA VAL C 70 3.52 -3.56 -21.09
C VAL C 70 4.80 -3.47 -20.28
N TRP C 71 5.86 -4.12 -20.74
CA TRP C 71 7.10 -4.12 -20.02
C TRP C 71 7.84 -2.84 -20.20
N ALA C 72 7.76 -2.29 -21.40
CA ALA C 72 8.42 -1.03 -21.69
C ALA C 72 7.77 0.10 -20.90
N THR C 73 6.46 0.00 -20.72
CA THR C 73 5.68 0.98 -20.01
C THR C 73 6.03 0.95 -18.54
N HIS C 74 6.10 -0.24 -17.97
CA HIS C 74 6.47 -0.32 -16.57
C HIS C 74 7.92 0.05 -16.28
N CYS C 75 8.91 -0.56 -16.98
CA CYS C 75 10.33 -0.36 -16.75
C CYS C 75 10.73 0.75 -17.72
N CYS C 76 10.16 1.88 -17.44
CA CYS C 76 10.25 3.08 -18.26
C CYS C 76 11.42 3.96 -17.88
N VAL C 77 12.06 3.61 -16.80
CA VAL C 77 13.20 4.34 -16.34
C VAL C 77 14.31 3.93 -17.28
N PRO C 78 15.07 4.86 -17.86
CA PRO C 78 16.16 4.57 -18.77
C PRO C 78 17.32 3.95 -18.04
N THR C 79 18.11 3.21 -18.77
CA THR C 79 19.30 2.58 -18.26
C THR C 79 20.52 3.41 -18.51
N ASP C 80 21.59 3.01 -17.86
CA ASP C 80 22.90 3.61 -18.03
C ASP C 80 23.34 3.35 -19.48
N PRO C 81 23.62 4.36 -20.32
CA PRO C 81 24.06 4.24 -21.70
C PRO C 81 25.35 3.44 -21.83
N ASN C 82 26.12 3.35 -20.75
CA ASN C 82 27.37 2.63 -20.77
C ASN C 82 27.68 2.09 -19.37
N PRO C 83 27.07 0.97 -18.94
CA PRO C 83 27.20 0.38 -17.62
C PRO C 83 28.65 0.07 -17.39
N GLN C 84 29.12 0.22 -16.16
CA GLN C 84 30.52 -0.03 -15.91
C GLN C 84 30.80 -1.25 -15.08
N GLU C 85 31.31 -2.27 -15.73
CA GLU C 85 31.58 -3.50 -15.03
C GLU C 85 32.94 -3.41 -14.41
N ILE C 86 32.99 -3.61 -13.10
CA ILE C 86 34.25 -3.51 -12.39
C ILE C 86 34.75 -4.86 -12.00
N HIS C 87 35.87 -5.27 -12.57
CA HIS C 87 36.39 -6.57 -12.21
C HIS C 87 36.97 -6.49 -10.83
N LEU C 88 36.75 -7.51 -10.01
CA LEU C 88 37.33 -7.48 -8.70
C LEU C 88 38.57 -8.34 -8.63
N GLU C 89 39.70 -7.69 -8.54
CA GLU C 89 40.97 -8.40 -8.50
C GLU C 89 41.05 -9.19 -7.21
N ASN C 90 41.44 -10.49 -7.30
CA ASN C 90 41.66 -11.44 -6.21
C ASN C 90 40.46 -11.60 -5.24
N VAL C 91 39.22 -11.66 -5.78
CA VAL C 91 37.98 -11.87 -5.00
C VAL C 91 37.30 -13.15 -5.39
N THR C 92 37.10 -14.00 -4.43
CA THR C 92 36.44 -15.27 -4.64
C THR C 92 35.09 -15.15 -4.00
N GLU C 93 34.03 -15.58 -4.68
CA GLU C 93 32.72 -15.47 -4.06
C GLU C 93 31.81 -16.63 -4.43
N GLU C 94 30.90 -16.99 -3.52
CA GLU C 94 29.95 -18.08 -3.71
C GLU C 94 28.56 -17.67 -4.16
N PHE C 95 28.14 -18.32 -5.24
CA PHE C 95 26.85 -18.10 -5.84
C PHE C 95 25.99 -19.35 -5.75
N ASN C 96 24.68 -19.17 -5.65
CA ASN C 96 23.74 -20.29 -5.63
C ASN C 96 22.50 -19.93 -6.38
N MET C 97 22.40 -20.39 -7.61
CA MET C 97 21.30 -20.00 -8.46
C MET C 97 19.96 -20.52 -7.99
N TRP C 98 19.95 -21.56 -7.20
CA TRP C 98 18.69 -22.20 -6.86
C TRP C 98 17.97 -21.49 -5.75
N LYS C 99 18.62 -20.52 -5.14
CA LYS C 99 18.03 -19.76 -4.06
C LYS C 99 18.15 -18.29 -4.35
N ASN C 100 18.27 -17.96 -5.64
CA ASN C 100 18.49 -16.60 -6.03
C ASN C 100 17.23 -15.75 -5.91
N ASN C 101 17.29 -14.78 -5.01
CA ASN C 101 16.18 -13.90 -4.70
C ASN C 101 15.75 -13.07 -5.88
N MET C 102 16.66 -12.87 -6.83
CA MET C 102 16.35 -12.06 -7.99
C MET C 102 15.33 -12.78 -8.86
N VAL C 103 15.35 -14.12 -8.81
CA VAL C 103 14.46 -14.94 -9.60
C VAL C 103 13.11 -14.82 -9.00
N GLU C 104 13.07 -14.88 -7.69
CA GLU C 104 11.79 -14.80 -7.05
C GLU C 104 11.15 -13.46 -7.31
N GLN C 105 11.94 -12.39 -7.31
CA GLN C 105 11.28 -11.13 -7.59
C GLN C 105 10.83 -11.04 -9.02
N MET C 106 11.60 -11.56 -9.97
CA MET C 106 11.14 -11.44 -11.33
C MET C 106 9.80 -12.11 -11.48
N HIS C 107 9.64 -13.26 -10.85
CA HIS C 107 8.41 -14.01 -10.91
C HIS C 107 7.26 -13.21 -10.32
N THR C 108 7.46 -12.66 -9.14
CA THR C 108 6.39 -11.90 -8.53
C THR C 108 5.97 -10.69 -9.34
N ASP C 109 6.95 -9.95 -9.84
CA ASP C 109 6.64 -8.74 -10.57
C ASP C 109 6.03 -8.98 -11.92
N ILE C 110 6.45 -10.02 -12.64
CA ILE C 110 5.87 -10.22 -13.94
C ILE C 110 4.41 -10.61 -13.80
N ILE C 111 4.07 -11.35 -12.75
CA ILE C 111 2.69 -11.70 -12.58
C ILE C 111 1.89 -10.45 -12.32
N SER C 112 2.41 -9.58 -11.48
CA SER C 112 1.70 -8.36 -11.20
C SER C 112 1.47 -7.55 -12.46
N LEU C 113 2.47 -7.44 -13.33
CA LEU C 113 2.23 -6.61 -14.50
C LEU C 113 1.14 -7.16 -15.37
N TRP C 114 1.03 -8.46 -15.49
CA TRP C 114 -0.06 -8.96 -16.29
C TRP C 114 -1.40 -8.60 -15.67
N ASP C 115 -1.50 -8.64 -14.35
CA ASP C 115 -2.75 -8.29 -13.73
C ASP C 115 -3.06 -6.82 -13.89
N GLN C 116 -2.05 -5.96 -13.87
CA GLN C 116 -2.27 -4.54 -14.03
C GLN C 116 -2.67 -4.22 -15.45
N SER C 117 -2.13 -4.97 -16.39
CA SER C 117 -2.44 -4.77 -17.79
C SER C 117 -3.90 -5.06 -18.06
N LEU C 118 -4.40 -6.16 -17.49
CA LEU C 118 -5.78 -6.57 -17.67
C LEU C 118 -6.77 -5.84 -16.79
N LYS C 119 -6.31 -5.35 -15.64
CA LYS C 119 -7.17 -4.66 -14.71
C LYS C 119 -8.17 -3.67 -15.33
N PRO C 120 -7.78 -2.73 -16.23
CA PRO C 120 -8.68 -1.77 -16.86
C PRO C 120 -9.44 -2.21 -18.13
N CYS C 121 -9.36 -3.52 -18.54
CA CYS C 121 -9.92 -4.03 -19.78
C CYS C 121 -11.33 -4.57 -19.58
N VAL C 122 -12.06 -4.66 -20.67
CA VAL C 122 -13.44 -5.13 -20.72
C VAL C 122 -13.64 -6.57 -20.33
N LYS C 123 -14.65 -6.79 -19.49
CA LYS C 123 -15.02 -8.10 -19.01
C LYS C 123 -15.92 -8.73 -20.04
N LEU C 124 -15.87 -10.04 -20.15
CA LEU C 124 -16.71 -10.72 -21.11
C LEU C 124 -17.87 -11.45 -20.51
N THR C 125 -18.22 -11.13 -19.28
CA THR C 125 -19.31 -11.77 -18.60
C THR C 125 -20.58 -11.95 -19.46
N PRO C 126 -21.07 -10.95 -20.22
CA PRO C 126 -22.26 -11.02 -21.02
C PRO C 126 -22.25 -12.12 -22.08
N LEU C 127 -21.07 -12.64 -22.42
CA LEU C 127 -20.97 -13.69 -23.43
C LEU C 127 -21.10 -15.13 -22.88
N CYS C 128 -21.25 -15.31 -21.56
CA CYS C 128 -21.38 -16.61 -20.93
C CYS C 128 -22.83 -17.06 -21.01
N VAL C 129 -23.20 -17.45 -22.23
CA VAL C 129 -24.54 -17.86 -22.59
C VAL C 129 -24.54 -19.16 -23.34
N THR C 130 -25.70 -19.76 -23.48
CA THR C 130 -25.77 -20.97 -24.25
C THR C 130 -25.43 -20.63 -25.69
N LEU C 131 -24.52 -21.40 -26.28
CA LEU C 131 -24.12 -21.21 -27.66
C LEU C 131 -24.77 -22.26 -28.53
N GLN C 132 -25.14 -21.89 -29.76
CA GLN C 132 -25.69 -22.85 -30.73
C GLN C 132 -24.63 -23.08 -31.82
N CYS C 133 -23.94 -24.24 -31.78
CA CYS C 133 -22.75 -24.50 -32.60
C CYS C 133 -22.97 -25.52 -33.72
N THR C 134 -22.24 -25.32 -34.81
CA THR C 134 -22.17 -26.26 -35.91
C THR C 134 -20.73 -26.78 -36.09
N ASN C 135 -20.58 -27.83 -36.94
CA ASN C 135 -19.36 -28.60 -37.20
C ASN C 135 -18.27 -27.88 -38.01
N VAL C 136 -18.59 -26.91 -38.91
CA VAL C 136 -17.58 -26.18 -39.75
C VAL C 136 -16.70 -27.12 -40.58
N THR C 137 -17.28 -27.74 -41.59
CA THR C 137 -16.58 -28.74 -42.39
C THR C 137 -16.09 -28.24 -43.75
N ASN C 138 -16.31 -26.97 -44.03
CA ASN C 138 -15.97 -26.34 -45.30
C ASN C 138 -14.48 -26.03 -45.48
N ASN C 139 -13.85 -26.67 -46.48
CA ASN C 139 -12.43 -26.52 -46.82
C ASN C 139 -11.46 -26.82 -45.67
N ILE C 140 -11.71 -27.90 -44.96
CA ILE C 140 -10.87 -28.25 -43.82
C ILE C 140 -9.99 -29.44 -44.14
N THR C 141 -8.69 -29.35 -43.88
CA THR C 141 -7.89 -30.55 -44.11
C THR C 141 -8.43 -31.63 -43.19
N ASP C 142 -8.48 -32.86 -43.69
CA ASP C 142 -9.05 -33.94 -42.92
C ASP C 142 -8.45 -34.15 -41.55
N ASP C 143 -7.17 -33.90 -41.42
CA ASP C 143 -6.49 -34.16 -40.16
C ASP C 143 -6.82 -33.21 -39.03
N MET C 144 -7.57 -32.15 -39.29
CA MET C 144 -7.91 -31.23 -38.22
C MET C 144 -9.40 -31.04 -38.13
N ARG C 145 -10.16 -31.96 -38.69
CA ARG C 145 -11.57 -31.75 -38.59
C ARG C 145 -11.96 -31.77 -37.14
N GLY C 146 -12.79 -30.82 -36.76
CA GLY C 146 -13.27 -30.69 -35.39
C GLY C 146 -12.55 -29.60 -34.60
N GLU C 147 -11.42 -29.09 -35.07
CA GLU C 147 -10.75 -28.04 -34.31
C GLU C 147 -11.53 -26.75 -34.23
N LEU C 148 -12.28 -26.41 -35.27
CA LEU C 148 -13.04 -25.18 -35.23
C LEU C 148 -14.51 -25.44 -35.11
N LYS C 149 -15.16 -24.55 -34.39
CA LYS C 149 -16.62 -24.55 -34.30
C LYS C 149 -17.14 -23.15 -34.66
N ASN C 150 -18.36 -23.09 -35.21
CA ASN C 150 -19.08 -21.87 -35.60
C ASN C 150 -20.34 -21.79 -34.75
N CYS C 151 -20.37 -20.83 -33.81
CA CYS C 151 -21.42 -20.73 -32.81
C CYS C 151 -22.15 -19.41 -32.87
N SER C 152 -23.46 -19.47 -32.68
CA SER C 152 -24.24 -18.27 -32.61
C SER C 152 -24.81 -18.10 -31.22
N PHE C 153 -25.06 -16.85 -30.87
CA PHE C 153 -25.62 -16.55 -29.58
C PHE C 153 -26.38 -15.22 -29.54
N ASN C 154 -27.22 -15.04 -28.50
CA ASN C 154 -27.98 -13.82 -28.23
C ASN C 154 -27.20 -12.95 -27.22
N MET C 155 -26.60 -11.85 -27.71
CA MET C 155 -25.75 -10.90 -26.96
C MET C 155 -26.56 -9.64 -26.73
N THR C 156 -26.32 -8.91 -25.65
CA THR C 156 -27.04 -7.66 -25.49
C THR C 156 -26.41 -6.63 -26.38
N THR C 157 -27.09 -5.54 -26.64
CA THR C 157 -26.45 -4.50 -27.42
C THR C 157 -26.22 -3.30 -26.50
N GLU C 158 -25.79 -2.19 -27.07
CA GLU C 158 -25.48 -1.01 -26.25
C GLU C 158 -26.68 -0.53 -25.47
N LEU C 159 -27.85 -0.51 -26.10
CA LEU C 159 -29.02 -0.17 -25.34
C LEU C 159 -29.36 -1.44 -24.62
N ARG C 160 -29.70 -1.31 -23.36
CA ARG C 160 -30.00 -2.48 -22.53
C ARG C 160 -31.23 -3.32 -22.92
N ASP C 161 -32.23 -2.71 -23.54
CA ASP C 161 -33.45 -3.42 -23.89
C ASP C 161 -33.32 -4.29 -25.15
N LYS C 162 -32.66 -3.77 -26.16
CA LYS C 162 -32.47 -4.44 -27.43
C LYS C 162 -31.41 -5.55 -27.36
N LYS C 163 -31.62 -6.60 -28.14
CA LYS C 163 -30.71 -7.75 -28.22
C LYS C 163 -30.25 -7.96 -29.64
N GLN C 164 -29.11 -8.63 -29.84
CA GLN C 164 -28.63 -8.90 -31.19
C GLN C 164 -28.10 -10.32 -31.40
N LYS C 165 -28.19 -10.79 -32.63
CA LYS C 165 -27.68 -12.11 -33.00
C LYS C 165 -26.25 -12.02 -33.46
N VAL C 166 -25.40 -12.80 -32.84
CA VAL C 166 -23.98 -12.80 -33.08
C VAL C 166 -23.41 -14.12 -33.50
N TYR C 167 -22.50 -14.11 -34.48
CA TYR C 167 -21.83 -15.31 -34.93
C TYR C 167 -20.34 -15.16 -34.69
N SER C 168 -19.69 -16.21 -34.20
CA SER C 168 -18.25 -16.17 -33.95
C SER C 168 -17.59 -17.55 -34.03
N LEU C 169 -16.34 -17.60 -34.48
CA LEU C 169 -15.66 -18.89 -34.51
C LEU C 169 -14.84 -19.11 -33.26
N PHE C 170 -14.77 -20.37 -32.85
CA PHE C 170 -14.06 -20.79 -31.67
C PHE C 170 -13.22 -22.02 -31.86
N TYR C 171 -12.23 -22.19 -31.02
CA TYR C 171 -11.46 -23.41 -31.04
C TYR C 171 -12.13 -24.41 -30.09
N ARG C 172 -12.02 -25.68 -30.40
CA ARG C 172 -12.62 -26.74 -29.57
C ARG C 172 -11.99 -26.84 -28.21
N LEU C 173 -10.84 -26.21 -28.02
CA LEU C 173 -10.19 -26.25 -26.73
C LEU C 173 -10.85 -25.28 -25.76
N ASP C 174 -11.56 -24.28 -26.27
CA ASP C 174 -12.17 -23.27 -25.41
C ASP C 174 -13.63 -23.53 -25.12
N VAL C 175 -14.31 -24.14 -26.08
CA VAL C 175 -15.75 -24.40 -25.99
C VAL C 175 -16.09 -25.81 -25.53
N VAL C 176 -16.94 -25.93 -24.53
CA VAL C 176 -17.28 -27.24 -24.01
C VAL C 176 -18.77 -27.51 -24.11
N GLN C 177 -19.12 -28.77 -24.32
CA GLN C 177 -20.50 -29.17 -24.48
C GLN C 177 -21.32 -29.19 -23.23
N ILE C 178 -22.56 -28.75 -23.36
CA ILE C 178 -23.52 -28.83 -22.28
C ILE C 178 -24.23 -30.16 -22.48
N ASN C 179 -24.16 -31.08 -21.48
CA ASN C 179 -24.74 -32.44 -21.51
C ASN C 179 -24.00 -33.28 -22.56
N ASN C 190 -26.35 -31.61 -28.29
CA ASN C 190 -25.60 -31.83 -29.53
C ASN C 190 -24.99 -30.51 -30.04
N LYS C 191 -25.83 -29.46 -30.11
CA LYS C 191 -25.51 -28.10 -30.54
C LYS C 191 -25.28 -27.13 -29.40
N GLU C 192 -25.61 -27.51 -28.16
CA GLU C 192 -25.48 -26.55 -27.06
C GLU C 192 -24.17 -26.65 -26.31
N TYR C 193 -23.45 -25.53 -26.34
CA TYR C 193 -22.11 -25.37 -25.77
C TYR C 193 -21.98 -24.11 -24.93
N ARG C 194 -20.96 -24.06 -24.10
CA ARG C 194 -20.65 -22.88 -23.30
C ARG C 194 -19.16 -22.65 -23.30
N LEU C 195 -18.73 -21.48 -22.89
CA LEU C 195 -17.30 -21.27 -22.79
C LEU C 195 -16.85 -22.03 -21.57
N ILE C 196 -15.67 -22.63 -21.61
CA ILE C 196 -15.22 -23.43 -20.49
C ILE C 196 -15.16 -22.75 -19.14
N ASN C 197 -14.85 -21.47 -19.10
CA ASN C 197 -14.75 -20.89 -17.77
C ASN C 197 -16.03 -20.38 -17.15
N CYS C 198 -17.21 -20.66 -17.77
CA CYS C 198 -18.50 -20.28 -17.22
C CYS C 198 -18.73 -20.99 -15.91
N ASN C 199 -18.02 -22.09 -15.67
CA ASN C 199 -18.24 -22.73 -14.38
C ASN C 199 -17.17 -22.42 -13.31
N THR C 200 -16.12 -21.58 -13.63
CA THR C 200 -15.00 -21.26 -12.72
C THR C 200 -14.66 -19.78 -12.53
N SER C 201 -14.67 -19.00 -13.60
CA SER C 201 -14.12 -17.67 -13.48
C SER C 201 -14.62 -16.64 -14.44
N ALA C 202 -14.38 -15.38 -14.11
CA ALA C 202 -14.66 -14.31 -15.04
C ALA C 202 -13.55 -14.28 -16.06
N ILE C 203 -13.91 -13.96 -17.29
CA ILE C 203 -12.93 -13.84 -18.34
C ILE C 203 -12.79 -12.38 -18.70
N THR C 204 -11.56 -11.90 -18.73
CA THR C 204 -11.28 -10.52 -19.09
C THR C 204 -10.57 -10.55 -20.42
N GLN C 205 -11.02 -9.78 -21.40
CA GLN C 205 -10.27 -9.84 -22.63
C GLN C 205 -9.09 -8.97 -22.51
N ALA C 206 -8.04 -9.28 -23.23
CA ALA C 206 -6.92 -8.38 -23.25
C ALA C 206 -7.29 -7.20 -24.12
N CYS C 207 -6.82 -5.99 -23.78
CA CYS C 207 -6.98 -4.78 -24.59
C CYS C 207 -6.09 -5.00 -25.85
N PRO C 208 -6.66 -4.86 -27.06
CA PRO C 208 -6.06 -5.18 -28.34
C PRO C 208 -4.83 -4.38 -28.70
N LYS C 209 -4.66 -3.25 -28.05
CA LYS C 209 -3.54 -2.39 -28.33
C LYS C 209 -2.30 -2.76 -27.54
N VAL C 210 -2.42 -3.65 -26.56
CA VAL C 210 -1.28 -3.90 -25.71
C VAL C 210 -0.35 -4.96 -26.24
N SER C 211 0.92 -4.61 -26.27
CA SER C 211 1.95 -5.51 -26.71
C SER C 211 2.60 -6.25 -25.57
N PHE C 212 2.75 -7.53 -25.79
CA PHE C 212 3.38 -8.41 -24.83
C PHE C 212 4.64 -9.00 -25.41
N GLU C 213 5.25 -8.29 -26.34
CA GLU C 213 6.48 -8.73 -26.94
C GLU C 213 7.62 -8.59 -25.93
N PRO C 214 8.39 -9.64 -25.61
CA PRO C 214 9.48 -9.54 -24.70
C PRO C 214 10.47 -8.50 -25.17
N ILE C 215 10.86 -7.64 -24.26
CA ILE C 215 11.80 -6.58 -24.52
C ILE C 215 12.84 -6.77 -23.43
N PRO C 216 14.14 -6.60 -23.64
CA PRO C 216 15.13 -6.78 -22.61
C PRO C 216 14.89 -5.87 -21.45
N ILE C 217 14.96 -6.44 -20.26
CA ILE C 217 14.81 -5.75 -19.00
C ILE C 217 16.05 -5.85 -18.16
N HIS C 218 16.48 -4.74 -17.59
CA HIS C 218 17.67 -4.76 -16.76
C HIS C 218 17.30 -4.54 -15.30
N TYR C 219 17.80 -5.38 -14.41
CA TYR C 219 17.52 -5.13 -13.01
C TYR C 219 18.73 -4.46 -12.39
N CYS C 220 18.50 -3.37 -11.65
CA CYS C 220 19.51 -2.51 -11.06
C CYS C 220 19.44 -2.51 -9.53
N ALA C 221 20.60 -2.37 -8.91
CA ALA C 221 20.63 -2.30 -7.47
C ALA C 221 20.18 -0.93 -6.96
N PRO C 222 19.49 -0.85 -5.82
CA PRO C 222 19.19 0.36 -5.10
C PRO C 222 20.44 0.81 -4.38
N ALA C 223 20.51 2.06 -3.97
CA ALA C 223 21.71 2.50 -3.25
C ALA C 223 21.94 1.66 -2.02
N GLY C 224 23.20 1.32 -1.80
CA GLY C 224 23.64 0.51 -0.66
C GLY C 224 23.86 -0.93 -1.08
N PHE C 225 23.42 -1.26 -2.27
CA PHE C 225 23.52 -2.60 -2.80
C PHE C 225 24.31 -2.66 -4.08
N ALA C 226 24.78 -3.84 -4.38
CA ALA C 226 25.53 -4.05 -5.62
C ALA C 226 25.22 -5.42 -6.17
N ILE C 227 25.36 -5.57 -7.49
CA ILE C 227 25.12 -6.87 -8.07
C ILE C 227 26.42 -7.51 -8.47
N LEU C 228 26.65 -8.69 -7.96
CA LEU C 228 27.88 -9.37 -8.27
C LEU C 228 27.57 -10.39 -9.34
N LYS C 229 28.52 -10.65 -10.22
CA LYS C 229 28.29 -11.67 -11.23
C LYS C 229 29.51 -12.55 -11.47
N CYS C 230 29.27 -13.83 -11.85
CA CYS C 230 30.32 -14.77 -12.24
C CYS C 230 30.63 -14.61 -13.72
N LYS C 231 31.91 -14.56 -14.03
CA LYS C 231 32.40 -14.51 -15.39
C LYS C 231 33.04 -15.81 -15.80
N ASP C 232 33.13 -16.74 -14.86
CA ASP C 232 33.77 -18.00 -15.18
C ASP C 232 32.94 -18.78 -16.14
N LYS C 233 33.62 -19.40 -17.07
CA LYS C 233 32.94 -20.24 -18.00
C LYS C 233 32.73 -21.55 -17.31
N LYS C 234 31.74 -22.29 -17.77
CA LYS C 234 31.41 -23.59 -17.21
C LYS C 234 31.08 -23.57 -15.72
N PHE C 235 30.36 -22.54 -15.28
CA PHE C 235 29.92 -22.48 -13.89
C PHE C 235 28.59 -23.21 -13.82
N ASN C 236 28.48 -24.27 -12.96
CA ASN C 236 27.28 -25.12 -12.87
C ASN C 236 26.26 -24.69 -11.79
N GLY C 237 26.35 -23.45 -11.26
CA GLY C 237 25.35 -22.80 -10.40
C GLY C 237 25.45 -22.83 -8.87
N THR C 238 26.20 -23.71 -8.27
CA THR C 238 26.28 -23.76 -6.81
C THR C 238 27.67 -23.90 -6.26
N GLY C 239 28.28 -22.79 -5.93
CA GLY C 239 29.62 -22.84 -5.43
C GLY C 239 30.41 -21.60 -5.76
N PRO C 240 31.66 -21.54 -5.36
CA PRO C 240 32.56 -20.46 -5.58
C PRO C 240 32.87 -20.30 -7.05
N CYS C 241 33.09 -19.05 -7.49
CA CYS C 241 33.58 -18.69 -8.80
C CYS C 241 34.76 -17.77 -8.52
N THR C 242 35.74 -17.82 -9.40
CA THR C 242 37.00 -17.09 -9.24
C THR C 242 37.04 -15.77 -9.98
N ASN C 243 36.35 -15.66 -11.12
CA ASN C 243 36.29 -14.47 -11.94
C ASN C 243 34.99 -13.71 -11.62
N VAL C 244 35.06 -12.69 -10.72
CA VAL C 244 33.91 -11.96 -10.20
C VAL C 244 33.97 -10.48 -10.49
N SER C 245 32.89 -9.96 -11.06
CA SER C 245 32.76 -8.54 -11.33
C SER C 245 31.56 -7.96 -10.64
N THR C 246 31.58 -6.65 -10.49
CA THR C 246 30.45 -5.92 -9.92
C THR C 246 29.81 -5.03 -10.97
N VAL C 247 28.49 -5.04 -11.02
CA VAL C 247 27.78 -4.20 -11.96
C VAL C 247 26.69 -3.39 -11.29
N GLN C 248 26.26 -2.36 -11.98
CA GLN C 248 25.13 -1.59 -11.46
C GLN C 248 23.78 -2.23 -11.80
N CYS C 249 23.69 -2.89 -13.00
CA CYS C 249 22.51 -3.52 -13.54
C CYS C 249 22.93 -4.82 -14.22
N THR C 250 21.97 -5.73 -14.35
CA THR C 250 22.14 -6.99 -15.07
C THR C 250 22.07 -6.70 -16.54
N HIS C 251 22.38 -7.70 -17.35
CA HIS C 251 22.26 -7.53 -18.77
C HIS C 251 20.79 -7.53 -19.05
N GLY C 252 20.43 -7.28 -20.28
CA GLY C 252 19.01 -7.26 -20.56
C GLY C 252 18.48 -8.66 -20.71
N ILE C 253 17.47 -8.97 -19.94
CA ILE C 253 16.82 -10.25 -19.98
C ILE C 253 15.46 -10.14 -20.56
N LYS C 254 15.16 -10.90 -21.57
CA LYS C 254 13.84 -10.82 -22.13
C LYS C 254 12.90 -11.68 -21.30
N PRO C 255 11.73 -11.20 -20.89
CA PRO C 255 10.74 -11.91 -20.09
C PRO C 255 9.97 -12.88 -20.95
N VAL C 256 10.65 -13.89 -21.44
CA VAL C 256 10.02 -14.85 -22.31
C VAL C 256 9.32 -15.92 -21.53
N VAL C 257 8.05 -16.08 -21.83
CA VAL C 257 7.24 -17.08 -21.20
C VAL C 257 7.02 -18.24 -22.12
N SER C 258 7.54 -19.38 -21.74
CA SER C 258 7.42 -20.58 -22.53
C SER C 258 7.68 -21.76 -21.64
N THR C 259 7.37 -22.94 -22.12
CA THR C 259 7.75 -24.13 -21.35
C THR C 259 8.48 -25.15 -22.19
N GLN C 260 9.06 -26.15 -21.52
CA GLN C 260 9.83 -27.26 -22.12
C GLN C 260 11.12 -26.82 -22.81
N LEU C 261 11.02 -25.98 -23.81
CA LEU C 261 12.19 -25.46 -24.51
C LEU C 261 12.25 -23.97 -24.30
N LEU C 262 13.38 -23.54 -23.75
CA LEU C 262 13.63 -22.16 -23.43
C LEU C 262 13.96 -21.45 -24.71
N LEU C 263 13.31 -20.31 -24.92
CA LEU C 263 13.53 -19.55 -26.12
C LEU C 263 14.19 -18.19 -25.88
N ASN C 264 14.97 -17.72 -26.88
CA ASN C 264 15.61 -16.42 -27.04
C ASN C 264 16.50 -16.00 -25.84
N GLY C 265 17.25 -16.95 -25.23
CA GLY C 265 18.17 -16.69 -24.11
C GLY C 265 19.62 -16.61 -24.57
N SER C 266 20.53 -16.68 -23.60
CA SER C 266 21.95 -16.61 -23.87
C SER C 266 22.50 -17.99 -24.16
N LEU C 267 23.63 -18.06 -24.85
CA LEU C 267 24.27 -19.33 -25.08
C LEU C 267 25.42 -19.56 -24.11
N ALA C 268 25.70 -20.83 -23.87
CA ALA C 268 26.72 -21.27 -22.91
C ALA C 268 28.14 -21.22 -23.42
N GLU C 269 28.61 -20.02 -23.70
CA GLU C 269 29.98 -19.86 -24.16
C GLU C 269 30.30 -20.85 -25.29
N GLU C 270 31.21 -21.78 -25.00
CA GLU C 270 31.74 -22.76 -25.94
C GLU C 270 31.36 -24.22 -25.66
N GLU C 271 30.58 -24.48 -24.61
CA GLU C 271 30.28 -25.87 -24.25
C GLU C 271 28.97 -26.06 -23.47
N VAL C 272 28.21 -27.13 -23.77
CA VAL C 272 26.93 -27.34 -23.06
C VAL C 272 27.08 -27.48 -21.55
N ILE C 273 26.24 -26.75 -20.82
CA ILE C 273 26.31 -26.82 -19.38
C ILE C 273 25.04 -27.40 -18.81
N ILE C 274 25.18 -28.42 -17.99
CA ILE C 274 24.02 -29.02 -17.38
C ILE C 274 23.93 -28.64 -15.92
N ARG C 275 22.87 -27.94 -15.56
CA ARG C 275 22.75 -27.47 -14.19
C ARG C 275 21.51 -28.03 -13.53
N SER C 276 21.67 -28.45 -12.30
CA SER C 276 20.51 -28.89 -11.55
C SER C 276 20.79 -28.68 -10.11
N GLU C 277 19.76 -28.59 -9.30
CA GLU C 277 19.99 -28.46 -7.86
C GLU C 277 20.74 -29.68 -7.28
N ASN C 278 20.37 -30.89 -7.76
CA ASN C 278 20.90 -32.19 -7.36
C ASN C 278 20.81 -33.13 -8.57
N ILE C 279 21.94 -33.42 -9.22
CA ILE C 279 22.02 -34.22 -10.46
C ILE C 279 21.61 -35.67 -10.29
N THR C 280 21.53 -36.17 -9.06
CA THR C 280 21.12 -37.54 -8.89
C THR C 280 19.72 -37.63 -8.28
N ASN C 281 19.04 -36.51 -8.13
CA ASN C 281 17.70 -36.52 -7.56
C ASN C 281 16.68 -36.41 -8.69
N ASN C 282 15.89 -37.45 -8.89
CA ASN C 282 14.96 -37.46 -10.03
C ASN C 282 13.76 -36.54 -9.77
N ALA C 283 13.68 -35.99 -8.56
CA ALA C 283 12.63 -35.07 -8.18
C ALA C 283 13.02 -33.63 -8.52
N LYS C 284 14.22 -33.42 -9.05
CA LYS C 284 14.66 -32.08 -9.40
C LYS C 284 14.73 -31.93 -10.90
N ASN C 285 14.53 -30.70 -11.38
CA ASN C 285 14.61 -30.44 -12.81
C ASN C 285 16.02 -30.15 -13.23
N ILE C 286 16.32 -30.45 -14.48
CA ILE C 286 17.60 -30.17 -15.07
C ILE C 286 17.50 -29.10 -16.13
N LEU C 287 18.29 -28.06 -15.98
CA LEU C 287 18.29 -26.98 -16.94
C LEU C 287 19.51 -27.11 -17.82
N VAL C 288 19.30 -27.29 -19.10
CA VAL C 288 20.42 -27.48 -19.99
C VAL C 288 20.62 -26.28 -20.87
N GLN C 289 21.80 -25.68 -20.79
CA GLN C 289 22.07 -24.51 -21.59
C GLN C 289 22.95 -24.89 -22.76
N LEU C 290 22.49 -24.60 -23.95
CA LEU C 290 23.23 -24.97 -25.13
C LEU C 290 24.25 -23.90 -25.46
N ASN C 291 25.39 -24.26 -26.11
CA ASN C 291 26.39 -23.31 -26.61
C ASN C 291 26.16 -22.92 -28.10
N GLU C 292 25.07 -23.41 -28.72
CA GLU C 292 24.63 -23.16 -30.09
C GLU C 292 23.14 -22.98 -30.06
N SER C 293 22.61 -22.08 -30.86
CA SER C 293 21.17 -21.95 -30.91
C SER C 293 20.61 -22.90 -31.95
N VAL C 294 19.35 -23.28 -31.78
CA VAL C 294 18.67 -24.05 -32.79
C VAL C 294 17.50 -23.24 -33.30
N GLN C 295 17.46 -23.01 -34.58
CA GLN C 295 16.38 -22.18 -35.08
C GLN C 295 15.12 -22.96 -35.31
N ILE C 296 14.02 -22.39 -34.84
CA ILE C 296 12.69 -22.97 -35.03
C ILE C 296 11.73 -21.96 -35.71
N ASN C 297 11.05 -22.38 -36.80
CA ASN C 297 10.11 -21.58 -37.59
C ASN C 297 8.65 -22.01 -37.30
N CYS C 298 7.85 -21.15 -36.63
CA CYS C 298 6.46 -21.47 -36.24
C CYS C 298 5.46 -20.63 -37.00
N THR C 299 4.32 -21.24 -37.29
CA THR C 299 3.28 -20.52 -37.98
C THR C 299 1.87 -20.99 -37.74
N ARG C 300 0.96 -20.06 -37.91
CA ARG C 300 -0.47 -20.29 -37.94
C ARG C 300 -0.90 -19.84 -39.33
N PRO C 301 -1.00 -20.77 -40.30
CA PRO C 301 -1.21 -20.51 -41.71
C PRO C 301 -2.55 -19.93 -42.12
N ASN C 302 -3.57 -20.07 -41.27
CA ASN C 302 -4.88 -19.60 -41.67
C ASN C 302 -4.93 -18.08 -41.73
N ASN C 303 -5.52 -17.51 -42.81
CA ASN C 303 -5.69 -16.09 -43.02
C ASN C 303 -6.99 -15.64 -42.34
N ASN C 304 -6.85 -15.07 -41.14
CA ASN C 304 -7.88 -14.67 -40.20
C ASN C 304 -8.42 -13.28 -40.39
N THR C 305 -9.60 -13.05 -39.86
CA THR C 305 -10.17 -11.74 -39.91
C THR C 305 -10.76 -11.43 -38.55
N ARG C 306 -10.88 -10.15 -38.26
CA ARG C 306 -11.39 -9.71 -36.97
C ARG C 306 -12.72 -9.02 -37.08
N LYS C 307 -13.64 -9.43 -36.25
CA LYS C 307 -14.93 -8.77 -36.17
C LYS C 307 -14.98 -8.08 -34.85
N SER C 308 -15.65 -6.96 -34.78
CA SER C 308 -15.73 -6.25 -33.52
C SER C 308 -17.15 -5.87 -33.27
N ILE C 309 -17.67 -6.30 -32.14
CA ILE C 309 -19.08 -6.06 -31.91
C ILE C 309 -19.37 -5.28 -30.64
N ARG C 310 -20.52 -4.63 -30.66
CA ARG C 310 -20.95 -3.73 -29.60
C ARG C 310 -21.55 -4.41 -28.39
N ILE C 311 -20.67 -5.00 -27.61
CA ILE C 311 -21.01 -5.74 -26.40
C ILE C 311 -21.68 -4.90 -25.33
N GLY C 312 -21.40 -3.61 -25.29
CA GLY C 312 -22.03 -2.75 -24.32
C GLY C 312 -21.55 -1.34 -24.56
N PRO C 313 -22.08 -0.34 -23.85
CA PRO C 313 -21.73 1.05 -24.05
C PRO C 313 -20.26 1.29 -23.87
N GLY C 314 -19.62 1.83 -24.88
CA GLY C 314 -18.21 2.15 -24.79
C GLY C 314 -17.32 0.90 -24.85
N GLN C 315 -17.88 -0.26 -25.18
CA GLN C 315 -17.09 -1.48 -25.16
C GLN C 315 -17.14 -2.26 -26.44
N TRP C 316 -16.07 -2.96 -26.74
CA TRP C 316 -16.06 -3.81 -27.90
C TRP C 316 -15.56 -5.18 -27.58
N PHE C 317 -16.15 -6.16 -28.21
CA PHE C 317 -15.68 -7.53 -28.12
C PHE C 317 -15.10 -7.98 -29.43
N TYR C 318 -13.97 -8.68 -29.35
CA TYR C 318 -13.32 -9.11 -30.56
C TYR C 318 -13.56 -10.59 -30.86
N ALA C 319 -14.23 -10.80 -31.97
CA ALA C 319 -14.66 -12.11 -32.43
C ALA C 319 -13.86 -12.57 -33.63
N THR C 320 -13.72 -13.88 -33.77
CA THR C 320 -13.05 -14.43 -34.94
C THR C 320 -14.06 -14.53 -36.05
N GLY C 321 -13.75 -13.93 -37.20
CA GLY C 321 -14.68 -14.00 -38.31
C GLY C 321 -14.30 -15.11 -39.27
N ASP C 322 -14.98 -15.17 -40.39
CA ASP C 322 -14.73 -16.23 -41.35
C ASP C 322 -13.29 -16.21 -41.82
N ILE C 323 -12.74 -17.38 -41.99
CA ILE C 323 -11.39 -17.49 -42.46
C ILE C 323 -11.45 -17.27 -43.94
N ILE C 324 -10.54 -16.48 -44.44
CA ILE C 324 -10.49 -16.12 -45.84
C ILE C 324 -10.18 -17.27 -46.77
N GLY C 325 -9.22 -18.10 -46.39
CA GLY C 325 -8.80 -19.23 -47.22
C GLY C 325 -9.14 -20.58 -46.59
N ASP C 326 -8.32 -21.57 -46.93
CA ASP C 326 -8.47 -22.95 -46.48
C ASP C 326 -8.02 -23.09 -45.05
N ILE C 327 -8.49 -24.12 -44.37
CA ILE C 327 -8.08 -24.33 -42.99
C ILE C 327 -6.99 -25.40 -42.87
N ARG C 328 -5.86 -24.99 -42.29
CA ARG C 328 -4.68 -25.81 -42.08
C ARG C 328 -4.16 -25.67 -40.66
N GLN C 329 -3.45 -26.69 -40.19
CA GLN C 329 -2.96 -26.68 -38.83
C GLN C 329 -1.74 -25.83 -38.60
N ALA C 330 -1.68 -25.27 -37.41
CA ALA C 330 -0.51 -24.56 -36.96
C ALA C 330 0.58 -25.58 -36.79
N HIS C 331 1.81 -25.18 -37.02
CA HIS C 331 2.93 -26.09 -36.88
C HIS C 331 4.28 -25.37 -36.70
N CYS C 332 5.32 -26.11 -36.23
CA CYS C 332 6.71 -25.63 -36.09
C CYS C 332 7.74 -26.56 -36.78
N ASN C 333 8.69 -25.89 -37.45
CA ASN C 333 9.77 -26.58 -38.20
C ASN C 333 11.09 -26.49 -37.39
N VAL C 334 11.71 -27.65 -37.18
CA VAL C 334 13.01 -27.83 -36.53
C VAL C 334 13.97 -28.55 -37.49
N SER C 335 15.15 -28.00 -37.73
CA SER C 335 16.06 -28.67 -38.65
C SER C 335 16.44 -30.02 -38.07
N LYS C 336 16.34 -31.06 -38.88
CA LYS C 336 16.57 -32.40 -38.38
C LYS C 336 18.00 -32.69 -38.00
N ALA C 337 18.93 -32.31 -38.86
CA ALA C 337 20.30 -32.62 -38.55
C ALA C 337 20.77 -31.84 -37.34
N THR C 338 20.33 -30.60 -37.24
CA THR C 338 20.77 -29.75 -36.16
C THR C 338 20.27 -30.31 -34.87
N TRP C 339 19.01 -30.72 -34.84
CA TRP C 339 18.47 -31.28 -33.62
C TRP C 339 19.22 -32.55 -33.19
N ASN C 340 19.57 -33.46 -34.15
CA ASN C 340 20.30 -34.70 -33.84
C ASN C 340 21.68 -34.40 -33.21
N GLU C 341 22.39 -33.36 -33.72
CA GLU C 341 23.67 -32.91 -33.19
C GLU C 341 23.50 -32.33 -31.81
N THR C 342 22.41 -31.59 -31.62
CA THR C 342 22.14 -30.97 -30.35
C THR C 342 21.97 -32.03 -29.29
N LEU C 343 21.21 -33.07 -29.59
CA LEU C 343 21.06 -34.09 -28.59
C LEU C 343 22.36 -34.80 -28.32
N GLY C 344 23.17 -35.06 -29.34
CA GLY C 344 24.41 -35.74 -29.07
C GLY C 344 25.29 -34.94 -28.10
N LYS C 345 25.30 -33.61 -28.24
CA LYS C 345 26.09 -32.76 -27.35
C LYS C 345 25.59 -32.84 -25.92
N VAL C 346 24.28 -32.87 -25.76
CA VAL C 346 23.72 -32.95 -24.43
C VAL C 346 24.10 -34.28 -23.81
N VAL C 347 24.03 -35.32 -24.60
CA VAL C 347 24.37 -36.62 -24.10
C VAL C 347 25.79 -36.66 -23.63
N LYS C 348 26.73 -36.08 -24.36
CA LYS C 348 28.12 -36.13 -23.90
C LYS C 348 28.26 -35.60 -22.49
N GLN C 349 27.52 -34.55 -22.18
CA GLN C 349 27.66 -33.99 -20.86
C GLN C 349 26.93 -34.86 -19.83
N LEU C 350 25.87 -35.51 -20.25
CA LEU C 350 25.20 -36.40 -19.32
C LEU C 350 26.11 -37.57 -19.00
N ARG C 351 26.89 -38.04 -19.97
CA ARG C 351 27.78 -39.19 -19.74
C ARG C 351 28.73 -38.87 -18.61
N LYS C 352 29.23 -37.65 -18.60
CA LYS C 352 30.14 -37.24 -17.55
C LYS C 352 29.51 -37.36 -16.16
N HIS C 353 28.22 -37.05 -16.06
CA HIS C 353 27.53 -37.15 -14.77
C HIS C 353 27.01 -38.55 -14.42
N PHE C 354 26.59 -39.32 -15.41
CA PHE C 354 25.96 -40.61 -15.15
C PHE C 354 26.72 -41.90 -15.51
N GLY C 355 27.84 -41.79 -16.22
CA GLY C 355 28.64 -42.95 -16.58
C GLY C 355 28.86 -43.11 -18.11
N ASN C 356 30.07 -43.60 -18.46
CA ASN C 356 30.57 -43.75 -19.84
C ASN C 356 29.92 -44.90 -20.63
N ASN C 357 28.98 -45.67 -20.01
CA ASN C 357 28.21 -46.75 -20.65
C ASN C 357 27.28 -46.13 -21.67
N THR C 358 26.95 -44.86 -21.41
CA THR C 358 26.12 -43.98 -22.21
C THR C 358 24.98 -44.57 -23.00
N ILE C 359 24.17 -45.40 -22.38
CA ILE C 359 23.03 -45.79 -23.14
C ILE C 359 21.97 -44.90 -22.59
N ILE C 360 21.46 -44.05 -23.43
CA ILE C 360 20.50 -43.08 -22.98
C ILE C 360 19.32 -42.97 -23.89
N ARG C 361 18.16 -42.94 -23.31
CA ARG C 361 16.95 -42.82 -24.06
C ARG C 361 16.21 -41.57 -23.79
N PHE C 362 15.74 -40.97 -24.86
CA PHE C 362 14.88 -39.83 -24.76
C PHE C 362 13.49 -40.30 -25.08
N ALA C 363 12.54 -39.71 -24.42
CA ALA C 363 11.16 -40.06 -24.62
C ALA C 363 10.33 -38.80 -24.48
N ASN C 364 9.04 -38.86 -24.87
CA ASN C 364 8.11 -37.73 -24.86
C ASN C 364 7.70 -37.39 -23.43
N SER C 365 6.89 -36.32 -23.26
CA SER C 365 6.44 -35.83 -21.97
C SER C 365 5.45 -36.76 -21.31
N SER C 366 5.26 -36.57 -20.02
CA SER C 366 4.33 -37.34 -19.25
C SER C 366 2.94 -36.86 -19.57
N GLY C 367 1.91 -37.57 -19.12
CA GLY C 367 0.57 -37.08 -19.41
C GLY C 367 0.25 -35.94 -18.46
N GLY C 368 -0.89 -35.31 -18.65
CA GLY C 368 -1.27 -34.18 -17.83
C GLY C 368 -2.01 -33.17 -18.68
N ASP C 369 -2.14 -31.97 -18.15
CA ASP C 369 -2.84 -30.89 -18.81
C ASP C 369 -2.09 -30.36 -20.01
N LEU C 370 -2.82 -29.70 -20.90
CA LEU C 370 -2.19 -29.20 -22.10
C LEU C 370 -1.03 -28.28 -21.84
N GLU C 371 -1.14 -27.43 -20.84
CA GLU C 371 -0.10 -26.46 -20.59
C GLU C 371 1.23 -27.11 -20.22
N VAL C 372 1.22 -28.19 -19.44
CA VAL C 372 2.48 -28.84 -19.10
C VAL C 372 2.98 -29.84 -20.14
N THR C 373 2.07 -30.58 -20.80
CA THR C 373 2.53 -31.65 -21.67
C THR C 373 2.98 -31.19 -23.03
N THR C 374 2.54 -30.02 -23.47
CA THR C 374 2.98 -29.53 -24.77
C THR C 374 3.89 -28.35 -24.62
N HIS C 375 4.59 -28.03 -25.68
CA HIS C 375 5.44 -26.86 -25.65
C HIS C 375 4.54 -25.67 -25.76
N SER C 376 4.80 -24.64 -25.00
CA SER C 376 3.92 -23.49 -25.06
C SER C 376 4.64 -22.21 -25.30
N PHE C 377 4.07 -21.40 -26.19
CA PHE C 377 4.61 -20.09 -26.48
C PHE C 377 3.62 -19.11 -27.05
N ASN C 378 4.00 -17.84 -26.97
CA ASN C 378 3.25 -16.73 -27.52
C ASN C 378 3.96 -16.16 -28.77
N CYS C 379 3.40 -16.38 -29.98
CA CYS C 379 3.96 -16.01 -31.28
C CYS C 379 3.01 -15.05 -31.99
N GLY C 380 3.43 -13.81 -32.11
CA GLY C 380 2.64 -12.79 -32.78
C GLY C 380 1.54 -12.28 -31.88
N GLY C 381 1.50 -12.77 -30.67
CA GLY C 381 0.47 -12.46 -29.71
C GLY C 381 -0.50 -13.63 -29.58
N GLU C 382 -0.37 -14.65 -30.43
CA GLU C 382 -1.25 -15.80 -30.35
C GLU C 382 -0.67 -16.87 -29.43
N PHE C 383 -1.54 -17.70 -28.86
CA PHE C 383 -1.10 -18.76 -27.96
C PHE C 383 -1.13 -20.17 -28.56
N PHE C 384 0.07 -20.71 -28.67
CA PHE C 384 0.32 -22.00 -29.27
C PHE C 384 0.71 -23.08 -28.29
N TYR C 385 0.18 -24.26 -28.53
CA TYR C 385 0.53 -25.47 -27.81
C TYR C 385 1.01 -26.52 -28.82
N CYS C 386 2.30 -26.96 -28.76
CA CYS C 386 2.91 -27.83 -29.78
C CYS C 386 3.33 -29.19 -29.24
N ASN C 387 3.15 -30.19 -30.09
CA ASN C 387 3.51 -31.57 -29.79
C ASN C 387 4.99 -31.82 -30.06
N THR C 388 5.77 -32.05 -28.98
CA THR C 388 7.21 -32.24 -28.97
C THR C 388 7.64 -33.68 -28.95
N SER C 389 6.72 -34.63 -29.13
CA SER C 389 7.18 -36.01 -29.09
C SER C 389 8.15 -36.28 -30.23
N GLY C 390 8.04 -35.52 -31.32
CA GLY C 390 8.91 -35.67 -32.48
C GLY C 390 10.34 -35.27 -32.20
N LEU C 391 10.58 -34.60 -31.09
CA LEU C 391 11.92 -34.20 -30.73
C LEU C 391 12.61 -35.17 -29.77
N PHE C 392 11.87 -36.10 -29.18
CA PHE C 392 12.47 -36.98 -28.17
C PHE C 392 12.11 -38.43 -28.45
N ASN C 393 12.65 -38.96 -29.58
CA ASN C 393 12.36 -40.30 -30.12
C ASN C 393 13.64 -41.13 -30.36
N SER C 394 14.80 -40.76 -29.76
CA SER C 394 16.09 -41.45 -29.99
C SER C 394 16.71 -42.01 -28.74
N THR C 395 17.45 -43.09 -28.96
CA THR C 395 18.26 -43.73 -27.95
C THR C 395 19.68 -43.68 -28.50
N TRP C 396 20.59 -43.23 -27.69
CA TRP C 396 21.96 -43.04 -28.07
C TRP C 396 22.79 -44.14 -27.40
N ILE C 397 23.93 -44.51 -28.02
CA ILE C 397 24.89 -45.51 -27.52
C ILE C 397 26.21 -45.37 -28.28
N SER C 413 13.43 -32.15 -42.47
CA SER C 413 13.00 -31.28 -41.39
C SER C 413 11.96 -32.01 -40.53
N ILE C 414 11.90 -31.66 -39.23
CA ILE C 414 10.98 -32.20 -38.24
C ILE C 414 9.80 -31.28 -38.11
N THR C 415 8.60 -31.78 -38.28
CA THR C 415 7.45 -30.90 -38.13
C THR C 415 6.66 -31.28 -36.92
N LEU C 416 6.41 -30.30 -36.08
CA LEU C 416 5.66 -30.46 -34.87
C LEU C 416 4.28 -29.85 -35.10
N PRO C 417 3.17 -30.58 -34.99
CA PRO C 417 1.84 -30.03 -35.16
C PRO C 417 1.58 -29.19 -33.93
N CYS C 418 0.78 -28.11 -34.07
CA CYS C 418 0.41 -27.19 -32.98
C CYS C 418 -1.09 -26.86 -33.00
N ARG C 419 -1.62 -26.57 -31.81
CA ARG C 419 -2.99 -26.14 -31.64
C ARG C 419 -3.07 -24.74 -31.05
N ILE C 420 -4.17 -24.08 -31.36
CA ILE C 420 -4.41 -22.72 -30.92
C ILE C 420 -5.52 -22.66 -29.90
N LYS C 421 -5.29 -21.92 -28.82
CA LYS C 421 -6.29 -21.78 -27.77
C LYS C 421 -6.52 -20.30 -27.45
N GLN C 422 -7.76 -19.82 -27.32
CA GLN C 422 -7.98 -18.41 -26.99
C GLN C 422 -8.21 -18.09 -25.51
N ILE C 423 -8.66 -19.04 -24.70
CA ILE C 423 -8.88 -18.68 -23.32
C ILE C 423 -7.72 -19.20 -22.51
N ILE C 424 -6.95 -18.27 -22.02
CA ILE C 424 -5.68 -18.55 -21.40
C ILE C 424 -5.56 -18.31 -19.93
N ASN C 425 -5.05 -19.31 -19.24
CA ASN C 425 -4.72 -19.14 -17.85
C ASN C 425 -3.28 -18.70 -17.94
N MET C 426 -3.03 -17.43 -17.67
CA MET C 426 -1.70 -16.87 -17.90
C MET C 426 -0.62 -17.49 -17.05
N TRP C 427 -0.99 -18.02 -15.91
CA TRP C 427 -0.02 -18.60 -15.02
C TRP C 427 -0.65 -19.85 -14.48
N GLN C 428 0.06 -20.57 -13.64
CA GLN C 428 -0.40 -21.84 -13.09
C GLN C 428 -1.56 -21.72 -12.10
N ARG C 429 -1.85 -20.51 -11.66
CA ARG C 429 -2.95 -20.28 -10.74
C ARG C 429 -4.24 -20.34 -11.51
N ILE C 430 -5.34 -20.62 -10.86
CA ILE C 430 -6.62 -20.60 -11.54
C ILE C 430 -7.62 -19.73 -10.82
N GLY C 431 -8.70 -19.39 -11.50
CA GLY C 431 -9.76 -18.56 -10.93
C GLY C 431 -9.90 -17.26 -11.69
N GLN C 432 -8.98 -17.00 -12.60
CA GLN C 432 -9.02 -15.82 -13.44
C GLN C 432 -8.67 -16.29 -14.83
N ALA C 433 -9.23 -15.69 -15.86
CA ALA C 433 -8.79 -16.10 -17.18
C ALA C 433 -8.80 -14.95 -18.15
N MET C 434 -7.93 -15.04 -19.13
CA MET C 434 -7.79 -14.06 -20.16
C MET C 434 -8.29 -14.48 -21.52
N TYR C 435 -8.95 -13.59 -22.23
CA TYR C 435 -9.34 -13.91 -23.58
C TYR C 435 -8.41 -13.25 -24.57
N ALA C 436 -7.84 -14.08 -25.42
CA ALA C 436 -6.94 -13.60 -26.43
C ALA C 436 -7.75 -13.23 -27.65
N PRO C 437 -7.79 -11.97 -28.06
CA PRO C 437 -8.58 -11.53 -29.17
C PRO C 437 -7.89 -12.09 -30.38
N PRO C 438 -8.58 -12.29 -31.48
CA PRO C 438 -8.05 -12.73 -32.74
C PRO C 438 -7.16 -11.70 -33.36
N ILE C 439 -6.19 -12.22 -34.08
CA ILE C 439 -5.20 -11.50 -34.85
C ILE C 439 -5.45 -11.77 -36.32
N GLN C 440 -5.51 -10.71 -37.11
CA GLN C 440 -5.83 -10.83 -38.52
C GLN C 440 -4.62 -11.24 -39.33
N GLY C 441 -4.86 -11.81 -40.49
CA GLY C 441 -3.76 -12.18 -41.35
C GLY C 441 -3.21 -13.52 -40.95
N VAL C 442 -1.93 -13.71 -41.21
CA VAL C 442 -1.24 -14.98 -41.00
C VAL C 442 -0.09 -14.71 -40.08
N ILE C 443 0.12 -15.58 -39.11
CA ILE C 443 1.20 -15.36 -38.16
C ILE C 443 2.36 -16.29 -38.38
N ARG C 444 3.52 -15.71 -38.53
CA ARG C 444 4.71 -16.52 -38.66
C ARG C 444 5.81 -15.82 -37.87
N CYS C 445 6.65 -16.59 -37.16
CA CYS C 445 7.79 -16.08 -36.41
C CYS C 445 8.91 -17.10 -36.39
N VAL C 446 10.09 -16.59 -36.14
CA VAL C 446 11.27 -17.39 -35.99
C VAL C 446 11.90 -17.09 -34.66
N SER C 447 12.22 -18.14 -33.93
CA SER C 447 12.82 -17.98 -32.62
C SER C 447 13.98 -18.96 -32.44
N ASN C 448 14.82 -18.69 -31.41
CA ASN C 448 16.00 -19.49 -31.07
C ASN C 448 15.76 -20.35 -29.84
N ILE C 449 16.04 -21.66 -29.94
CA ILE C 449 16.00 -22.58 -28.81
C ILE C 449 17.37 -22.46 -28.20
N THR C 450 17.40 -22.04 -26.94
CA THR C 450 18.66 -21.81 -26.26
C THR C 450 18.87 -22.78 -25.12
N GLY C 451 17.81 -23.46 -24.73
CA GLY C 451 17.97 -24.42 -23.65
C GLY C 451 16.76 -25.31 -23.47
N LEU C 452 16.94 -26.33 -22.66
CA LEU C 452 15.90 -27.31 -22.43
C LEU C 452 15.61 -27.56 -20.95
N ILE C 453 14.38 -27.91 -20.62
CA ILE C 453 14.06 -28.33 -19.28
C ILE C 453 13.73 -29.80 -19.29
N LEU C 454 14.54 -30.59 -18.60
CA LEU C 454 14.34 -32.03 -18.59
C LEU C 454 14.23 -32.64 -17.22
N THR C 455 13.54 -33.77 -17.15
CA THR C 455 13.46 -34.55 -15.95
C THR C 455 14.01 -35.94 -16.20
N ARG C 456 14.83 -36.42 -15.30
CA ARG C 456 15.35 -37.77 -15.41
C ARG C 456 14.31 -38.65 -14.75
N ASP C 457 13.88 -39.72 -15.40
CA ASP C 457 12.90 -40.58 -14.75
C ASP C 457 13.49 -41.36 -13.60
N GLY C 458 12.69 -41.60 -12.59
CA GLY C 458 13.13 -42.43 -11.48
C GLY C 458 12.83 -43.86 -11.87
N GLY C 459 12.99 -44.79 -10.96
CA GLY C 459 12.74 -46.18 -11.30
C GLY C 459 13.94 -47.04 -10.94
N SER C 460 13.96 -48.27 -11.45
CA SER C 460 14.99 -49.22 -11.07
C SER C 460 16.36 -48.64 -11.30
N THR C 461 17.23 -48.89 -10.35
CA THR C 461 18.59 -48.41 -10.42
C THR C 461 19.44 -49.30 -11.29
N ASN C 462 20.59 -48.76 -11.67
CA ASN C 462 21.58 -49.45 -12.50
C ASN C 462 20.97 -49.94 -13.80
N SER C 463 20.07 -49.16 -14.36
CA SER C 463 19.49 -49.51 -15.64
C SER C 463 20.61 -49.31 -16.60
N THR C 464 20.70 -50.14 -17.61
CA THR C 464 21.76 -49.95 -18.58
C THR C 464 21.50 -48.70 -19.36
N THR C 465 20.22 -48.42 -19.58
CA THR C 465 19.79 -47.25 -20.31
C THR C 465 19.13 -46.27 -19.38
N GLU C 466 19.61 -45.03 -19.36
CA GLU C 466 18.99 -44.02 -18.52
C GLU C 466 17.90 -43.32 -19.30
N THR C 467 16.87 -42.79 -18.65
CA THR C 467 15.81 -42.12 -19.42
C THR C 467 15.55 -40.67 -19.04
N PHE C 468 15.47 -39.82 -20.06
CA PHE C 468 15.16 -38.41 -19.89
C PHE C 468 13.97 -38.00 -20.73
N ARG C 469 13.14 -37.17 -20.14
CA ARG C 469 11.94 -36.71 -20.81
C ARG C 469 11.81 -35.21 -20.59
N PRO C 470 11.30 -34.45 -21.54
CA PRO C 470 11.10 -33.03 -21.45
C PRO C 470 9.96 -32.78 -20.52
N GLY C 471 9.90 -31.59 -19.96
CA GLY C 471 8.73 -31.27 -19.16
C GLY C 471 8.69 -29.83 -18.72
N GLY C 472 7.67 -29.49 -17.96
CA GLY C 472 7.51 -28.13 -17.50
C GLY C 472 7.91 -27.97 -16.05
N GLY C 473 7.35 -26.94 -15.42
CA GLY C 473 7.66 -26.60 -14.05
C GLY C 473 7.32 -25.15 -13.85
N ASP C 474 7.68 -24.59 -12.73
CA ASP C 474 7.37 -23.21 -12.47
C ASP C 474 8.10 -22.34 -13.44
N MET C 475 7.52 -21.18 -13.72
CA MET C 475 8.12 -20.20 -14.60
C MET C 475 9.42 -19.65 -14.05
N ARG C 476 9.58 -19.84 -12.76
CA ARG C 476 10.76 -19.43 -12.06
C ARG C 476 11.96 -20.06 -12.73
N ASP C 477 11.81 -21.29 -13.21
CA ASP C 477 12.91 -21.99 -13.83
C ASP C 477 13.37 -21.36 -15.13
N ASN C 478 12.53 -20.58 -15.82
CA ASN C 478 13.08 -19.99 -17.03
C ASN C 478 13.95 -18.85 -16.61
N TRP C 479 13.50 -18.15 -15.60
CA TRP C 479 14.21 -16.97 -15.16
C TRP C 479 15.48 -17.31 -14.44
N ARG C 480 15.54 -18.49 -13.86
CA ARG C 480 16.75 -18.95 -13.21
C ARG C 480 17.86 -19.11 -14.22
N SER C 481 17.52 -19.26 -15.50
CA SER C 481 18.57 -19.47 -16.45
C SER C 481 19.32 -18.18 -16.66
N GLU C 482 18.63 -17.12 -17.04
CA GLU C 482 19.36 -15.89 -17.34
C GLU C 482 19.98 -15.28 -16.10
N LEU C 483 19.34 -15.48 -14.96
CA LEU C 483 19.82 -14.93 -13.71
C LEU C 483 20.77 -15.83 -12.96
N TYR C 484 21.18 -16.96 -13.54
CA TYR C 484 22.02 -17.92 -12.83
C TYR C 484 23.33 -17.33 -12.37
N LYS C 485 23.83 -16.33 -13.05
CA LYS C 485 25.11 -15.75 -12.71
C LYS C 485 25.06 -14.53 -11.83
N TYR C 486 23.88 -14.09 -11.37
CA TYR C 486 23.87 -12.86 -10.58
C TYR C 486 23.50 -13.02 -9.11
N LYS C 487 24.12 -12.22 -8.25
CA LYS C 487 23.79 -12.21 -6.83
C LYS C 487 23.71 -10.80 -6.25
N VAL C 488 22.80 -10.57 -5.31
CA VAL C 488 22.70 -9.25 -4.68
C VAL C 488 23.23 -9.20 -3.29
N VAL C 489 24.11 -8.23 -3.04
CA VAL C 489 24.68 -8.07 -1.73
C VAL C 489 24.54 -6.65 -1.24
N LYS C 490 24.61 -6.48 0.07
CA LYS C 490 24.53 -5.18 0.73
C LYS C 490 25.83 -4.76 1.31
N ILE C 491 26.15 -3.49 1.17
CA ILE C 491 27.38 -2.96 1.71
C ILE C 491 27.24 -2.51 3.15
N GLU C 492 28.16 -2.99 3.99
CA GLU C 492 28.20 -2.70 5.41
C GLU C 492 29.49 -1.95 5.72
N PRO C 493 29.49 -0.62 5.70
CA PRO C 493 30.65 0.25 5.75
C PRO C 493 31.47 0.29 7.01
N LEU C 494 30.96 -0.15 8.17
CA LEU C 494 31.84 -0.03 9.33
C LEU C 494 32.64 -1.25 9.62
N GLY C 495 33.95 -1.06 9.60
CA GLY C 495 34.87 -2.14 9.88
C GLY C 495 35.70 -1.71 11.06
N VAL C 496 36.10 -2.66 11.86
CA VAL C 496 36.92 -2.36 13.01
C VAL C 496 38.13 -3.25 13.01
N ALA C 497 39.30 -2.67 13.25
CA ALA C 497 40.55 -3.41 13.28
C ALA C 497 41.50 -2.72 14.25
N PRO C 498 42.45 -3.41 14.88
CA PRO C 498 43.46 -2.84 15.75
C PRO C 498 44.55 -2.15 15.02
N THR C 499 45.12 -1.16 15.65
CA THR C 499 46.36 -0.59 15.16
C THR C 499 47.08 0.19 16.26
N ARG C 500 48.15 0.83 15.87
CA ARG C 500 49.02 1.62 16.75
C ARG C 500 48.51 3.00 17.25
N CYS C 501 47.47 3.57 16.61
CA CYS C 501 46.90 4.89 16.92
C CYS C 501 45.91 4.85 18.09
N LYS C 502 46.16 5.75 19.05
CA LYS C 502 45.32 5.99 20.22
C LYS C 502 45.12 7.51 20.29
N ARG C 503 43.94 7.99 20.75
CA ARG C 503 43.62 9.43 20.90
C ARG C 503 44.70 10.16 21.73
N LEU D 1 40.59 2.46 -10.50
CA LEU D 1 40.44 1.31 -9.61
C LEU D 1 38.97 0.83 -9.57
N GLY D 2 38.01 1.75 -9.32
CA GLY D 2 36.56 1.48 -9.26
C GLY D 2 36.01 1.40 -7.83
N PHE D 3 34.69 1.46 -7.71
CA PHE D 3 33.98 1.50 -6.44
C PHE D 3 34.33 0.40 -5.43
N LEU D 4 34.31 -0.84 -5.83
CA LEU D 4 34.73 -1.92 -4.93
C LEU D 4 36.02 -2.48 -5.44
N GLY D 5 36.78 -1.68 -6.18
CA GLY D 5 38.01 -2.15 -6.78
C GLY D 5 38.98 -2.66 -5.72
N ALA D 6 38.92 -2.08 -4.54
CA ALA D 6 39.80 -2.48 -3.46
C ALA D 6 39.29 -3.69 -2.70
N ALA D 7 38.18 -4.27 -3.09
CA ALA D 7 37.61 -5.37 -2.32
C ALA D 7 38.56 -6.54 -2.13
N GLY D 8 39.38 -6.85 -3.11
CA GLY D 8 40.30 -7.97 -2.95
C GLY D 8 41.70 -7.52 -2.53
N SER D 9 41.84 -6.23 -2.24
CA SER D 9 43.13 -5.68 -1.91
C SER D 9 43.45 -5.85 -0.46
N THR D 10 44.72 -5.74 -0.16
CA THR D 10 45.17 -5.80 1.20
C THR D 10 44.50 -4.71 2.02
N MET D 11 44.16 -5.04 3.27
CA MET D 11 43.45 -4.11 4.13
C MET D 11 44.08 -2.77 4.27
N GLY D 12 45.40 -2.71 4.39
CA GLY D 12 46.04 -1.42 4.52
C GLY D 12 45.81 -0.54 3.30
N ALA D 13 46.13 -1.05 2.12
CA ALA D 13 45.99 -0.26 0.90
C ALA D 13 44.58 0.21 0.66
N ALA D 14 43.62 -0.65 0.98
CA ALA D 14 42.22 -0.40 0.76
C ALA D 14 41.69 0.74 1.60
N SER D 15 42.42 1.14 2.64
CA SER D 15 41.92 2.19 3.51
C SER D 15 41.92 3.50 2.77
N MET D 16 42.68 3.63 1.71
CA MET D 16 42.70 4.92 1.08
C MET D 16 41.58 5.10 0.08
N THR D 17 40.67 4.13 0.02
CA THR D 17 39.57 4.24 -0.88
C THR D 17 38.27 4.52 -0.15
N LEU D 18 38.31 4.72 1.18
CA LEU D 18 37.08 4.82 1.99
C LEU D 18 36.13 5.93 1.54
N THR D 19 36.67 7.00 0.98
CA THR D 19 35.84 8.09 0.54
C THR D 19 34.73 7.63 -0.42
N VAL D 20 35.05 6.72 -1.35
CA VAL D 20 34.06 6.42 -2.37
C VAL D 20 32.91 5.61 -1.83
N GLN D 21 33.16 4.69 -0.92
CA GLN D 21 32.04 3.93 -0.45
C GLN D 21 31.19 4.82 0.41
N ALA D 22 31.84 5.68 1.19
CA ALA D 22 31.06 6.51 2.07
C ALA D 22 30.06 7.35 1.30
N ARG D 23 30.48 7.85 0.14
CA ARG D 23 29.60 8.67 -0.65
C ARG D 23 28.58 7.89 -1.45
N ASN D 24 28.97 6.76 -2.03
CA ASN D 24 28.04 6.02 -2.85
C ASN D 24 26.80 5.61 -2.07
N LEU D 25 26.97 5.31 -0.80
CA LEU D 25 25.88 4.84 0.03
C LEU D 25 24.73 5.81 0.16
N LEU D 26 24.98 7.10 -0.07
CA LEU D 26 23.90 8.08 0.07
C LEU D 26 23.45 8.70 -1.28
N SER D 27 23.89 8.13 -2.44
CA SER D 27 23.56 8.63 -3.78
C SER D 27 22.24 7.99 -4.22
N ALA D 39 12.60 12.13 -16.63
CA ALA D 39 11.70 11.28 -17.40
C ALA D 39 10.26 11.36 -16.79
N PRO D 40 9.56 12.56 -16.79
CA PRO D 40 8.25 12.78 -16.15
C PRO D 40 7.14 11.88 -16.68
N GLU D 41 7.26 11.41 -17.91
CA GLU D 41 6.23 10.51 -18.42
C GLU D 41 6.20 9.17 -17.65
N CYS D 42 7.40 8.68 -17.27
CA CYS D 42 7.66 7.47 -16.53
C CYS D 42 7.20 7.67 -15.12
N GLN D 43 7.54 8.83 -14.58
CA GLN D 43 7.21 9.11 -13.21
C GLN D 43 5.70 9.11 -13.03
N GLN D 44 4.96 9.65 -14.00
CA GLN D 44 3.52 9.67 -13.91
C GLN D 44 2.92 8.26 -13.98
N HIS D 45 3.46 7.41 -14.84
CA HIS D 45 2.94 6.05 -14.93
C HIS D 45 3.14 5.32 -13.61
N LEU D 46 4.35 5.39 -13.09
CA LEU D 46 4.68 4.68 -11.88
C LEU D 46 3.98 5.26 -10.68
N LEU D 47 3.67 6.55 -10.70
CA LEU D 47 2.90 7.16 -9.62
C LEU D 47 1.49 6.56 -9.57
N LYS D 48 0.88 6.39 -10.74
CA LYS D 48 -0.46 5.80 -10.80
C LYS D 48 -0.43 4.36 -10.26
N LEU D 49 0.67 3.66 -10.50
CA LEU D 49 0.81 2.29 -10.03
C LEU D 49 1.20 2.31 -8.55
N THR D 50 0.17 2.43 -7.73
CA THR D 50 0.30 2.64 -6.29
C THR D 50 1.14 1.63 -5.54
N VAL D 51 0.96 0.34 -5.76
CA VAL D 51 1.73 -0.59 -4.94
C VAL D 51 3.21 -0.49 -5.19
N TRP D 52 3.57 -0.38 -6.45
CA TRP D 52 4.96 -0.27 -6.81
C TRP D 52 5.53 0.99 -6.17
N GLY D 53 4.78 2.10 -6.23
CA GLY D 53 5.24 3.34 -5.67
C GLY D 53 5.51 3.19 -4.17
N ILE D 54 4.65 2.45 -3.46
CA ILE D 54 4.87 2.26 -2.05
C ILE D 54 6.13 1.45 -1.82
N LYS D 55 6.36 0.40 -2.61
CA LYS D 55 7.58 -0.37 -2.40
C LYS D 55 8.81 0.52 -2.53
N GLN D 56 8.81 1.43 -3.51
CA GLN D 56 9.98 2.28 -3.66
C GLN D 56 10.13 3.27 -2.52
N LEU D 57 9.02 3.80 -2.00
CA LEU D 57 9.18 4.70 -0.88
C LEU D 57 9.73 3.99 0.30
N GLN D 58 9.31 2.77 0.51
CA GLN D 58 9.81 2.04 1.66
C GLN D 58 11.29 1.80 1.50
N ALA D 59 11.73 1.49 0.29
CA ALA D 59 13.14 1.26 0.06
C ALA D 59 13.97 2.52 0.31
N ARG D 60 13.46 3.67 -0.09
CA ARG D 60 14.20 4.89 0.09
C ARG D 60 14.22 5.30 1.53
N VAL D 61 13.12 5.10 2.24
CA VAL D 61 13.07 5.48 3.62
C VAL D 61 14.03 4.62 4.39
N LEU D 62 14.07 3.33 4.10
CA LEU D 62 14.98 2.49 4.81
C LEU D 62 16.41 2.89 4.51
N ALA D 63 16.74 3.21 3.27
CA ALA D 63 18.11 3.57 3.02
C ALA D 63 18.52 4.76 3.88
N VAL D 64 17.62 5.72 4.06
CA VAL D 64 17.94 6.84 4.91
C VAL D 64 18.10 6.38 6.33
N GLU D 65 17.19 5.53 6.80
CA GLU D 65 17.30 5.06 8.15
C GLU D 65 18.60 4.35 8.42
N ARG D 66 19.07 3.54 7.49
CA ARG D 66 20.30 2.83 7.75
C ARG D 66 21.46 3.81 7.81
N TYR D 67 21.44 4.79 6.92
CA TYR D 67 22.50 5.78 6.91
C TYR D 67 22.57 6.51 8.22
N LEU D 68 21.42 6.95 8.70
CA LEU D 68 21.40 7.69 9.92
C LEU D 68 21.79 6.83 11.09
N ARG D 69 21.42 5.56 11.08
CA ARG D 69 21.82 4.70 12.18
C ARG D 69 23.32 4.72 12.29
N ASP D 70 24.02 4.57 11.16
CA ASP D 70 25.47 4.53 11.22
C ASP D 70 26.04 5.85 11.68
N GLN D 71 25.45 6.95 11.23
CA GLN D 71 25.98 8.21 11.67
C GLN D 71 25.74 8.44 13.14
N GLN D 72 24.60 7.99 13.65
CA GLN D 72 24.36 8.20 15.06
C GLN D 72 25.37 7.42 15.84
N LEU D 73 25.70 6.21 15.39
CA LEU D 73 26.62 5.37 16.12
C LEU D 73 28.02 5.97 16.17
N LEU D 74 28.48 6.58 15.07
CA LEU D 74 29.80 7.23 15.11
C LEU D 74 29.73 8.41 16.06
N GLY D 75 28.56 9.04 16.15
CA GLY D 75 28.34 10.13 17.08
C GLY D 75 28.44 9.62 18.51
N ILE D 76 27.86 8.46 18.79
CA ILE D 76 27.87 7.85 20.12
C ILE D 76 29.30 7.57 20.53
N TRP D 77 30.09 7.13 19.60
CA TRP D 77 31.47 6.82 19.87
C TRP D 77 32.38 8.04 19.89
N GLY D 78 31.84 9.20 19.53
CA GLY D 78 32.56 10.45 19.52
C GLY D 78 33.58 10.75 18.44
N CYS D 79 33.52 10.12 17.25
CA CYS D 79 34.49 10.31 16.17
C CYS D 79 33.80 10.72 14.87
N SER D 80 32.62 11.27 15.02
CA SER D 80 31.86 11.70 13.88
C SER D 80 32.59 12.75 13.07
N GLY D 81 32.42 12.61 11.76
CA GLY D 81 33.02 13.50 10.79
C GLY D 81 34.29 12.91 10.19
N LYS D 82 34.79 11.83 10.80
CA LYS D 82 36.00 11.21 10.29
C LYS D 82 35.72 9.89 9.64
N LEU D 83 36.56 9.51 8.67
CA LEU D 83 36.45 8.20 8.08
C LEU D 83 37.29 7.27 8.92
N ILE D 84 38.35 7.83 9.50
CA ILE D 84 39.23 7.05 10.37
C ILE D 84 39.14 7.54 11.84
N CYS D 85 38.68 6.66 12.76
CA CYS D 85 38.51 6.95 14.19
C CYS D 85 39.62 6.32 15.05
N CYS D 86 40.20 7.11 15.94
CA CYS D 86 41.13 6.57 16.92
C CYS D 86 40.39 6.60 18.25
N THR D 87 40.75 5.69 19.15
CA THR D 87 40.05 5.47 20.41
C THR D 87 40.89 5.49 21.66
N ASN D 88 40.21 5.24 22.78
CA ASN D 88 40.84 5.01 24.08
C ASN D 88 40.56 3.58 24.59
N VAL D 89 40.00 2.73 23.73
CA VAL D 89 39.70 1.33 24.03
C VAL D 89 40.74 0.41 23.43
N PRO D 90 41.44 -0.42 24.22
CA PRO D 90 42.51 -1.32 23.81
C PRO D 90 41.94 -2.47 23.05
N TRP D 91 42.75 -3.08 22.21
CA TRP D 91 42.33 -4.27 21.52
C TRP D 91 42.56 -5.49 22.44
N ASN D 92 41.58 -6.40 22.49
CA ASN D 92 41.64 -7.61 23.34
C ASN D 92 42.11 -8.83 22.53
N SER D 93 43.06 -9.58 23.07
CA SER D 93 43.67 -10.78 22.45
C SER D 93 42.63 -11.87 22.24
N THR D 94 41.53 -11.71 22.95
CA THR D 94 40.38 -12.57 22.87
C THR D 94 39.70 -12.39 21.53
N TRP D 95 39.67 -11.14 21.04
CA TRP D 95 39.01 -10.82 19.79
C TRP D 95 39.87 -11.32 18.66
N SER D 96 41.16 -11.07 18.80
CA SER D 96 42.12 -11.51 17.80
C SER D 96 43.49 -11.69 18.38
N ASN D 97 44.10 -12.79 17.99
CA ASN D 97 45.44 -13.14 18.38
C ASN D 97 46.33 -13.22 17.16
N ARG D 98 45.91 -12.52 16.11
CA ARG D 98 46.64 -12.51 14.86
C ARG D 98 47.78 -11.52 14.96
N ASN D 99 48.81 -11.69 14.11
CA ASN D 99 49.98 -10.82 14.00
C ASN D 99 49.57 -9.49 13.37
N LEU D 100 50.20 -8.35 13.79
CA LEU D 100 49.89 -7.03 13.18
C LEU D 100 50.23 -7.06 11.70
N SER D 101 51.24 -7.87 11.32
CA SER D 101 51.58 -7.99 9.93
C SER D 101 50.42 -8.58 9.16
N GLU D 102 49.78 -9.60 9.70
CA GLU D 102 48.65 -10.30 9.11
C GLU D 102 47.43 -9.41 9.07
N ILE D 103 47.27 -8.60 10.08
CA ILE D 103 46.09 -7.79 10.12
C ILE D 103 46.13 -6.73 9.07
N TRP D 104 47.23 -6.02 8.91
CA TRP D 104 47.19 -5.01 7.89
C TRP D 104 47.69 -5.43 6.53
N ASP D 105 48.30 -6.62 6.44
CA ASP D 105 48.73 -7.09 5.16
C ASP D 105 48.49 -8.59 5.05
N ASN D 106 48.45 -9.08 3.83
CA ASN D 106 48.19 -10.47 3.49
C ASN D 106 46.75 -10.94 3.82
N MET D 107 45.86 -9.97 4.04
CA MET D 107 44.43 -10.15 4.27
C MET D 107 43.62 -9.06 3.64
N THR D 108 42.39 -9.40 3.28
CA THR D 108 41.43 -8.45 2.76
C THR D 108 40.45 -8.09 3.86
N TRP D 109 39.64 -7.06 3.63
CA TRP D 109 38.64 -6.68 4.59
C TRP D 109 37.52 -7.67 4.68
N LEU D 110 37.25 -8.39 3.60
CA LEU D 110 36.20 -9.37 3.62
C LEU D 110 36.57 -10.48 4.58
N GLN D 111 37.86 -10.86 4.55
CA GLN D 111 38.32 -11.91 5.42
C GLN D 111 38.32 -11.45 6.85
N TRP D 112 38.79 -10.24 7.07
CA TRP D 112 38.86 -9.73 8.42
C TRP D 112 37.51 -9.66 9.05
N ASP D 113 36.53 -9.17 8.29
CA ASP D 113 35.21 -9.04 8.84
C ASP D 113 34.65 -10.36 9.27
N LYS D 114 34.80 -11.41 8.48
CA LYS D 114 34.19 -12.62 8.99
C LYS D 114 34.94 -13.18 10.19
N GLU D 115 36.26 -13.01 10.24
CA GLU D 115 37.02 -13.58 11.34
C GLU D 115 36.67 -13.02 12.70
N ILE D 116 36.37 -11.73 12.79
CA ILE D 116 36.03 -11.17 14.09
C ILE D 116 34.57 -10.76 14.19
N SER D 117 33.70 -11.34 13.37
CA SER D 117 32.30 -10.92 13.43
C SER D 117 31.61 -11.19 14.79
N ASN D 118 32.12 -12.20 15.54
CA ASN D 118 31.64 -12.68 16.83
C ASN D 118 31.69 -11.64 17.96
N TYR D 119 32.57 -10.60 17.83
CA TYR D 119 32.85 -9.60 18.86
C TYR D 119 32.34 -8.21 18.51
N THR D 120 31.56 -8.09 17.45
CA THR D 120 31.17 -6.76 16.98
C THR D 120 30.50 -5.92 18.06
N GLN D 121 29.58 -6.53 18.74
CA GLN D 121 28.77 -5.92 19.76
C GLN D 121 29.54 -5.60 21.03
N ILE D 122 30.69 -6.25 21.20
CA ILE D 122 31.45 -6.04 22.40
C ILE D 122 32.17 -4.76 22.23
N ILE D 123 32.75 -4.63 21.06
CA ILE D 123 33.51 -3.45 20.79
C ILE D 123 32.62 -2.25 20.83
N TYR D 124 31.45 -2.36 20.23
CA TYR D 124 30.60 -1.20 20.20
C TYR D 124 30.22 -0.76 21.59
N GLY D 125 29.91 -1.70 22.49
CA GLY D 125 29.57 -1.30 23.84
C GLY D 125 30.72 -0.61 24.55
N LEU D 126 31.94 -1.09 24.34
CA LEU D 126 33.08 -0.49 24.99
C LEU D 126 33.32 0.92 24.49
N LEU D 127 33.13 1.14 23.20
CA LEU D 127 33.36 2.45 22.65
C LEU D 127 32.35 3.44 23.22
N GLU D 128 31.10 3.02 23.40
CA GLU D 128 30.09 3.89 23.98
C GLU D 128 30.45 4.33 25.38
N GLU D 129 30.94 3.39 26.19
CA GLU D 129 31.29 3.73 27.55
C GLU D 129 32.47 4.68 27.59
N SER D 130 33.43 4.47 26.71
CA SER D 130 34.60 5.31 26.69
C SER D 130 34.22 6.74 26.41
N GLN D 131 33.33 6.94 25.44
CA GLN D 131 32.96 8.29 25.11
C GLN D 131 32.22 8.99 26.22
N ASN D 132 31.36 8.29 26.93
CA ASN D 132 30.64 8.98 27.97
C ASN D 132 31.57 9.40 29.08
N GLN D 133 32.57 8.59 29.36
CA GLN D 133 33.49 8.96 30.41
C GLN D 133 34.29 10.17 30.00
N GLN D 134 34.71 10.23 28.74
CA GLN D 134 35.48 11.35 28.28
C GLN D 134 34.69 12.64 28.32
N GLU D 135 33.42 12.62 27.89
CA GLU D 135 32.70 13.87 27.92
C GLU D 135 32.48 14.36 29.32
N LYS D 136 32.20 13.46 30.27
CA LYS D 136 31.94 13.95 31.61
C LYS D 136 33.19 14.59 32.17
N ASN D 137 34.35 14.02 31.87
CA ASN D 137 35.56 14.60 32.39
C ASN D 137 35.80 15.98 31.80
N GLU D 138 35.49 16.15 30.51
CA GLU D 138 35.66 17.44 29.86
C GLU D 138 34.71 18.48 30.45
N GLN D 139 33.51 18.07 30.80
CA GLN D 139 32.53 18.98 31.37
C GLN D 139 33.03 19.53 32.69
N ASP D 140 33.64 18.67 33.51
CA ASP D 140 34.17 19.09 34.79
C ASP D 140 35.45 19.90 34.66
N LEU D 141 36.28 19.60 33.67
CA LEU D 141 37.51 20.36 33.48
C LEU D 141 37.24 21.79 33.00
N LEU D 142 36.24 21.95 32.15
CA LEU D 142 35.89 23.29 31.66
C LEU D 142 35.24 24.10 32.78
N ALA D 143 34.41 23.43 33.58
CA ALA D 143 33.67 24.09 34.68
C ALA D 143 34.57 25.10 35.40
N LEU D 144 35.83 24.73 35.63
CA LEU D 144 36.77 25.63 36.36
C LEU D 144 37.63 26.39 35.33
N ASN E 35 47.07 35.56 -3.34
CA ASN E 35 47.28 34.39 -2.50
C ASN E 35 45.99 34.04 -1.71
N LEU E 36 44.94 33.60 -2.43
CA LEU E 36 43.65 33.22 -1.85
C LEU E 36 43.50 31.71 -1.91
N TRP E 37 42.78 31.18 -0.92
CA TRP E 37 42.52 29.77 -0.74
C TRP E 37 41.05 29.45 -0.70
N VAL E 38 40.69 28.24 -1.11
CA VAL E 38 39.31 27.80 -1.17
C VAL E 38 38.63 27.80 0.20
N THR E 39 37.43 28.38 0.24
CA THR E 39 36.59 28.43 1.43
C THR E 39 35.18 27.95 1.05
N VAL E 40 34.59 27.09 1.86
CA VAL E 40 33.26 26.59 1.50
C VAL E 40 32.21 27.21 2.39
N TYR E 41 31.17 27.73 1.76
CA TYR E 41 30.07 28.39 2.46
C TYR E 41 28.74 27.67 2.29
N TYR E 42 28.06 27.42 3.40
CA TYR E 42 26.77 26.77 3.33
C TYR E 42 25.66 27.71 3.74
N GLY E 43 24.68 27.88 2.86
CA GLY E 43 23.57 28.81 3.06
C GLY E 43 23.68 30.03 2.15
N VAL E 44 24.36 29.88 1.01
CA VAL E 44 24.53 30.98 0.08
C VAL E 44 23.22 31.21 -0.69
N PRO E 45 22.82 32.45 -0.98
CA PRO E 45 21.58 32.80 -1.68
C PRO E 45 21.64 32.58 -3.17
N VAL E 46 21.70 31.32 -3.54
CA VAL E 46 21.81 30.88 -4.92
C VAL E 46 20.72 29.90 -5.28
N TRP E 47 20.16 30.03 -6.48
CA TRP E 47 19.12 29.13 -6.93
C TRP E 47 19.19 28.84 -8.40
N LYS E 48 18.56 27.73 -8.80
CA LYS E 48 18.46 27.31 -10.18
C LYS E 48 17.03 26.90 -10.51
N ASP E 49 16.63 27.02 -11.76
CA ASP E 49 15.28 26.67 -12.18
C ASP E 49 14.95 25.23 -11.90
N ALA E 50 13.71 24.94 -11.46
CA ALA E 50 13.39 23.55 -11.20
C ALA E 50 11.91 23.21 -11.29
N GLU E 51 11.62 21.93 -11.50
CA GLU E 51 10.25 21.47 -11.50
C GLU E 51 10.00 20.53 -10.34
N THR E 52 9.08 20.90 -9.47
CA THR E 52 8.76 20.06 -8.32
C THR E 52 7.27 20.04 -8.07
N THR E 53 6.86 19.31 -7.05
CA THR E 53 5.47 19.22 -6.64
C THR E 53 5.14 20.30 -5.64
N LEU E 54 4.07 21.04 -5.88
CA LEU E 54 3.64 22.07 -4.96
C LEU E 54 2.50 21.59 -4.09
N PHE E 55 2.36 22.20 -2.93
CA PHE E 55 1.26 21.88 -2.04
C PHE E 55 0.06 22.73 -2.37
N CYS E 56 -1.15 22.14 -2.26
CA CYS E 56 -2.41 22.86 -2.47
C CYS E 56 -2.91 23.36 -1.11
N ALA E 57 -3.03 24.67 -0.99
CA ALA E 57 -3.49 25.29 0.25
C ALA E 57 -4.64 26.25 -0.03
N SER E 58 -5.48 26.50 0.98
CA SER E 58 -6.61 27.41 0.82
C SER E 58 -6.90 28.20 2.07
N ASP E 59 -7.81 29.17 1.97
CA ASP E 59 -8.14 29.99 3.11
C ASP E 59 -8.70 29.10 4.21
N ALA E 60 -8.28 29.37 5.45
CA ALA E 60 -8.70 28.54 6.61
C ALA E 60 -10.06 29.01 7.13
N LYS E 61 -11.14 28.68 6.40
CA LYS E 61 -12.51 29.06 6.84
C LYS E 61 -13.53 28.13 6.18
N LYS E 66 -16.66 27.03 1.91
CA LYS E 66 -17.48 26.29 2.84
C LYS E 66 -17.24 24.78 2.62
N LYS E 67 -18.09 23.92 3.23
CA LYS E 67 -17.98 22.44 3.18
C LYS E 67 -18.65 21.85 1.96
N HIS E 68 -18.25 20.62 1.59
CA HIS E 68 -18.89 19.86 0.48
C HIS E 68 -18.56 20.50 -0.88
N ASN E 69 -17.48 21.30 -0.89
CA ASN E 69 -16.94 21.95 -2.06
C ASN E 69 -15.72 21.15 -2.41
N VAL E 70 -15.60 20.69 -3.63
CA VAL E 70 -14.51 19.77 -3.93
C VAL E 70 -13.17 20.40 -3.67
N TRP E 71 -12.99 21.61 -4.14
CA TRP E 71 -11.73 22.26 -3.93
C TRP E 71 -11.47 22.60 -2.50
N ALA E 72 -12.46 23.14 -1.80
CA ALA E 72 -12.19 23.51 -0.42
C ALA E 72 -11.91 22.31 0.46
N THR E 73 -12.58 21.20 0.19
CA THR E 73 -12.43 20.01 0.99
C THR E 73 -11.08 19.37 0.81
N HIS E 74 -10.66 19.23 -0.43
CA HIS E 74 -9.41 18.55 -0.68
C HIS E 74 -8.14 19.39 -0.61
N CYS E 75 -8.20 20.71 -0.89
CA CYS E 75 -7.06 21.62 -0.88
C CYS E 75 -7.07 22.15 0.57
N CYS E 76 -6.78 21.20 1.43
CA CYS E 76 -6.97 21.27 2.86
C CYS E 76 -5.93 22.04 3.66
N VAL E 77 -4.76 22.30 3.13
CA VAL E 77 -3.79 22.99 3.98
C VAL E 77 -4.22 24.46 4.15
N PRO E 78 -4.36 24.99 5.37
CA PRO E 78 -4.78 26.35 5.63
C PRO E 78 -3.71 27.37 5.31
N THR E 79 -4.14 28.57 4.94
CA THR E 79 -3.23 29.69 4.72
C THR E 79 -3.55 30.87 5.62
N ASP E 80 -3.23 30.78 6.91
CA ASP E 80 -3.55 31.88 7.83
C ASP E 80 -2.50 33.00 7.87
N PRO E 81 -1.18 32.74 7.76
CA PRO E 81 -0.14 33.75 7.79
C PRO E 81 -0.26 34.62 6.56
N ASN E 82 0.14 35.87 6.67
CA ASN E 82 0.15 36.70 5.48
C ASN E 82 1.36 36.26 4.67
N PRO E 83 1.33 36.35 3.33
CA PRO E 83 2.44 36.03 2.48
C PRO E 83 3.67 36.79 2.90
N GLN E 84 4.76 36.07 2.98
CA GLN E 84 6.02 36.63 3.38
C GLN E 84 6.70 37.10 2.14
N GLU E 85 6.23 38.21 1.62
CA GLU E 85 6.79 38.69 0.39
C GLU E 85 8.05 39.46 0.65
N ILE E 86 9.15 38.95 0.12
CA ILE E 86 10.42 39.59 0.32
C ILE E 86 10.92 40.26 -0.94
N HIS E 87 11.04 41.57 -0.91
CA HIS E 87 11.50 42.25 -2.11
C HIS E 87 12.97 41.97 -2.30
N LEU E 88 13.39 41.67 -3.52
CA LEU E 88 14.80 41.44 -3.72
C LEU E 88 15.42 42.67 -4.33
N GLU E 89 16.26 43.35 -3.58
CA GLU E 89 16.81 44.58 -4.12
C GLU E 89 17.85 44.25 -5.18
N ASN E 90 17.83 44.97 -6.32
CA ASN E 90 18.81 44.87 -7.41
C ASN E 90 18.97 43.43 -7.98
N VAL E 91 17.87 42.66 -8.13
CA VAL E 91 17.86 41.30 -8.68
C VAL E 91 17.08 41.20 -9.96
N THR E 92 17.74 40.73 -11.00
CA THR E 92 17.10 40.57 -12.29
C THR E 92 16.93 39.09 -12.53
N GLU E 93 15.73 38.69 -12.95
CA GLU E 93 15.47 37.28 -13.22
C GLU E 93 14.56 37.09 -14.43
N GLU E 94 14.76 36.01 -15.17
CA GLU E 94 13.96 35.71 -16.36
C GLU E 94 12.79 34.78 -16.14
N PHE E 95 11.63 35.25 -16.57
CA PHE E 95 10.39 34.51 -16.48
C PHE E 95 9.94 34.08 -17.87
N ASN E 96 9.25 32.95 -17.96
CA ASN E 96 8.73 32.49 -19.24
C ASN E 96 7.40 31.81 -19.06
N MET E 97 6.30 32.52 -19.27
CA MET E 97 5.02 31.93 -18.94
C MET E 97 4.66 30.75 -19.82
N TRP E 98 5.16 30.73 -21.03
CA TRP E 98 4.76 29.72 -21.97
C TRP E 98 5.39 28.38 -21.72
N LYS E 99 6.40 28.35 -20.85
CA LYS E 99 7.10 27.13 -20.53
C LYS E 99 6.97 26.81 -19.05
N ASN E 100 6.06 27.52 -18.39
CA ASN E 100 5.87 27.42 -16.97
C ASN E 100 5.25 26.07 -16.59
N ASN E 101 5.86 25.34 -15.66
CA ASN E 101 5.34 24.03 -15.30
C ASN E 101 4.32 24.07 -14.19
N MET E 102 4.04 25.27 -13.70
CA MET E 102 3.04 25.40 -12.66
C MET E 102 1.69 25.27 -13.34
N VAL E 103 1.66 25.64 -14.62
CA VAL E 103 0.47 25.59 -15.42
C VAL E 103 0.13 24.16 -15.68
N GLU E 104 1.15 23.39 -16.03
CA GLU E 104 0.90 22.01 -16.34
C GLU E 104 0.49 21.29 -15.08
N GLN E 105 1.11 21.65 -13.96
CA GLN E 105 0.76 20.97 -12.76
C GLN E 105 -0.68 21.26 -12.38
N MET E 106 -1.17 22.51 -12.53
CA MET E 106 -2.57 22.69 -12.18
C MET E 106 -3.47 21.92 -13.08
N HIS E 107 -3.14 21.84 -14.36
CA HIS E 107 -4.01 21.14 -15.26
C HIS E 107 -4.15 19.70 -14.82
N THR E 108 -3.01 19.07 -14.52
CA THR E 108 -3.03 17.68 -14.13
C THR E 108 -3.78 17.48 -12.82
N ASP E 109 -3.52 18.31 -11.83
CA ASP E 109 -4.17 18.11 -10.56
C ASP E 109 -5.64 18.39 -10.60
N ILE E 110 -6.08 19.37 -11.37
CA ILE E 110 -7.50 19.64 -11.40
C ILE E 110 -8.24 18.50 -12.01
N ILE E 111 -7.73 17.94 -13.10
CA ILE E 111 -8.44 16.83 -13.69
C ILE E 111 -8.45 15.67 -12.74
N SER E 112 -7.31 15.39 -12.11
CA SER E 112 -7.25 14.27 -11.21
C SER E 112 -8.23 14.44 -10.07
N LEU E 113 -8.32 15.64 -9.51
CA LEU E 113 -9.21 15.86 -8.41
C LEU E 113 -10.66 15.70 -8.85
N TRP E 114 -10.97 16.20 -10.03
CA TRP E 114 -12.30 16.10 -10.58
C TRP E 114 -12.72 14.63 -10.58
N ASP E 115 -11.85 13.77 -11.08
CA ASP E 115 -12.20 12.36 -11.15
C ASP E 115 -12.38 11.74 -9.78
N GLN E 116 -11.59 12.15 -8.80
CA GLN E 116 -11.76 11.57 -7.48
C GLN E 116 -13.08 11.98 -6.88
N SER E 117 -13.53 13.18 -7.20
CA SER E 117 -14.79 13.66 -6.69
C SER E 117 -15.94 12.84 -7.20
N LEU E 118 -15.91 12.52 -8.50
CA LEU E 118 -17.00 11.77 -9.11
C LEU E 118 -16.91 10.26 -8.93
N LYS E 119 -15.71 9.75 -8.69
CA LYS E 119 -15.50 8.32 -8.55
C LYS E 119 -16.53 7.53 -7.70
N PRO E 120 -16.94 7.94 -6.49
CA PRO E 120 -17.87 7.21 -5.65
C PRO E 120 -19.37 7.42 -5.91
N CYS E 121 -19.77 8.13 -6.99
CA CYS E 121 -21.15 8.49 -7.28
C CYS E 121 -21.86 7.44 -8.13
N VAL E 122 -23.18 7.47 -8.10
CA VAL E 122 -24.07 6.55 -8.82
C VAL E 122 -23.87 6.58 -10.34
N LYS E 123 -23.88 5.38 -10.93
CA LYS E 123 -23.71 5.24 -12.37
C LYS E 123 -25.07 5.37 -13.02
N LEU E 124 -25.14 5.94 -14.23
CA LEU E 124 -26.40 6.04 -14.93
C LEU E 124 -26.46 5.13 -16.10
N THR E 125 -25.59 4.16 -16.13
CA THR E 125 -25.56 3.24 -17.22
C THR E 125 -26.88 2.45 -17.33
N PRO E 126 -27.61 2.14 -16.23
CA PRO E 126 -28.91 1.50 -16.26
C PRO E 126 -29.97 2.29 -17.01
N LEU E 127 -29.73 3.57 -17.26
CA LEU E 127 -30.71 4.40 -17.98
C LEU E 127 -30.52 4.44 -19.50
N CYS E 128 -29.49 3.78 -20.07
CA CYS E 128 -29.23 3.81 -21.51
C CYS E 128 -30.14 2.79 -22.19
N VAL E 129 -31.41 3.21 -22.33
CA VAL E 129 -32.51 2.42 -22.87
C VAL E 129 -33.20 3.20 -23.97
N THR E 130 -34.03 2.54 -24.76
CA THR E 130 -34.75 3.28 -25.78
C THR E 130 -35.75 4.18 -25.10
N LEU E 131 -35.78 5.43 -25.50
CA LEU E 131 -36.69 6.41 -24.95
C LEU E 131 -37.84 6.65 -25.91
N GLN E 132 -39.03 6.90 -25.38
CA GLN E 132 -40.18 7.33 -26.17
C GLN E 132 -40.34 8.81 -25.93
N CYS E 133 -40.14 9.67 -26.96
CA CYS E 133 -40.12 11.13 -26.75
C CYS E 133 -41.07 11.87 -27.67
N THR E 134 -41.64 12.93 -27.12
CA THR E 134 -42.47 13.90 -27.81
C THR E 134 -41.95 15.27 -27.39
N ASN E 135 -42.45 16.30 -28.05
CA ASN E 135 -41.98 17.67 -27.75
C ASN E 135 -42.71 18.19 -26.51
N VAL E 136 -42.16 19.21 -25.84
CA VAL E 136 -42.93 19.97 -24.86
C VAL E 136 -43.59 21.09 -25.61
N THR E 137 -44.92 21.17 -25.52
CA THR E 137 -45.68 22.17 -26.22
C THR E 137 -46.32 23.15 -25.25
N ASN E 138 -46.00 22.97 -23.99
CA ASN E 138 -46.59 23.76 -22.93
C ASN E 138 -45.84 25.05 -22.69
N ASN E 139 -46.52 26.17 -22.89
CA ASN E 139 -45.96 27.50 -22.71
C ASN E 139 -44.69 27.76 -23.52
N ILE E 140 -44.71 27.33 -24.76
CA ILE E 140 -43.58 27.48 -25.66
C ILE E 140 -43.58 28.71 -26.51
N THR E 141 -42.46 29.39 -26.47
CA THR E 141 -42.20 30.56 -27.28
C THR E 141 -41.43 30.14 -28.51
N ASP E 142 -41.13 31.05 -29.37
CA ASP E 142 -40.49 30.65 -30.61
C ASP E 142 -39.05 30.19 -30.47
N ASP E 143 -38.35 30.73 -29.49
CA ASP E 143 -36.93 30.47 -29.30
C ASP E 143 -36.62 29.10 -28.72
N MET E 144 -37.53 28.57 -27.93
CA MET E 144 -37.33 27.28 -27.29
C MET E 144 -38.15 26.19 -27.93
N ARG E 145 -38.69 26.50 -29.08
CA ARG E 145 -39.52 25.53 -29.72
C ARG E 145 -38.63 24.44 -30.24
N GLY E 146 -38.90 23.21 -29.82
CA GLY E 146 -38.11 22.05 -30.22
C GLY E 146 -36.86 21.84 -29.36
N GLU E 147 -36.60 22.73 -28.40
CA GLU E 147 -35.40 22.59 -27.60
C GLU E 147 -35.59 21.71 -26.39
N LEU E 148 -36.80 21.70 -25.87
CA LEU E 148 -37.06 20.91 -24.68
C LEU E 148 -37.93 19.74 -25.09
N LYS E 149 -37.50 18.54 -24.74
CA LYS E 149 -38.22 17.35 -25.15
C LYS E 149 -38.59 16.43 -23.95
N ASN E 150 -39.84 15.92 -23.97
CA ASN E 150 -40.47 15.09 -22.92
C ASN E 150 -40.38 13.59 -23.25
N CYS E 151 -39.56 12.84 -22.48
CA CYS E 151 -39.28 11.43 -22.73
C CYS E 151 -39.80 10.55 -21.60
N SER E 152 -40.17 9.33 -21.96
CA SER E 152 -40.57 8.36 -20.98
C SER E 152 -39.93 7.04 -21.30
N PHE E 153 -39.68 6.26 -20.28
CA PHE E 153 -39.03 4.98 -20.52
C PHE E 153 -39.20 3.93 -19.42
N ASN E 154 -38.92 2.66 -19.79
CA ASN E 154 -38.90 1.49 -18.92
C ASN E 154 -37.51 1.33 -18.29
N MET E 155 -37.43 1.45 -16.96
CA MET E 155 -36.20 1.37 -16.15
C MET E 155 -36.43 0.52 -14.92
N THR E 156 -35.33 0.17 -14.26
CA THR E 156 -35.36 -0.69 -13.10
C THR E 156 -35.86 -0.03 -11.83
N THR E 157 -36.13 -0.90 -10.86
CA THR E 157 -36.64 -0.64 -9.53
C THR E 157 -35.77 -1.24 -8.45
N GLU E 158 -36.13 -1.04 -7.17
CA GLU E 158 -35.31 -1.59 -6.09
C GLU E 158 -35.14 -3.08 -6.23
N LEU E 159 -36.21 -3.76 -6.63
CA LEU E 159 -36.14 -5.20 -6.82
C LEU E 159 -35.81 -5.46 -8.25
N ARG E 160 -35.04 -6.50 -8.49
CA ARG E 160 -34.58 -6.86 -9.83
C ARG E 160 -35.64 -7.48 -10.73
N ASP E 161 -36.80 -7.78 -10.17
CA ASP E 161 -37.89 -8.37 -10.91
C ASP E 161 -38.80 -7.33 -11.52
N LYS E 162 -38.82 -6.15 -10.93
CA LYS E 162 -39.79 -5.18 -11.34
C LYS E 162 -39.25 -4.12 -12.26
N LYS E 163 -40.16 -3.50 -12.97
CA LYS E 163 -39.86 -2.39 -13.85
C LYS E 163 -40.83 -1.29 -13.58
N GLN E 164 -40.40 -0.08 -13.87
CA GLN E 164 -41.24 1.08 -13.73
C GLN E 164 -41.15 1.98 -14.93
N LYS E 165 -42.20 2.73 -15.18
CA LYS E 165 -42.17 3.70 -16.25
C LYS E 165 -42.04 5.07 -15.66
N VAL E 166 -41.07 5.82 -16.12
CA VAL E 166 -40.84 7.14 -15.57
C VAL E 166 -40.83 8.18 -16.64
N TYR E 167 -40.99 9.45 -16.26
CA TYR E 167 -40.98 10.53 -17.29
C TYR E 167 -40.08 11.70 -16.85
N SER E 168 -39.18 12.10 -17.74
CA SER E 168 -38.16 13.11 -17.51
C SER E 168 -37.99 14.06 -18.67
N LEU E 169 -37.45 15.23 -18.39
CA LEU E 169 -37.18 16.14 -19.49
C LEU E 169 -35.74 16.20 -19.84
N PHE E 170 -35.48 16.36 -21.12
CA PHE E 170 -34.15 16.50 -21.65
C PHE E 170 -34.01 17.67 -22.58
N TYR E 171 -32.82 18.19 -22.67
CA TYR E 171 -32.57 19.20 -23.66
C TYR E 171 -32.21 18.49 -24.93
N ARG E 172 -32.55 19.06 -26.07
CA ARG E 172 -32.28 18.46 -27.35
C ARG E 172 -30.83 18.08 -27.55
N LEU E 173 -29.92 18.87 -27.03
CA LEU E 173 -28.51 18.62 -27.23
C LEU E 173 -28.02 17.28 -26.66
N ASP E 174 -28.72 16.72 -25.69
CA ASP E 174 -28.34 15.46 -25.05
C ASP E 174 -28.97 14.22 -25.67
N VAL E 175 -29.93 14.39 -26.56
CA VAL E 175 -30.70 13.25 -27.04
C VAL E 175 -30.67 13.08 -28.56
N VAL E 176 -30.39 11.87 -29.01
CA VAL E 176 -30.30 11.61 -30.45
C VAL E 176 -31.34 10.65 -30.97
N GLN E 177 -31.93 11.04 -32.10
CA GLN E 177 -32.95 10.23 -32.77
C GLN E 177 -32.38 9.02 -33.44
N ILE E 178 -33.09 7.92 -33.33
CA ILE E 178 -32.71 6.69 -33.98
C ILE E 178 -33.87 6.26 -34.88
N ASN E 179 -33.62 5.35 -35.86
CA ASN E 179 -34.62 4.81 -36.81
C ASN E 179 -35.40 5.92 -37.53
N LYS E 191 -40.17 9.01 -32.70
CA LYS E 191 -40.36 9.00 -31.24
C LYS E 191 -39.29 8.17 -30.53
N GLU E 192 -38.47 7.44 -31.29
CA GLU E 192 -37.43 6.61 -30.66
C GLU E 192 -36.11 7.35 -30.55
N TYR E 193 -35.64 7.48 -29.33
CA TYR E 193 -34.43 8.20 -28.99
C TYR E 193 -33.52 7.50 -28.01
N ARG E 194 -32.27 7.89 -28.00
CA ARG E 194 -31.32 7.43 -27.00
C ARG E 194 -30.48 8.57 -26.51
N LEU E 195 -29.83 8.38 -25.39
CA LEU E 195 -28.94 9.42 -24.92
C LEU E 195 -27.74 9.39 -25.81
N ILE E 196 -27.13 10.55 -26.04
CA ILE E 196 -25.99 10.52 -26.93
C ILE E 196 -24.81 9.76 -26.38
N ASN E 197 -24.57 9.82 -25.09
CA ASN E 197 -23.44 9.09 -24.55
C ASN E 197 -23.77 7.66 -24.12
N CYS E 198 -24.04 6.84 -25.15
CA CYS E 198 -24.37 5.42 -25.10
C CYS E 198 -23.45 4.58 -25.94
N ASN E 199 -22.90 5.12 -27.00
CA ASN E 199 -22.08 4.27 -27.86
C ASN E 199 -20.56 4.44 -27.62
N THR E 200 -20.12 5.60 -27.09
CA THR E 200 -18.71 5.97 -26.90
C THR E 200 -18.26 6.07 -25.46
N SER E 201 -19.18 6.10 -24.53
CA SER E 201 -18.79 6.34 -23.16
C SER E 201 -19.79 5.88 -22.14
N ALA E 202 -19.37 5.89 -20.89
CA ALA E 202 -20.28 5.61 -19.78
C ALA E 202 -20.69 6.93 -19.15
N ILE E 203 -21.89 6.98 -18.63
CA ILE E 203 -22.37 8.18 -17.96
C ILE E 203 -22.52 7.96 -16.50
N THR E 204 -21.95 8.86 -15.71
CA THR E 204 -22.11 8.78 -14.28
C THR E 204 -22.82 10.03 -13.84
N GLN E 205 -23.46 10.02 -12.68
CA GLN E 205 -24.11 11.25 -12.21
C GLN E 205 -23.29 11.88 -11.13
N ALA E 206 -23.15 13.18 -11.19
CA ALA E 206 -22.43 13.82 -10.11
C ALA E 206 -23.29 13.74 -8.88
N CYS E 207 -22.68 13.57 -7.70
CA CYS E 207 -23.37 13.54 -6.41
C CYS E 207 -23.97 14.93 -6.15
N PRO E 208 -25.26 15.03 -5.82
CA PRO E 208 -26.00 16.27 -5.63
C PRO E 208 -25.51 17.11 -4.48
N LYS E 209 -24.72 16.50 -3.61
CA LYS E 209 -24.18 17.16 -2.45
C LYS E 209 -22.85 17.82 -2.72
N VAL E 210 -22.31 17.61 -3.92
CA VAL E 210 -20.98 18.10 -4.23
C VAL E 210 -20.97 19.36 -5.06
N SER E 211 -20.32 20.38 -4.53
CA SER E 211 -20.20 21.65 -5.20
C SER E 211 -18.91 21.82 -5.96
N PHE E 212 -19.02 22.38 -7.15
CA PHE E 212 -17.88 22.66 -7.98
C PHE E 212 -17.66 24.15 -8.14
N GLU E 213 -18.08 24.92 -7.17
CA GLU E 213 -17.86 26.36 -7.22
C GLU E 213 -16.36 26.66 -6.98
N PRO E 214 -15.67 27.37 -7.87
CA PRO E 214 -14.27 27.71 -7.70
C PRO E 214 -14.02 28.51 -6.44
N ILE E 215 -13.00 28.13 -5.68
CA ILE E 215 -12.61 28.87 -4.50
C ILE E 215 -11.13 29.15 -4.71
N PRO E 216 -10.50 30.13 -4.04
CA PRO E 216 -9.09 30.43 -4.19
C PRO E 216 -8.17 29.30 -3.80
N ILE E 217 -7.21 29.03 -4.64
CA ILE E 217 -6.20 28.02 -4.41
C ILE E 217 -4.85 28.67 -4.38
N HIS E 218 -4.05 28.32 -3.39
CA HIS E 218 -2.70 28.85 -3.29
C HIS E 218 -1.71 27.71 -3.47
N TYR E 219 -0.72 27.88 -4.34
CA TYR E 219 0.28 26.83 -4.46
C TYR E 219 1.50 27.20 -3.67
N CYS E 220 1.94 26.30 -2.77
CA CYS E 220 3.02 26.57 -1.82
C CYS E 220 4.23 25.67 -2.08
N ALA E 221 5.41 26.25 -2.01
CA ALA E 221 6.63 25.50 -2.25
C ALA E 221 6.97 24.58 -1.08
N PRO E 222 7.58 23.42 -1.34
CA PRO E 222 8.16 22.53 -0.35
C PRO E 222 9.45 23.13 0.15
N ALA E 223 9.89 22.73 1.33
CA ALA E 223 11.17 23.24 1.82
C ALA E 223 12.25 22.91 0.81
N GLY E 224 13.17 23.85 0.62
CA GLY E 224 14.27 23.68 -0.32
C GLY E 224 13.98 24.40 -1.64
N PHE E 225 12.75 24.87 -1.78
CA PHE E 225 12.25 25.57 -2.95
C PHE E 225 11.63 26.92 -2.61
N ALA E 226 11.57 27.78 -3.60
CA ALA E 226 10.96 29.09 -3.41
C ALA E 226 10.22 29.54 -4.65
N ILE E 227 9.21 30.39 -4.49
CA ILE E 227 8.50 30.89 -5.63
C ILE E 227 8.88 32.33 -5.91
N LEU E 228 9.33 32.58 -7.11
CA LEU E 228 9.72 33.92 -7.47
C LEU E 228 8.57 34.56 -8.19
N LYS E 229 8.23 35.74 -7.77
CA LYS E 229 7.13 36.50 -8.29
C LYS E 229 7.61 37.72 -9.07
N CYS E 230 7.11 37.90 -10.31
CA CYS E 230 7.41 39.05 -11.14
C CYS E 230 6.34 40.12 -10.90
N LYS E 231 6.78 41.26 -10.39
CA LYS E 231 5.87 42.34 -10.08
C LYS E 231 6.00 43.48 -11.06
N ASP E 232 6.77 43.30 -12.11
CA ASP E 232 6.90 44.39 -13.04
C ASP E 232 5.56 44.72 -13.59
N LYS E 233 5.29 45.99 -13.74
CA LYS E 233 4.02 46.31 -14.30
C LYS E 233 4.17 46.26 -15.78
N LYS E 234 3.07 45.95 -16.43
CA LYS E 234 3.00 45.90 -17.88
C LYS E 234 4.01 44.89 -18.40
N PHE E 235 4.14 43.78 -17.70
CA PHE E 235 5.06 42.74 -18.10
C PHE E 235 4.51 41.87 -19.24
N ASN E 236 5.35 41.64 -20.26
CA ASN E 236 4.98 40.78 -21.42
C ASN E 236 5.45 39.34 -21.14
N GLY E 237 4.80 38.37 -21.78
CA GLY E 237 4.83 36.94 -21.38
C GLY E 237 6.22 36.39 -21.05
N THR E 238 7.24 36.90 -21.71
CA THR E 238 8.57 36.40 -21.43
C THR E 238 9.60 37.48 -21.24
N GLY E 239 10.71 37.09 -20.63
CA GLY E 239 11.89 37.93 -20.51
C GLY E 239 12.16 38.34 -19.08
N PRO E 240 13.24 39.10 -18.85
CA PRO E 240 13.71 39.57 -17.56
C PRO E 240 12.70 40.47 -16.88
N CYS E 241 12.64 40.37 -15.53
CA CYS E 241 11.85 41.19 -14.63
C CYS E 241 12.82 41.89 -13.70
N THR E 242 12.48 43.13 -13.38
CA THR E 242 13.24 43.96 -12.46
C THR E 242 12.70 43.88 -11.02
N ASN E 243 11.39 44.13 -10.88
CA ASN E 243 10.71 44.03 -9.55
C ASN E 243 10.43 42.56 -9.24
N VAL E 244 11.40 41.87 -8.63
CA VAL E 244 11.30 40.45 -8.32
C VAL E 244 11.22 40.30 -6.82
N SER E 245 10.28 39.51 -6.37
CA SER E 245 10.15 39.26 -4.95
C SER E 245 9.98 37.78 -4.72
N THR E 246 10.21 37.34 -3.50
CA THR E 246 10.06 35.93 -3.20
C THR E 246 8.91 35.68 -2.26
N VAL E 247 8.10 34.68 -2.57
CA VAL E 247 7.00 34.32 -1.70
C VAL E 247 7.00 32.82 -1.39
N GLN E 248 6.35 32.43 -0.30
CA GLN E 248 6.24 31.00 -0.07
C GLN E 248 5.06 30.32 -0.80
N CYS E 249 4.01 31.10 -1.17
CA CYS E 249 2.78 30.64 -1.83
C CYS E 249 2.39 31.67 -2.87
N THR E 250 1.68 31.21 -3.88
CA THR E 250 1.13 32.08 -4.91
C THR E 250 -0.10 32.80 -4.42
N HIS E 251 -0.51 33.79 -5.21
CA HIS E 251 -1.72 34.55 -5.02
C HIS E 251 -2.84 33.57 -5.21
N GLY E 252 -3.92 33.70 -4.49
CA GLY E 252 -4.95 32.71 -4.70
C GLY E 252 -5.50 32.80 -6.11
N ILE E 253 -5.76 31.64 -6.70
CA ILE E 253 -6.33 31.51 -8.02
C ILE E 253 -7.63 30.77 -7.98
N LYS E 254 -8.67 31.32 -8.58
CA LYS E 254 -9.90 30.56 -8.62
C LYS E 254 -9.88 29.73 -9.90
N PRO E 255 -10.05 28.41 -9.84
CA PRO E 255 -10.02 27.50 -10.97
C PRO E 255 -11.30 27.57 -11.78
N VAL E 256 -11.51 28.70 -12.42
CA VAL E 256 -12.69 28.93 -13.22
C VAL E 256 -12.51 28.28 -14.57
N VAL E 257 -13.50 27.52 -15.00
CA VAL E 257 -13.44 26.87 -16.28
C VAL E 257 -14.33 27.59 -17.27
N SER E 258 -13.74 27.98 -18.39
CA SER E 258 -14.47 28.67 -19.42
C SER E 258 -13.80 28.52 -20.76
N THR E 259 -14.54 28.86 -21.80
CA THR E 259 -13.96 28.92 -23.15
C THR E 259 -14.15 30.31 -23.71
N GLN E 260 -13.32 30.69 -24.68
CA GLN E 260 -13.39 31.97 -25.39
C GLN E 260 -13.14 33.22 -24.54
N LEU E 261 -13.92 33.43 -23.50
CA LEU E 261 -13.71 34.56 -22.61
C LEU E 261 -13.23 34.05 -21.26
N LEU E 262 -12.34 34.79 -20.64
CA LEU E 262 -11.81 34.47 -19.33
C LEU E 262 -12.58 35.24 -18.29
N LEU E 263 -12.93 34.57 -17.21
CA LEU E 263 -13.70 35.22 -16.16
C LEU E 263 -13.08 35.14 -14.78
N ASN E 264 -13.37 36.16 -13.95
CA ASN E 264 -13.03 36.33 -12.53
C ASN E 264 -11.51 36.20 -12.24
N GLY E 265 -10.63 36.73 -13.12
CA GLY E 265 -9.17 36.73 -12.98
C GLY E 265 -8.64 38.12 -12.62
N SER E 266 -7.36 38.33 -12.87
CA SER E 266 -6.71 39.59 -12.59
C SER E 266 -7.06 40.62 -13.65
N LEU E 267 -6.81 41.90 -13.39
CA LEU E 267 -7.11 42.96 -14.35
C LEU E 267 -5.97 43.65 -15.06
N ALA E 268 -4.85 43.02 -15.29
CA ALA E 268 -3.81 43.71 -16.07
C ALA E 268 -3.39 45.09 -15.55
N GLU E 269 -3.34 45.28 -14.23
CA GLU E 269 -2.86 46.55 -13.70
C GLU E 269 -3.51 47.80 -14.33
N GLU E 270 -2.68 48.57 -15.05
CA GLU E 270 -3.01 49.86 -15.65
C GLU E 270 -3.51 49.90 -17.11
N GLU E 271 -3.39 48.83 -17.88
CA GLU E 271 -3.74 48.93 -19.31
C GLU E 271 -4.06 47.60 -19.93
N VAL E 272 -4.50 47.59 -21.17
CA VAL E 272 -4.72 46.33 -21.83
C VAL E 272 -3.38 45.74 -22.21
N ILE E 273 -3.19 44.48 -21.86
CA ILE E 273 -1.92 43.81 -22.12
C ILE E 273 -2.09 42.59 -22.99
N ILE E 274 -1.32 42.52 -24.06
CA ILE E 274 -1.40 41.38 -24.94
C ILE E 274 -0.23 40.44 -24.75
N ARG E 275 -0.51 39.18 -24.45
CA ARG E 275 0.56 38.21 -24.25
C ARG E 275 0.38 37.02 -25.20
N SER E 276 1.44 36.60 -25.84
CA SER E 276 1.33 35.45 -26.73
C SER E 276 2.66 34.76 -26.73
N GLU E 277 2.69 33.49 -27.11
CA GLU E 277 3.98 32.82 -27.23
C GLU E 277 4.84 33.40 -28.39
N ASN E 278 4.18 33.67 -29.53
CA ASN E 278 4.73 34.19 -30.78
C ASN E 278 3.60 34.96 -31.49
N ILE E 279 3.67 36.32 -31.52
CA ILE E 279 2.61 37.18 -32.09
C ILE E 279 2.49 37.04 -33.61
N THR E 280 3.63 36.82 -34.25
CA THR E 280 3.78 36.65 -35.69
C THR E 280 3.12 35.37 -36.20
N ASN E 281 3.24 34.30 -35.43
CA ASN E 281 2.76 32.97 -35.78
C ASN E 281 1.25 32.84 -35.57
N ASN E 282 0.50 32.67 -36.65
CA ASN E 282 -0.95 32.65 -36.55
C ASN E 282 -1.49 31.35 -35.99
N ALA E 283 -0.62 30.42 -35.68
CA ALA E 283 -1.02 29.16 -35.08
C ALA E 283 -1.09 29.24 -33.55
N LYS E 284 -0.68 30.37 -32.96
CA LYS E 284 -0.69 30.52 -31.52
C LYS E 284 -1.91 31.27 -31.01
N ASN E 285 -2.29 31.00 -29.77
CA ASN E 285 -3.38 31.75 -29.16
C ASN E 285 -2.86 33.00 -28.51
N ILE E 286 -3.69 34.02 -28.44
CA ILE E 286 -3.34 35.26 -27.80
C ILE E 286 -4.17 35.47 -26.55
N LEU E 287 -3.51 35.70 -25.44
CA LEU E 287 -4.24 35.94 -24.21
C LEU E 287 -4.24 37.42 -23.93
N VAL E 288 -5.42 38.00 -23.81
CA VAL E 288 -5.47 39.43 -23.60
C VAL E 288 -6.10 39.75 -22.28
N GLN E 289 -5.41 40.51 -21.45
CA GLN E 289 -5.99 40.89 -20.17
C GLN E 289 -6.46 42.33 -20.25
N LEU E 290 -7.60 42.57 -19.62
CA LEU E 290 -8.23 43.87 -19.66
C LEU E 290 -8.07 44.58 -18.31
N ASN E 291 -8.00 45.94 -18.30
CA ASN E 291 -7.86 46.75 -17.08
C ASN E 291 -9.19 47.33 -16.54
N GLU E 292 -10.33 46.86 -17.06
CA GLU E 292 -11.67 47.22 -16.64
C GLU E 292 -12.42 45.90 -16.64
N SER E 293 -13.24 45.67 -15.64
CA SER E 293 -14.04 44.47 -15.61
C SER E 293 -15.24 44.69 -16.48
N VAL E 294 -15.67 43.69 -17.22
CA VAL E 294 -16.92 43.88 -17.96
C VAL E 294 -17.98 43.07 -17.26
N GLN E 295 -19.08 43.69 -16.87
CA GLN E 295 -20.07 42.91 -16.16
C GLN E 295 -20.92 42.14 -17.12
N ILE E 296 -21.12 40.87 -16.80
CA ILE E 296 -22.00 40.01 -17.57
C ILE E 296 -23.01 39.33 -16.61
N ASN E 297 -24.31 39.48 -16.92
CA ASN E 297 -25.39 38.81 -16.16
C ASN E 297 -25.91 37.63 -16.97
N CYS E 298 -25.80 36.42 -16.41
CA CYS E 298 -26.28 35.18 -17.05
C CYS E 298 -27.43 34.59 -16.26
N THR E 299 -28.51 34.34 -16.98
CA THR E 299 -29.72 33.81 -16.37
C THR E 299 -30.32 32.62 -17.09
N ARG E 300 -30.86 31.71 -16.31
CA ARG E 300 -31.61 30.58 -16.79
C ARG E 300 -32.95 30.77 -16.12
N PRO E 301 -33.86 31.52 -16.74
CA PRO E 301 -35.09 32.03 -16.17
C PRO E 301 -36.11 30.97 -15.78
N ASN E 302 -36.00 29.78 -16.33
CA ASN E 302 -36.99 28.80 -16.00
C ASN E 302 -36.83 28.18 -14.62
N ASN E 303 -38.01 28.02 -13.95
CA ASN E 303 -38.19 27.46 -12.62
C ASN E 303 -38.37 25.94 -12.70
N ASN E 304 -37.30 25.19 -12.40
CA ASN E 304 -37.26 23.73 -12.46
C ASN E 304 -37.62 23.08 -11.15
N THR E 305 -38.03 21.83 -11.25
CA THR E 305 -38.28 21.00 -10.09
C THR E 305 -37.53 19.73 -10.37
N ARG E 306 -37.22 18.99 -9.33
CA ARG E 306 -36.47 17.76 -9.49
C ARG E 306 -37.24 16.53 -9.05
N LYS E 307 -37.05 15.43 -9.76
CA LYS E 307 -37.65 14.17 -9.38
C LYS E 307 -36.62 13.17 -8.94
N SER E 308 -36.87 12.54 -7.81
CA SER E 308 -35.94 11.55 -7.30
C SER E 308 -36.45 10.15 -7.62
N ILE E 309 -35.67 9.41 -8.39
CA ILE E 309 -36.06 8.10 -8.83
C ILE E 309 -35.16 6.97 -8.35
N ARG E 310 -35.76 5.93 -7.77
CA ARG E 310 -34.94 4.81 -7.33
C ARG E 310 -34.60 3.80 -8.38
N ILE E 311 -33.46 4.01 -8.99
CA ILE E 311 -32.90 3.15 -10.02
C ILE E 311 -32.51 1.77 -9.48
N GLY E 312 -32.15 1.69 -8.21
CA GLY E 312 -31.77 0.40 -7.65
C GLY E 312 -31.50 0.54 -6.16
N PRO E 313 -31.08 -0.52 -5.47
CA PRO E 313 -30.89 -0.54 -4.05
C PRO E 313 -29.90 0.49 -3.57
N GLY E 314 -30.40 1.48 -2.87
CA GLY E 314 -29.60 2.55 -2.29
C GLY E 314 -29.16 3.57 -3.32
N GLN E 315 -29.63 3.44 -4.54
CA GLN E 315 -29.18 4.34 -5.57
C GLN E 315 -30.25 5.32 -5.95
N TRP E 316 -29.84 6.51 -6.32
CA TRP E 316 -30.80 7.46 -6.82
C TRP E 316 -30.40 8.12 -8.09
N PHE E 317 -31.38 8.36 -8.92
CA PHE E 317 -31.24 9.13 -10.12
C PHE E 317 -32.02 10.40 -10.02
N TYR E 318 -31.38 11.51 -10.32
CA TYR E 318 -32.10 12.76 -10.27
C TYR E 318 -32.42 13.25 -11.64
N ALA E 319 -33.72 13.32 -11.93
CA ALA E 319 -34.27 13.70 -13.20
C ALA E 319 -34.84 15.09 -13.22
N THR E 320 -34.85 15.72 -14.38
CA THR E 320 -35.50 17.01 -14.52
C THR E 320 -37.01 16.79 -14.56
N GLY E 321 -37.76 17.51 -13.72
CA GLY E 321 -39.22 17.39 -13.71
C GLY E 321 -39.85 18.49 -14.55
N ASP E 322 -41.15 18.70 -14.42
CA ASP E 322 -41.82 19.73 -15.21
C ASP E 322 -41.40 21.14 -14.87
N ILE E 323 -41.42 22.01 -15.87
CA ILE E 323 -41.15 23.42 -15.67
C ILE E 323 -42.40 24.11 -15.19
N ILE E 324 -42.26 24.92 -14.17
CA ILE E 324 -43.40 25.62 -13.66
C ILE E 324 -43.33 27.05 -14.18
N GLY E 325 -44.29 27.41 -15.02
CA GLY E 325 -44.29 28.73 -15.62
C GLY E 325 -43.91 28.66 -17.10
N ASP E 326 -43.74 29.82 -17.71
CA ASP E 326 -43.44 29.92 -19.13
C ASP E 326 -42.04 29.48 -19.45
N ILE E 327 -41.81 29.00 -20.68
CA ILE E 327 -40.48 28.58 -21.12
C ILE E 327 -39.75 29.64 -21.93
N ARG E 328 -38.53 29.95 -21.50
CA ARG E 328 -37.69 30.97 -22.12
C ARG E 328 -36.25 30.51 -22.31
N GLN E 329 -35.58 31.10 -23.29
CA GLN E 329 -34.21 30.76 -23.57
C GLN E 329 -33.26 31.38 -22.57
N ALA E 330 -32.25 30.62 -22.16
CA ALA E 330 -31.22 31.12 -21.27
C ALA E 330 -30.45 32.17 -22.01
N HIS E 331 -29.95 33.16 -21.31
CA HIS E 331 -29.21 34.22 -21.98
C HIS E 331 -28.26 34.97 -21.05
N CYS E 332 -27.27 35.71 -21.61
CA CYS E 332 -26.34 36.58 -20.89
C CYS E 332 -26.36 38.01 -21.43
N ASN E 333 -26.33 38.98 -20.50
CA ASN E 333 -26.35 40.42 -20.85
C ASN E 333 -24.95 41.03 -20.68
N VAL E 334 -24.51 41.78 -21.69
CA VAL E 334 -23.25 42.56 -21.71
C VAL E 334 -23.53 44.03 -22.04
N SER E 335 -23.05 44.96 -21.22
CA SER E 335 -23.28 46.37 -21.52
C SER E 335 -22.73 46.75 -22.88
N LYS E 336 -23.53 47.49 -23.66
CA LYS E 336 -23.13 47.85 -25.00
C LYS E 336 -21.93 48.77 -25.06
N ALA E 337 -21.98 49.84 -24.28
CA ALA E 337 -20.87 50.77 -24.34
C ALA E 337 -19.64 50.15 -23.72
N THR E 338 -19.82 49.37 -22.65
CA THR E 338 -18.64 48.86 -22.01
C THR E 338 -17.93 47.95 -22.97
N TRP E 339 -18.67 47.08 -23.63
CA TRP E 339 -18.02 46.17 -24.54
C TRP E 339 -17.33 46.91 -25.69
N ASN E 340 -18.01 47.93 -26.30
CA ASN E 340 -17.49 48.70 -27.45
C ASN E 340 -16.17 49.40 -27.11
N GLU E 341 -16.08 50.05 -25.92
CA GLU E 341 -14.87 50.74 -25.49
C GLU E 341 -13.77 49.76 -25.15
N THR E 342 -14.12 48.65 -24.52
CA THR E 342 -13.15 47.66 -24.15
C THR E 342 -12.53 47.07 -25.37
N LEU E 343 -13.35 46.77 -26.36
CA LEU E 343 -12.81 46.16 -27.52
C LEU E 343 -11.92 47.16 -28.24
N GLY E 344 -12.32 48.43 -28.30
CA GLY E 344 -11.50 49.41 -28.98
C GLY E 344 -10.10 49.51 -28.35
N LYS E 345 -10.03 49.35 -27.02
CA LYS E 345 -8.75 49.41 -26.33
C LYS E 345 -7.86 48.25 -26.78
N VAL E 346 -8.48 47.09 -27.00
CA VAL E 346 -7.75 45.92 -27.45
C VAL E 346 -7.24 46.17 -28.83
N VAL E 347 -8.06 46.77 -29.67
CA VAL E 347 -7.69 47.05 -31.03
C VAL E 347 -6.49 47.97 -31.09
N LYS E 348 -6.47 49.02 -30.27
CA LYS E 348 -5.31 49.89 -30.26
C LYS E 348 -4.06 49.10 -29.94
N GLN E 349 -4.15 48.22 -28.94
CA GLN E 349 -2.99 47.43 -28.57
C GLN E 349 -2.60 46.47 -29.69
N LEU E 350 -3.56 45.95 -30.43
CA LEU E 350 -3.20 45.10 -31.54
C LEU E 350 -2.46 45.91 -32.60
N ARG E 351 -2.90 47.13 -32.89
CA ARG E 351 -2.18 47.93 -33.88
C ARG E 351 -0.76 48.19 -33.44
N LYS E 352 -0.54 48.28 -32.15
CA LYS E 352 0.79 48.50 -31.64
C LYS E 352 1.77 47.47 -32.23
N HIS E 353 1.31 46.24 -32.48
CA HIS E 353 2.17 45.20 -33.02
C HIS E 353 1.98 44.97 -34.52
N PHE E 354 0.84 45.41 -35.09
CA PHE E 354 0.60 45.16 -36.51
C PHE E 354 0.67 46.36 -37.48
N GLY E 355 0.65 47.58 -36.96
CA GLY E 355 0.72 48.79 -37.78
C GLY E 355 -0.52 49.69 -37.65
N ASN E 356 -0.33 51.02 -37.89
CA ASN E 356 -1.38 52.06 -37.81
C ASN E 356 -2.25 52.18 -39.08
N ASN E 357 -1.92 51.40 -40.14
CA ASN E 357 -2.59 51.36 -41.43
C ASN E 357 -3.20 50.00 -41.66
N THR E 358 -3.36 49.24 -40.57
CA THR E 358 -3.95 47.93 -40.65
C THR E 358 -5.32 47.91 -39.98
N ILE E 359 -6.28 47.40 -40.74
CA ILE E 359 -7.65 47.30 -40.31
C ILE E 359 -7.85 46.08 -39.47
N ILE E 360 -8.52 46.24 -38.35
CA ILE E 360 -8.77 45.10 -37.51
C ILE E 360 -10.22 44.76 -37.46
N ARG E 361 -10.55 43.56 -37.86
CA ARG E 361 -11.94 43.14 -37.83
C ARG E 361 -12.08 41.89 -37.05
N PHE E 362 -13.25 41.71 -36.49
CA PHE E 362 -13.55 40.51 -35.78
C PHE E 362 -14.58 39.71 -36.55
N ALA E 363 -14.47 38.41 -36.45
CA ALA E 363 -15.41 37.50 -37.07
C ALA E 363 -16.11 36.70 -35.97
N ASN E 364 -17.31 36.20 -36.29
CA ASN E 364 -18.13 35.43 -35.32
C ASN E 364 -17.67 33.97 -35.27
N SER E 365 -16.87 33.70 -34.24
CA SER E 365 -16.26 32.38 -33.89
C SER E 365 -15.74 31.63 -35.13
N SER E 366 -15.94 30.31 -35.15
CA SER E 366 -15.45 29.44 -36.19
C SER E 366 -16.28 28.18 -36.19
N GLY E 367 -16.14 27.32 -37.19
CA GLY E 367 -16.89 26.07 -37.17
C GLY E 367 -16.23 25.09 -36.21
N GLY E 368 -16.99 24.11 -35.71
CA GLY E 368 -16.41 23.11 -34.81
C GLY E 368 -17.42 22.64 -33.76
N ASP E 369 -16.92 21.93 -32.76
CA ASP E 369 -17.71 21.36 -31.69
C ASP E 369 -18.32 22.46 -30.83
N LEU E 370 -19.49 22.20 -30.26
CA LEU E 370 -20.16 23.20 -29.43
C LEU E 370 -19.26 23.76 -28.33
N GLU E 371 -18.44 22.89 -27.75
CA GLU E 371 -17.55 23.26 -26.67
C GLU E 371 -16.50 24.30 -27.03
N VAL E 372 -16.21 24.48 -28.31
CA VAL E 372 -15.22 25.46 -28.70
C VAL E 372 -15.81 26.58 -29.54
N THR E 373 -17.00 26.35 -30.11
CA THR E 373 -17.58 27.39 -30.93
C THR E 373 -18.38 28.34 -30.08
N THR E 374 -18.79 27.92 -28.90
CA THR E 374 -19.51 28.77 -27.98
C THR E 374 -18.71 29.01 -26.72
N HIS E 375 -19.22 29.95 -25.93
CA HIS E 375 -18.66 30.31 -24.66
C HIS E 375 -19.29 29.52 -23.55
N SER E 376 -18.53 28.61 -22.98
CA SER E 376 -19.01 27.73 -21.94
C SER E 376 -18.83 28.32 -20.55
N PHE E 377 -19.91 28.26 -19.77
CA PHE E 377 -19.89 28.59 -18.32
C PHE E 377 -20.17 27.32 -17.52
N ASN E 378 -19.77 27.32 -16.25
CA ASN E 378 -20.42 26.48 -15.25
C ASN E 378 -21.22 27.37 -14.28
N CYS E 379 -22.34 27.93 -14.77
CA CYS E 379 -23.16 28.90 -14.05
C CYS E 379 -24.24 28.21 -13.22
N GLY E 380 -24.06 28.33 -11.92
CA GLY E 380 -24.98 27.76 -10.97
C GLY E 380 -24.75 26.28 -10.80
N GLY E 381 -23.79 25.73 -11.52
CA GLY E 381 -23.55 24.31 -11.49
C GLY E 381 -24.13 23.64 -12.73
N GLU E 382 -24.83 24.39 -13.60
CA GLU E 382 -25.36 23.82 -14.83
C GLU E 382 -24.49 24.34 -15.95
N PHE E 383 -24.50 23.70 -17.11
CA PHE E 383 -23.61 24.14 -18.16
C PHE E 383 -24.25 24.87 -19.32
N PHE E 384 -23.85 26.13 -19.45
CA PHE E 384 -24.32 27.03 -20.47
C PHE E 384 -23.37 27.05 -21.64
N TYR E 385 -23.94 27.11 -22.83
CA TYR E 385 -23.22 27.27 -24.07
C TYR E 385 -23.75 28.49 -24.82
N CYS E 386 -23.07 29.66 -24.67
CA CYS E 386 -23.53 30.96 -25.14
C CYS E 386 -22.92 31.38 -26.48
N ASN E 387 -23.76 31.99 -27.31
CA ASN E 387 -23.43 32.48 -28.63
C ASN E 387 -22.82 33.89 -28.54
N THR E 388 -21.54 34.03 -28.98
CA THR E 388 -20.72 35.24 -28.93
C THR E 388 -20.67 36.00 -30.25
N SER E 389 -21.55 35.66 -31.19
CA SER E 389 -21.53 36.37 -32.47
C SER E 389 -21.84 37.84 -32.29
N GLY E 390 -22.56 38.20 -31.25
CA GLY E 390 -22.91 39.59 -30.99
C GLY E 390 -21.78 40.38 -30.34
N LEU E 391 -20.71 39.71 -29.95
CA LEU E 391 -19.60 40.40 -29.32
C LEU E 391 -18.44 40.61 -30.29
N PHE E 392 -18.30 39.70 -31.25
CA PHE E 392 -17.17 39.76 -32.19
C PHE E 392 -17.50 39.98 -33.67
N ASN E 393 -18.48 40.86 -33.98
CA ASN E 393 -18.95 41.20 -35.33
C ASN E 393 -18.47 42.60 -35.82
N SER E 394 -17.65 43.35 -35.02
CA SER E 394 -17.20 44.72 -35.34
C SER E 394 -15.94 44.82 -36.19
N THR E 395 -15.83 45.93 -36.91
CA THR E 395 -14.63 46.29 -37.68
C THR E 395 -14.15 47.65 -37.24
N TRP E 396 -12.87 47.74 -36.93
CA TRP E 396 -12.30 48.97 -36.48
C TRP E 396 -11.30 49.57 -37.48
N ILE E 397 -11.45 50.89 -37.76
CA ILE E 397 -10.58 51.63 -38.70
C ILE E 397 -10.32 53.01 -38.09
N SER E 413 -28.65 46.86 -23.75
CA SER E 413 -27.47 46.02 -23.61
C SER E 413 -27.53 44.94 -24.70
N ILE E 414 -26.44 44.15 -24.84
CA ILE E 414 -26.26 43.07 -25.81
C ILE E 414 -26.66 41.76 -25.18
N THR E 415 -27.56 41.03 -25.81
CA THR E 415 -27.93 39.76 -25.21
C THR E 415 -27.45 38.62 -26.06
N LEU E 416 -26.89 37.65 -25.39
CA LEU E 416 -26.35 36.46 -25.99
C LEU E 416 -27.29 35.31 -25.69
N PRO E 417 -27.89 34.62 -26.66
CA PRO E 417 -28.75 33.49 -26.41
C PRO E 417 -27.80 32.41 -25.95
N CYS E 418 -28.28 31.51 -25.05
CA CYS E 418 -27.51 30.39 -24.52
C CYS E 418 -28.35 29.11 -24.53
N ARG E 419 -27.68 27.98 -24.76
CA ARG E 419 -28.33 26.69 -24.65
C ARG E 419 -27.82 25.94 -23.45
N ILE E 420 -28.63 25.04 -22.95
CA ILE E 420 -28.25 24.28 -21.77
C ILE E 420 -28.08 22.82 -22.09
N LYS E 421 -26.99 22.23 -21.63
CA LYS E 421 -26.76 20.80 -21.84
C LYS E 421 -26.49 20.11 -20.51
N GLN E 422 -26.94 18.86 -20.32
CA GLN E 422 -26.67 18.16 -19.07
C GLN E 422 -25.60 17.08 -19.11
N ILE E 423 -25.32 16.48 -20.27
CA ILE E 423 -24.30 15.42 -20.27
C ILE E 423 -23.02 16.02 -20.79
N ILE E 424 -22.07 16.17 -19.89
CA ILE E 424 -20.90 16.95 -20.18
C ILE E 424 -19.58 16.21 -20.25
N ASN E 425 -18.88 16.36 -21.36
CA ASN E 425 -17.53 15.82 -21.47
C ASN E 425 -16.69 17.01 -21.07
N MET E 426 -16.52 17.25 -19.77
CA MET E 426 -15.93 18.53 -19.43
C MET E 426 -14.49 18.62 -19.87
N TRP E 427 -13.80 17.52 -19.83
CA TRP E 427 -12.43 17.50 -20.23
C TRP E 427 -12.45 17.07 -21.66
N GLN E 428 -11.44 17.41 -22.42
CA GLN E 428 -11.46 17.09 -23.86
C GLN E 428 -11.40 15.59 -24.19
N ARG E 429 -11.00 14.80 -23.23
CA ARG E 429 -10.88 13.36 -23.38
C ARG E 429 -12.25 12.70 -23.54
N ILE E 430 -12.31 11.59 -24.24
CA ILE E 430 -13.58 10.88 -24.42
C ILE E 430 -13.62 9.53 -23.76
N GLY E 431 -14.74 9.22 -23.13
CA GLY E 431 -14.97 7.94 -22.47
C GLY E 431 -15.64 8.09 -21.11
N GLN E 432 -15.58 9.28 -20.55
CA GLN E 432 -16.23 9.52 -19.28
C GLN E 432 -17.11 10.75 -19.36
N ALA E 433 -18.42 10.57 -19.25
CA ALA E 433 -19.30 11.72 -19.34
C ALA E 433 -19.99 11.91 -18.02
N MET E 434 -20.16 13.15 -17.62
CA MET E 434 -20.84 13.39 -16.36
C MET E 434 -22.22 13.96 -16.58
N TYR E 435 -23.18 13.47 -15.83
CA TYR E 435 -24.51 14.00 -15.92
C TYR E 435 -24.79 14.96 -14.79
N ALA E 436 -25.11 16.18 -15.17
CA ALA E 436 -25.38 17.22 -14.23
C ALA E 436 -26.79 17.09 -13.69
N PRO E 437 -27.02 16.93 -12.39
CA PRO E 437 -28.33 16.86 -11.82
C PRO E 437 -28.90 18.20 -12.11
N PRO E 438 -30.19 18.35 -12.26
CA PRO E 438 -30.85 19.60 -12.47
C PRO E 438 -30.85 20.40 -11.21
N ILE E 439 -30.88 21.71 -11.34
CA ILE E 439 -31.04 22.59 -10.21
C ILE E 439 -32.39 23.25 -10.22
N GLN E 440 -33.07 23.11 -9.09
CA GLN E 440 -34.42 23.58 -8.90
C GLN E 440 -34.44 25.08 -8.75
N GLY E 441 -35.56 25.70 -9.12
CA GLY E 441 -35.67 27.13 -9.00
C GLY E 441 -35.08 27.78 -10.23
N VAL E 442 -34.63 29.02 -10.08
CA VAL E 442 -34.14 29.84 -11.18
C VAL E 442 -32.68 30.22 -10.93
N ILE E 443 -31.85 30.16 -11.96
CA ILE E 443 -30.42 30.44 -11.81
C ILE E 443 -29.99 31.79 -12.33
N ARG E 444 -29.28 32.53 -11.50
CA ARG E 444 -28.72 33.81 -11.91
C ARG E 444 -27.26 33.90 -11.45
N CYS E 445 -26.33 34.28 -12.37
CA CYS E 445 -24.91 34.48 -12.11
C CYS E 445 -24.51 35.87 -12.60
N VAL E 446 -23.71 36.55 -11.80
CA VAL E 446 -23.17 37.82 -12.24
C VAL E 446 -21.68 37.70 -12.13
N SER E 447 -20.98 37.96 -13.21
CA SER E 447 -19.54 37.77 -13.18
C SER E 447 -18.77 38.83 -13.96
N ASN E 448 -17.43 38.85 -13.76
CA ASN E 448 -16.50 39.77 -14.40
C ASN E 448 -15.77 39.11 -15.56
N ILE E 449 -15.80 39.72 -16.77
CA ILE E 449 -15.00 39.25 -17.90
C ILE E 449 -13.71 39.98 -17.70
N THR E 450 -12.63 39.24 -17.53
CA THR E 450 -11.35 39.85 -17.22
C THR E 450 -10.38 39.69 -18.37
N GLY E 451 -10.73 38.85 -19.35
CA GLY E 451 -9.83 38.68 -20.47
C GLY E 451 -10.46 37.96 -21.63
N LEU E 452 -9.72 37.94 -22.72
CA LEU E 452 -10.16 37.33 -23.97
C LEU E 452 -9.17 36.29 -24.44
N ILE E 453 -9.62 35.25 -25.11
CA ILE E 453 -8.67 34.39 -25.78
C ILE E 453 -8.91 34.59 -27.26
N LEU E 454 -7.94 35.16 -27.95
CA LEU E 454 -8.14 35.45 -29.35
C LEU E 454 -7.22 34.66 -30.27
N THR E 455 -7.72 34.41 -31.46
CA THR E 455 -6.94 33.77 -32.50
C THR E 455 -6.83 34.73 -33.66
N ARG E 456 -5.61 34.93 -34.17
CA ARG E 456 -5.44 35.78 -35.33
C ARG E 456 -5.49 34.91 -36.56
N ASP E 457 -6.50 35.11 -37.38
CA ASP E 457 -6.71 34.28 -38.54
C ASP E 457 -5.87 34.83 -39.68
N GLY E 458 -4.58 34.54 -39.57
CA GLY E 458 -3.57 35.03 -40.49
C GLY E 458 -3.20 34.01 -41.54
N GLY E 459 -1.97 34.09 -42.05
CA GLY E 459 -1.54 33.17 -43.10
C GLY E 459 -1.88 33.58 -44.53
N SER E 460 -2.12 34.88 -44.78
CA SER E 460 -2.45 35.30 -46.13
C SER E 460 -1.84 36.66 -46.46
N THR E 461 -1.73 36.93 -47.76
CA THR E 461 -1.14 38.16 -48.26
C THR E 461 -2.14 39.31 -48.32
N ASN E 462 -2.60 39.72 -47.16
CA ASN E 462 -3.55 40.80 -47.05
C ASN E 462 -3.15 41.73 -45.95
N SER E 463 -2.09 42.51 -46.17
CA SER E 463 -1.55 43.34 -45.10
C SER E 463 -2.53 44.41 -44.65
N THR E 464 -3.51 44.69 -45.51
CA THR E 464 -4.52 45.68 -45.27
C THR E 464 -5.42 45.36 -44.08
N THR E 465 -5.84 44.09 -43.94
CA THR E 465 -6.78 43.72 -42.88
C THR E 465 -6.44 42.40 -42.19
N GLU E 466 -6.49 42.42 -40.86
CA GLU E 466 -6.31 41.23 -40.04
C GLU E 466 -7.66 40.83 -39.47
N THR E 467 -7.92 39.54 -39.37
CA THR E 467 -9.17 39.07 -38.78
C THR E 467 -8.94 38.29 -37.52
N PHE E 468 -9.67 38.65 -36.48
CA PHE E 468 -9.55 37.97 -35.20
C PHE E 468 -10.83 37.23 -34.84
N ARG E 469 -10.66 36.10 -34.20
CA ARG E 469 -11.80 35.30 -33.77
C ARG E 469 -11.62 34.94 -32.30
N PRO E 470 -12.69 34.82 -31.51
CA PRO E 470 -12.63 34.33 -30.17
C PRO E 470 -12.35 32.86 -30.31
N GLY E 471 -11.64 32.27 -29.37
CA GLY E 471 -11.42 30.84 -29.48
C GLY E 471 -10.58 30.26 -28.37
N GLY E 472 -10.13 29.02 -28.57
CA GLY E 472 -9.32 28.31 -27.61
C GLY E 472 -10.13 27.20 -26.97
N GLY E 473 -9.69 25.98 -27.22
CA GLY E 473 -10.34 24.76 -26.76
C GLY E 473 -9.57 24.07 -25.65
N ASP E 474 -8.67 24.78 -25.00
CA ASP E 474 -7.84 24.15 -24.01
C ASP E 474 -7.69 24.97 -22.74
N MET E 475 -8.21 24.42 -21.64
CA MET E 475 -8.24 25.03 -20.34
C MET E 475 -6.83 25.30 -19.83
N ARG E 476 -5.87 24.56 -20.36
CA ARG E 476 -4.50 24.76 -19.98
C ARG E 476 -4.14 26.25 -20.12
N ASP E 477 -4.64 26.91 -21.17
CA ASP E 477 -4.32 28.29 -21.42
C ASP E 477 -5.03 29.24 -20.49
N ASN E 478 -6.01 28.76 -19.74
CA ASN E 478 -6.70 29.62 -18.83
C ASN E 478 -5.84 29.79 -17.60
N TRP E 479 -5.10 28.75 -17.23
CA TRP E 479 -4.34 28.93 -16.00
C TRP E 479 -3.10 29.73 -16.26
N ARG E 480 -2.68 29.75 -17.51
CA ARG E 480 -1.53 30.55 -17.87
C ARG E 480 -1.79 32.02 -17.58
N SER E 481 -3.06 32.43 -17.56
CA SER E 481 -3.49 33.79 -17.33
C SER E 481 -3.13 34.29 -15.95
N GLU E 482 -3.18 33.42 -14.94
CA GLU E 482 -2.91 33.86 -13.59
C GLU E 482 -1.48 33.50 -13.16
N LEU E 483 -0.93 32.46 -13.75
CA LEU E 483 0.39 31.97 -13.38
C LEU E 483 1.55 32.56 -14.13
N TYR E 484 1.29 33.50 -15.01
CA TYR E 484 2.34 34.08 -15.84
C TYR E 484 3.42 34.77 -15.02
N LYS E 485 3.09 35.20 -13.82
CA LYS E 485 4.02 35.92 -13.00
C LYS E 485 4.77 35.05 -12.01
N TYR E 486 4.56 33.74 -12.02
CA TYR E 486 5.29 32.94 -11.03
C TYR E 486 6.27 31.95 -11.60
N LYS E 487 7.38 31.77 -10.90
CA LYS E 487 8.39 30.80 -11.29
C LYS E 487 8.88 29.99 -10.09
N VAL E 488 9.15 28.70 -10.28
CA VAL E 488 9.67 27.90 -9.18
C VAL E 488 11.14 27.59 -9.33
N VAL E 489 11.90 27.86 -8.26
CA VAL E 489 13.31 27.57 -8.28
C VAL E 489 13.72 26.74 -7.08
N LYS E 490 14.82 26.04 -7.25
CA LYS E 490 15.43 25.19 -6.24
C LYS E 490 16.61 25.90 -5.63
N ILE E 491 16.74 25.79 -4.33
CA ILE E 491 17.80 26.45 -3.62
C ILE E 491 19.06 25.58 -3.55
N GLU E 492 20.19 26.20 -3.86
CA GLU E 492 21.49 25.54 -3.85
C GLU E 492 22.44 26.16 -2.85
N PRO E 493 22.41 25.76 -1.58
CA PRO E 493 23.12 26.37 -0.47
C PRO E 493 24.64 26.22 -0.48
N LEU E 494 25.22 25.28 -1.22
CA LEU E 494 26.67 25.22 -1.18
C LEU E 494 27.35 26.02 -2.25
N GLY E 495 28.19 26.93 -1.80
CA GLY E 495 28.96 27.75 -2.71
C GLY E 495 30.41 27.74 -2.27
N VAL E 496 31.31 27.94 -3.20
CA VAL E 496 32.72 27.94 -2.89
C VAL E 496 33.32 29.22 -3.38
N ALA E 497 34.10 29.88 -2.56
CA ALA E 497 34.74 31.12 -2.98
C ALA E 497 36.08 31.21 -2.29
N PRO E 498 37.09 31.87 -2.87
CA PRO E 498 38.38 32.09 -2.26
C PRO E 498 38.38 33.23 -1.25
N THR E 499 39.27 33.15 -0.25
CA THR E 499 39.51 34.32 0.61
C THR E 499 40.88 34.23 1.30
N ARG E 500 41.16 35.19 2.18
CA ARG E 500 42.46 35.25 2.86
C ARG E 500 42.56 34.42 4.16
N CYS E 501 42.42 33.09 4.05
CA CYS E 501 42.57 32.12 5.16
C CYS E 501 42.91 30.76 4.58
N LYS E 502 43.49 29.90 5.38
CA LYS E 502 43.69 28.51 4.99
C LYS E 502 43.93 27.71 6.26
N ARG E 503 43.68 26.38 6.24
CA ARG E 503 43.96 25.48 7.36
C ARG E 503 45.47 25.19 7.41
N GLY F 2 14.20 37.77 6.03
CA GLY F 2 13.79 37.40 4.70
C GLY F 2 14.74 36.33 4.13
N PHE F 3 14.19 35.15 3.75
CA PHE F 3 14.94 33.97 3.29
C PHE F 3 15.90 34.22 2.13
N LEU F 4 15.44 34.88 1.08
CA LEU F 4 16.33 35.24 0.00
C LEU F 4 16.61 36.72 0.05
N GLY F 5 16.49 37.33 1.23
CA GLY F 5 16.74 38.77 1.35
C GLY F 5 18.13 39.13 0.87
N ALA F 6 19.07 38.19 1.02
CA ALA F 6 20.45 38.35 0.62
C ALA F 6 20.66 38.13 -0.86
N ALA F 7 19.63 37.83 -1.61
CA ALA F 7 19.77 37.55 -3.02
C ALA F 7 20.42 38.70 -3.76
N GLY F 8 20.17 39.92 -3.36
CA GLY F 8 20.77 41.05 -4.04
C GLY F 8 22.04 41.53 -3.37
N SER F 9 22.45 40.86 -2.30
CA SER F 9 23.61 41.26 -1.53
C SER F 9 24.86 40.83 -2.20
N THR F 10 25.94 41.48 -1.84
CA THR F 10 27.21 41.15 -2.39
C THR F 10 27.68 39.90 -1.74
N MET F 11 28.66 39.25 -2.32
CA MET F 11 29.13 38.02 -1.70
C MET F 11 29.58 38.23 -0.28
N GLY F 12 30.24 39.33 -0.02
CA GLY F 12 30.70 39.61 1.32
C GLY F 12 29.52 39.79 2.26
N ALA F 13 28.60 40.66 1.89
CA ALA F 13 27.47 40.98 2.76
C ALA F 13 26.59 39.76 3.05
N ALA F 14 26.45 38.89 2.06
CA ALA F 14 25.62 37.70 2.12
C ALA F 14 26.12 36.69 3.13
N SER F 15 27.34 36.82 3.59
CA SER F 15 27.88 35.85 4.52
C SER F 15 27.16 35.91 5.86
N MET F 16 26.41 36.98 6.12
CA MET F 16 25.74 37.11 7.40
C MET F 16 24.34 36.51 7.43
N THR F 17 23.88 35.93 6.33
CA THR F 17 22.55 35.34 6.30
C THR F 17 22.57 33.84 6.09
N LEU F 18 23.73 33.23 6.22
CA LEU F 18 23.82 31.81 5.93
C LEU F 18 22.89 31.00 6.82
N THR F 19 22.75 31.43 8.07
CA THR F 19 21.91 30.78 9.05
C THR F 19 20.44 30.78 8.68
N VAL F 20 19.93 31.87 8.08
CA VAL F 20 18.49 31.85 7.85
C VAL F 20 18.21 30.86 6.77
N GLN F 21 19.10 30.78 5.79
CA GLN F 21 18.78 29.84 4.77
C GLN F 21 18.93 28.43 5.28
N ALA F 22 19.93 28.20 6.12
CA ALA F 22 20.12 26.87 6.60
C ALA F 22 18.88 26.38 7.33
N ARG F 23 18.23 27.24 8.12
CA ARG F 23 17.04 26.77 8.83
C ARG F 23 15.90 26.43 7.87
N ASN F 24 15.72 27.24 6.83
CA ASN F 24 14.62 27.02 5.91
C ASN F 24 14.76 25.77 5.08
N LEU F 25 15.98 25.36 4.83
CA LEU F 25 16.19 24.19 4.01
C LEU F 25 15.55 22.94 4.60
N LEU F 26 15.45 22.86 5.92
CA LEU F 26 14.89 21.66 6.53
C LEU F 26 13.53 21.88 7.24
N SER F 27 12.82 23.00 6.93
CA SER F 27 11.52 23.40 7.52
C SER F 27 10.45 22.29 7.43
N ALA F 39 -4.54 19.81 10.67
CA ALA F 39 -5.98 19.65 10.77
C ALA F 39 -6.35 18.16 10.50
N PRO F 40 -7.08 17.40 11.43
CA PRO F 40 -7.54 16.03 11.24
C PRO F 40 -8.30 15.85 9.93
N GLU F 41 -9.04 16.87 9.55
CA GLU F 41 -9.79 16.83 8.31
C GLU F 41 -8.89 16.72 7.06
N CYS F 42 -7.70 17.38 7.09
CA CYS F 42 -6.73 17.42 6.01
C CYS F 42 -6.08 16.07 5.94
N GLN F 43 -5.76 15.53 7.10
CA GLN F 43 -5.13 14.22 7.12
C GLN F 43 -6.05 13.17 6.54
N GLN F 44 -7.34 13.23 6.84
CA GLN F 44 -8.26 12.23 6.33
C GLN F 44 -8.41 12.28 4.82
N HIS F 45 -8.52 13.48 4.27
CA HIS F 45 -8.73 13.55 2.84
C HIS F 45 -7.46 13.28 2.06
N LEU F 46 -6.31 13.68 2.61
CA LEU F 46 -5.06 13.46 1.92
C LEU F 46 -4.76 11.98 1.85
N LEU F 47 -5.04 11.23 2.92
CA LEU F 47 -4.81 9.80 2.88
C LEU F 47 -5.73 9.12 1.86
N LYS F 48 -6.99 9.55 1.78
CA LYS F 48 -7.91 8.96 0.81
C LYS F 48 -7.45 9.23 -0.61
N LEU F 49 -6.93 10.43 -0.88
CA LEU F 49 -6.44 10.76 -2.21
C LEU F 49 -5.06 10.19 -2.30
N THR F 50 -4.99 8.88 -2.51
CA THR F 50 -3.76 8.12 -2.49
C THR F 50 -2.67 8.77 -3.29
N VAL F 51 -3.00 9.25 -4.48
CA VAL F 51 -1.99 9.90 -5.27
C VAL F 51 -1.47 11.19 -4.65
N TRP F 52 -2.32 12.02 -4.03
CA TRP F 52 -1.78 13.26 -3.45
C TRP F 52 -0.95 12.91 -2.25
N GLY F 53 -1.35 11.85 -1.56
CA GLY F 53 -0.65 11.40 -0.39
C GLY F 53 0.76 11.03 -0.80
N ILE F 54 0.88 10.24 -1.84
CA ILE F 54 2.18 9.82 -2.32
C ILE F 54 2.98 10.97 -2.89
N LYS F 55 2.39 11.84 -3.69
CA LYS F 55 3.19 12.91 -4.23
C LYS F 55 3.80 13.79 -3.13
N GLN F 56 3.03 14.11 -2.09
CA GLN F 56 3.55 14.96 -1.04
C GLN F 56 4.58 14.20 -0.21
N LEU F 57 4.35 12.92 0.00
CA LEU F 57 5.26 12.13 0.77
C LEU F 57 6.59 12.01 0.03
N GLN F 58 6.54 11.84 -1.30
CA GLN F 58 7.76 11.73 -2.06
C GLN F 58 8.56 13.01 -1.96
N ALA F 59 7.87 14.15 -1.98
CA ALA F 59 8.57 15.41 -1.86
C ALA F 59 9.29 15.53 -0.52
N ARG F 60 8.67 15.04 0.54
CA ARG F 60 9.31 15.13 1.83
C ARG F 60 10.53 14.22 1.89
N VAL F 61 10.43 13.05 1.29
CA VAL F 61 11.55 12.14 1.29
C VAL F 61 12.71 12.75 0.55
N LEU F 62 12.44 13.34 -0.59
CA LEU F 62 13.51 13.94 -1.36
C LEU F 62 14.16 15.06 -0.60
N ALA F 63 13.39 15.91 0.07
CA ALA F 63 14.02 17.01 0.77
C ALA F 63 15.02 16.48 1.79
N VAL F 64 14.68 15.39 2.46
CA VAL F 64 15.61 14.83 3.40
C VAL F 64 16.84 14.32 2.71
N GLU F 65 16.67 13.62 1.61
CA GLU F 65 17.83 13.08 0.94
C GLU F 65 18.75 14.18 0.45
N ARG F 66 18.20 15.28 -0.05
CA ARG F 66 19.07 16.32 -0.51
C ARG F 66 19.82 16.95 0.64
N TYR F 67 19.13 17.15 1.77
CA TYR F 67 19.77 17.72 2.93
C TYR F 67 20.94 16.88 3.34
N LEU F 68 20.74 15.57 3.41
CA LEU F 68 21.79 14.71 3.84
C LEU F 68 22.92 14.69 2.86
N ARG F 69 22.67 14.75 1.55
CA ARG F 69 23.82 14.74 0.65
C ARG F 69 24.69 15.95 0.92
N ASP F 70 24.11 17.11 1.17
CA ASP F 70 24.97 18.25 1.42
C ASP F 70 25.73 18.10 2.73
N GLN F 71 25.07 17.55 3.75
CA GLN F 71 25.79 17.40 4.99
C GLN F 71 26.90 16.39 4.88
N GLN F 72 26.68 15.33 4.10
CA GLN F 72 27.72 14.37 3.99
C GLN F 72 28.91 14.99 3.32
N LEU F 73 28.69 15.82 2.31
CA LEU F 73 29.83 16.41 1.66
C LEU F 73 30.63 17.27 2.59
N LEU F 74 29.96 18.03 3.44
CA LEU F 74 30.72 18.85 4.35
C LEU F 74 31.52 17.94 5.28
N GLY F 75 30.97 16.79 5.63
CA GLY F 75 31.69 15.83 6.44
C GLY F 75 32.94 15.34 5.71
N ILE F 76 32.78 14.91 4.47
CA ILE F 76 33.87 14.36 3.68
C ILE F 76 34.97 15.37 3.47
N TRP F 77 34.62 16.61 3.27
CA TRP F 77 35.59 17.65 3.03
C TRP F 77 36.23 18.17 4.31
N GLY F 78 35.79 17.70 5.48
CA GLY F 78 36.30 18.19 6.76
C GLY F 78 35.76 19.55 7.24
N CYS F 79 34.56 19.95 6.78
CA CYS F 79 33.88 21.21 7.06
C CYS F 79 32.61 21.02 7.90
N SER F 80 32.35 19.82 8.36
CA SER F 80 31.11 19.69 9.08
C SER F 80 31.17 20.44 10.38
N GLY F 81 29.99 20.82 10.84
CA GLY F 81 29.85 21.53 12.09
C GLY F 81 29.91 23.03 11.91
N LYS F 82 30.26 23.51 10.71
CA LYS F 82 30.36 24.93 10.48
C LYS F 82 29.63 25.38 9.24
N LEU F 83 29.16 26.62 9.25
CA LEU F 83 28.57 27.17 8.05
C LEU F 83 29.67 27.68 7.12
N ILE F 84 30.81 28.07 7.69
CA ILE F 84 31.92 28.56 6.89
C ILE F 84 33.20 27.80 7.28
N CYS F 85 33.95 27.23 6.29
CA CYS F 85 35.22 26.54 6.56
C CYS F 85 36.32 26.97 5.59
N CYS F 86 37.50 27.10 6.14
CA CYS F 86 38.64 27.37 5.31
C CYS F 86 39.14 25.98 4.95
N THR F 87 39.74 25.82 3.79
CA THR F 87 40.26 24.52 3.42
C THR F 87 41.74 24.65 3.21
N ASN F 88 42.38 23.60 2.74
CA ASN F 88 43.79 23.61 2.45
C ASN F 88 44.08 23.42 0.96
N VAL F 89 43.13 23.85 0.12
CA VAL F 89 43.28 23.83 -1.33
C VAL F 89 43.43 25.27 -1.81
N PRO F 90 44.50 25.64 -2.53
CA PRO F 90 44.78 26.98 -3.01
C PRO F 90 43.83 27.31 -4.11
N TRP F 91 43.53 28.58 -4.30
CA TRP F 91 42.67 28.93 -5.41
C TRP F 91 43.46 28.98 -6.71
N ASN F 92 42.93 28.35 -7.78
CA ASN F 92 43.47 28.31 -9.14
C ASN F 92 42.89 29.48 -9.95
N SER F 93 43.78 30.29 -10.60
CA SER F 93 43.44 31.47 -11.41
C SER F 93 42.64 31.09 -12.65
N THR F 94 42.68 29.81 -12.98
CA THR F 94 41.93 29.24 -14.07
C THR F 94 40.44 29.29 -13.73
N TRP F 95 40.11 28.99 -12.47
CA TRP F 95 38.72 28.93 -12.05
C TRP F 95 38.16 30.33 -12.11
N SER F 96 38.97 31.24 -11.63
CA SER F 96 38.68 32.67 -11.65
C SER F 96 39.93 33.46 -11.54
N ASN F 97 40.10 34.41 -12.45
CA ASN F 97 41.26 35.25 -12.47
C ASN F 97 41.01 36.62 -11.88
N ARG F 98 39.90 36.75 -11.16
CA ARG F 98 39.58 37.99 -10.48
C ARG F 98 40.40 38.03 -9.18
N ASN F 99 40.76 39.25 -8.70
CA ASN F 99 41.43 39.42 -7.41
C ASN F 99 40.38 39.52 -6.30
N LEU F 100 40.78 39.63 -4.99
CA LEU F 100 39.80 39.61 -3.89
C LEU F 100 38.81 40.77 -3.92
N SER F 101 39.29 41.96 -4.23
CA SER F 101 38.41 43.08 -4.29
C SER F 101 37.41 42.88 -5.41
N GLU F 102 37.86 42.35 -6.56
CA GLU F 102 36.98 42.11 -7.70
C GLU F 102 35.92 41.07 -7.41
N ILE F 103 36.29 40.02 -6.69
CA ILE F 103 35.35 38.96 -6.34
C ILE F 103 34.28 39.55 -5.47
N TRP F 104 34.67 40.38 -4.54
CA TRP F 104 33.71 41.02 -3.67
C TRP F 104 33.38 42.46 -4.13
N ASP F 105 33.63 42.82 -5.40
CA ASP F 105 33.34 44.17 -5.89
C ASP F 105 31.90 44.29 -6.30
N ASN F 106 31.06 44.31 -5.31
CA ASN F 106 29.63 44.40 -5.49
C ASN F 106 29.06 43.33 -6.38
N MET F 107 29.58 42.11 -6.30
CA MET F 107 29.01 41.05 -7.10
C MET F 107 28.04 40.30 -6.27
N THR F 108 26.92 39.96 -6.88
CA THR F 108 25.88 39.19 -6.26
C THR F 108 26.38 37.77 -6.21
N TRP F 109 26.16 37.05 -5.10
CA TRP F 109 26.68 35.68 -5.01
C TRP F 109 26.25 34.90 -6.25
N LEU F 110 24.99 35.05 -6.61
CA LEU F 110 24.43 34.35 -7.74
C LEU F 110 25.18 34.62 -9.05
N GLN F 111 25.64 35.86 -9.27
CA GLN F 111 26.33 36.17 -10.51
C GLN F 111 27.65 35.48 -10.53
N TRP F 112 28.29 35.51 -9.38
CA TRP F 112 29.59 34.94 -9.26
C TRP F 112 29.48 33.45 -9.52
N ASP F 113 28.45 32.82 -8.97
CA ASP F 113 28.27 31.41 -9.15
C ASP F 113 28.12 31.07 -10.62
N LYS F 114 27.39 31.91 -11.36
CA LYS F 114 27.22 31.68 -12.78
C LYS F 114 28.57 31.68 -13.50
N GLU F 115 29.51 32.52 -13.04
CA GLU F 115 30.83 32.59 -13.65
C GLU F 115 31.68 31.35 -13.36
N ILE F 116 31.51 30.73 -12.20
CA ILE F 116 32.33 29.54 -11.89
C ILE F 116 31.75 28.30 -12.53
N SER F 117 30.46 28.11 -12.36
CA SER F 117 29.75 27.02 -12.99
C SER F 117 30.46 25.62 -12.91
N ASN F 118 30.97 25.12 -14.06
CA ASN F 118 31.56 23.80 -14.33
C ASN F 118 32.81 23.47 -13.52
N TYR F 119 33.51 24.47 -12.93
CA TYR F 119 34.73 24.25 -12.13
C TYR F 119 34.40 23.65 -10.77
N THR F 120 33.11 23.64 -10.41
CA THR F 120 32.67 23.12 -9.14
C THR F 120 33.05 21.66 -8.93
N GLN F 121 32.91 20.85 -9.96
CA GLN F 121 33.18 19.44 -9.79
C GLN F 121 34.65 19.18 -9.49
N ILE F 122 35.52 19.99 -10.07
CA ILE F 122 36.95 19.85 -9.86
C ILE F 122 37.27 20.17 -8.43
N ILE F 123 36.70 21.25 -7.93
CA ILE F 123 36.98 21.65 -6.59
C ILE F 123 36.57 20.60 -5.62
N TYR F 124 35.39 20.02 -5.79
CA TYR F 124 35.00 19.01 -4.84
C TYR F 124 35.97 17.85 -4.87
N GLY F 125 36.40 17.41 -6.05
CA GLY F 125 37.29 16.26 -6.04
C GLY F 125 38.57 16.56 -5.25
N LEU F 126 39.07 17.79 -5.38
CA LEU F 126 40.27 18.17 -4.66
C LEU F 126 40.07 18.18 -3.17
N LEU F 127 38.92 18.67 -2.72
CA LEU F 127 38.68 18.74 -1.30
C LEU F 127 38.57 17.37 -0.69
N GLU F 128 37.95 16.44 -1.39
CA GLU F 128 37.74 15.11 -0.88
C GLU F 128 39.04 14.36 -0.71
N GLU F 129 39.92 14.51 -1.68
CA GLU F 129 41.17 13.80 -1.58
C GLU F 129 42.03 14.41 -0.50
N SER F 130 42.00 15.73 -0.38
CA SER F 130 42.81 16.39 0.59
C SER F 130 42.46 15.92 1.98
N GLN F 131 41.16 15.85 2.27
CA GLN F 131 40.76 15.45 3.59
C GLN F 131 41.13 14.02 3.89
N ASN F 132 41.05 13.13 2.91
CA ASN F 132 41.38 11.77 3.24
C ASN F 132 42.88 11.63 3.50
N GLN F 133 43.71 12.37 2.76
CA GLN F 133 45.12 12.26 3.02
C GLN F 133 45.44 12.84 4.38
N GLN F 134 44.74 13.90 4.76
CA GLN F 134 44.97 14.50 6.05
C GLN F 134 44.65 13.54 7.16
N GLU F 135 43.55 12.80 7.05
CA GLU F 135 43.23 11.89 8.13
C GLU F 135 44.27 10.81 8.27
N LYS F 136 44.81 10.30 7.15
CA LYS F 136 45.85 9.30 7.34
C LYS F 136 47.02 9.90 8.07
N ASN F 137 47.41 11.12 7.68
CA ASN F 137 48.58 11.70 8.30
C ASN F 137 48.35 11.92 9.78
N GLU F 138 47.15 12.33 10.16
CA GLU F 138 46.87 12.53 11.56
C GLU F 138 46.89 11.22 12.31
N GLN F 139 46.38 10.14 11.71
CA GLN F 139 46.40 8.85 12.39
C GLN F 139 47.84 8.45 12.70
N ASP F 140 48.74 8.68 11.74
CA ASP F 140 50.12 8.30 11.97
C ASP F 140 50.75 9.19 13.05
N LEU F 141 50.44 10.47 13.06
CA LEU F 141 51.01 11.38 14.05
C LEU F 141 50.52 11.05 15.45
N LEU F 142 49.26 10.66 15.58
CA LEU F 142 48.75 10.29 16.89
C LEU F 142 49.45 9.06 17.38
N ALA F 143 49.70 8.12 16.49
CA ALA F 143 50.41 6.90 16.89
C ALA F 143 51.83 7.17 17.45
N LEU F 144 52.56 8.18 16.90
CA LEU F 144 53.92 8.56 17.31
C LEU F 144 53.89 9.12 18.74
N UNK G 1 -15.82 -35.99 10.18
CA UNK G 1 -15.61 -36.87 11.32
C UNK G 1 -15.06 -38.23 10.85
N UNK G 2 -15.85 -38.95 10.02
CA UNK G 2 -15.52 -40.22 9.39
C UNK G 2 -14.56 -39.99 8.22
N UNK G 3 -13.72 -40.98 7.94
CA UNK G 3 -12.81 -40.92 6.82
C UNK G 3 -12.34 -42.33 6.46
N UNK G 4 -11.81 -42.49 5.26
CA UNK G 4 -11.26 -43.78 4.83
C UNK G 4 -10.08 -43.57 3.90
N UNK G 5 -9.17 -44.54 3.85
CA UNK G 5 -8.01 -44.37 2.98
C UNK G 5 -7.45 -45.65 2.42
N UNK G 6 -6.68 -45.46 1.33
CA UNK G 6 -5.94 -46.47 0.61
C UNK G 6 -4.86 -47.06 1.50
N UNK G 7 -4.49 -48.30 1.24
CA UNK G 7 -3.52 -48.98 2.08
C UNK G 7 -2.62 -49.92 1.31
N UNK G 8 -1.50 -50.28 1.94
CA UNK G 8 -0.52 -51.21 1.39
C UNK G 8 0.00 -50.75 0.05
N UNK G 9 0.30 -49.45 -0.04
CA UNK G 9 0.87 -48.87 -1.25
C UNK G 9 2.36 -49.14 -1.27
N UNK G 10 2.69 -50.41 -1.36
CA UNK G 10 4.05 -50.93 -1.34
C UNK G 10 4.66 -50.74 -2.70
N UNK G 11 5.98 -50.68 -2.74
CA UNK G 11 6.69 -50.53 -3.99
C UNK G 11 8.05 -51.16 -3.89
N UNK G 12 8.61 -51.43 -5.04
CA UNK G 12 9.95 -51.93 -5.19
C UNK G 12 10.88 -50.84 -4.79
N UNK G 13 12.12 -51.18 -4.51
CA UNK G 13 13.07 -50.15 -4.16
C UNK G 13 13.17 -49.23 -5.35
N UNK G 14 13.39 -47.95 -5.10
CA UNK G 14 13.50 -46.97 -6.19
C UNK G 14 12.30 -47.02 -7.12
N UNK G 15 11.09 -47.01 -6.58
CA UNK G 15 9.91 -47.06 -7.43
C UNK G 15 8.77 -46.23 -6.86
N UNK G 16 7.91 -45.79 -7.79
CA UNK G 16 6.74 -44.95 -7.55
C UNK G 16 5.67 -45.56 -6.70
N UNK G 17 4.94 -44.69 -5.98
CA UNK G 17 3.82 -45.18 -5.16
C UNK G 17 2.75 -44.10 -4.99
N UNK G 18 1.50 -44.49 -4.75
CA UNK G 18 0.45 -43.51 -4.53
C UNK G 18 -0.65 -44.03 -3.63
N UNK G 19 -1.36 -43.09 -2.98
CA UNK G 19 -2.46 -43.37 -2.07
C UNK G 19 -3.45 -42.20 -2.05
N UNK G 20 -4.66 -42.45 -1.53
CA UNK G 20 -5.70 -41.42 -1.43
C UNK G 20 -6.59 -41.64 -0.23
N UNK G 21 -7.27 -40.57 0.20
CA UNK G 21 -8.18 -40.65 1.35
C UNK G 21 -9.39 -39.74 1.23
N UNK G 22 -10.56 -40.29 1.55
CA UNK G 22 -11.82 -39.57 1.44
C UNK G 22 -12.40 -39.18 2.77
N UNK G 23 -13.02 -38.02 2.77
CA UNK G 23 -13.73 -37.48 3.92
C UNK G 23 -15.20 -37.85 3.91
N UNK G 24 -15.79 -37.89 5.09
CA UNK G 24 -17.21 -38.07 5.24
C UNK G 24 -17.64 -37.30 6.49
N UNK G 25 -18.93 -36.91 6.56
CA UNK G 25 -19.53 -36.13 7.69
C UNK G 25 -19.10 -34.64 7.66
N UNK G 26 -17.83 -34.42 7.40
CA UNK G 26 -17.24 -33.13 7.25
C UNK G 26 -17.33 -32.68 5.80
N UNK G 27 -17.50 -31.39 5.59
CA UNK G 27 -17.47 -30.86 4.25
C UNK G 27 -16.05 -31.01 3.74
N UNK G 28 -15.90 -31.24 2.44
CA UNK G 28 -14.55 -31.37 1.89
C UNK G 28 -13.73 -30.10 2.13
N UNK G 29 -14.40 -28.96 2.15
CA UNK G 29 -13.75 -27.67 2.35
C UNK G 29 -13.60 -27.28 3.83
N UNK G 30 -14.06 -28.13 4.74
CA UNK G 30 -14.07 -27.84 6.17
C UNK G 30 -12.71 -27.64 6.81
N UNK G 31 -11.72 -28.40 6.39
CA UNK G 31 -10.41 -28.32 6.99
C UNK G 31 -9.36 -28.73 6.01
N UNK G 32 -8.16 -28.21 6.16
CA UNK G 32 -7.09 -28.65 5.30
C UNK G 32 -6.86 -30.13 5.50
N UNK G 33 -6.60 -30.84 4.44
CA UNK G 33 -6.27 -32.23 4.58
C UNK G 33 -4.90 -32.25 5.19
N UNK G 34 -4.61 -33.22 6.02
CA UNK G 34 -3.26 -33.29 6.55
C UNK G 34 -2.74 -34.72 6.47
N UNK G 35 -1.43 -34.85 6.37
CA UNK G 35 -0.85 -36.18 6.34
C UNK G 35 0.55 -36.21 6.94
N UNK G 36 0.91 -37.38 7.44
CA UNK G 36 2.19 -37.66 8.06
C UNK G 36 2.49 -39.14 7.94
N UNK G 37 3.72 -39.56 8.17
CA UNK G 37 4.00 -40.99 8.17
C UNK G 37 5.02 -41.33 9.24
N UNK G 38 4.86 -42.52 9.81
CA UNK G 38 5.73 -43.01 10.87
C UNK G 38 6.71 -44.09 10.42
N UNK G 39 7.82 -44.13 11.12
CA UNK G 39 8.88 -45.11 10.98
C UNK G 39 8.77 -46.03 12.17
N UNK G 40 9.34 -47.21 12.10
CA UNK G 40 9.26 -48.05 13.29
C UNK G 40 9.85 -47.36 14.52
N UNK G 41 10.88 -46.53 14.33
CA UNK G 41 11.54 -45.83 15.43
C UNK G 41 11.17 -44.35 15.55
N UNK G 42 10.13 -43.86 14.85
CA UNK G 42 9.80 -42.44 14.90
C UNK G 42 8.35 -42.19 14.51
N UNK G 43 7.71 -41.12 14.98
CA UNK G 43 6.34 -40.90 14.54
C UNK G 43 5.98 -39.44 14.34
N UNK G 44 6.68 -38.77 13.44
CA UNK G 44 6.37 -37.38 13.18
C UNK G 44 6.71 -36.98 11.77
N UNK G 45 5.80 -36.26 11.15
CA UNK G 45 5.95 -35.71 9.82
C UNK G 45 4.86 -34.68 9.66
N UNK G 46 4.97 -33.78 8.69
CA UNK G 46 3.86 -32.87 8.48
C UNK G 46 3.77 -32.35 7.06
N UNK G 47 2.53 -32.26 6.60
CA UNK G 47 2.14 -31.68 5.32
C UNK G 47 0.63 -31.39 5.35
N UNK G 48 0.17 -30.41 4.57
CA UNK G 48 -1.27 -30.18 4.47
C UNK G 48 -1.69 -29.44 3.20
N UNK G 49 -2.97 -29.58 2.85
CA UNK G 49 -3.55 -28.85 1.72
C UNK G 49 -4.95 -28.33 2.03
N UNK G 50 -5.09 -27.03 1.89
CA UNK G 50 -6.27 -26.24 2.21
C UNK G 50 -7.37 -26.33 1.20
N UNK G 51 -8.57 -25.97 1.64
CA UNK G 51 -9.76 -25.83 0.80
C UNK G 51 -9.53 -24.80 -0.29
N UNK G 52 -8.65 -23.86 0.01
CA UNK G 52 -8.25 -22.75 -0.83
C UNK G 52 -7.16 -23.15 -1.83
N UNK G 53 -6.73 -24.42 -1.76
CA UNK G 53 -5.68 -25.05 -2.55
C UNK G 53 -4.29 -24.58 -2.15
N UNK G 54 -4.19 -23.88 -1.04
CA UNK G 54 -2.92 -23.50 -0.48
C UNK G 54 -2.29 -24.76 0.07
N UNK G 55 -0.97 -24.89 0.05
CA UNK G 55 -0.39 -26.11 0.60
C UNK G 55 1.01 -25.88 1.13
N UNK G 56 1.43 -26.76 2.03
CA UNK G 56 2.78 -26.71 2.58
C UNK G 56 3.27 -28.07 3.04
N UNK G 57 4.60 -28.25 3.09
CA UNK G 57 5.16 -29.49 3.62
C UNK G 57 6.50 -29.22 4.26
N UNK G 58 6.82 -29.99 5.31
CA UNK G 58 8.10 -29.84 5.99
C UNK G 58 9.32 -30.31 5.21
N UNK G 59 9.20 -31.43 4.48
CA UNK G 59 10.34 -31.92 3.73
C UNK G 59 10.41 -31.22 2.40
N UNK G 60 9.23 -30.95 1.86
CA UNK G 60 9.05 -30.31 0.58
C UNK G 60 9.82 -30.97 -0.54
N UNK G 61 9.87 -32.30 -0.58
CA UNK G 61 10.61 -32.93 -1.66
C UNK G 61 10.17 -34.35 -2.01
N UNK G 62 10.29 -34.66 -3.30
CA UNK G 62 10.04 -35.97 -3.89
C UNK G 62 8.65 -36.51 -3.57
N UNK G 63 7.68 -35.61 -3.53
CA UNK G 63 6.32 -35.97 -3.25
C UNK G 63 5.38 -34.89 -3.70
N UNK G 64 4.13 -35.25 -3.88
CA UNK G 64 3.12 -34.24 -4.19
C UNK G 64 1.78 -34.65 -3.63
N UNK G 65 0.91 -33.66 -3.41
CA UNK G 65 -0.45 -33.93 -2.95
C UNK G 65 -1.41 -32.89 -3.49
N UNK G 66 -2.66 -33.33 -3.67
CA UNK G 66 -3.76 -32.51 -4.17
C UNK G 66 -5.07 -33.15 -3.79
N UNK G 67 -6.20 -32.45 -3.98
CA UNK G 67 -7.45 -33.12 -3.67
C UNK G 67 -8.55 -32.80 -4.66
N UNK G 68 -9.42 -33.81 -4.86
CA UNK G 68 -10.59 -33.72 -5.70
C UNK G 68 -11.80 -33.38 -4.86
N UNK G 69 -12.29 -32.15 -4.96
CA UNK G 69 -13.43 -31.77 -4.12
C UNK G 69 -14.60 -32.68 -4.41
N UNK G 70 -14.74 -33.06 -5.67
CA UNK G 70 -15.83 -33.89 -6.13
C UNK G 70 -15.91 -35.23 -5.45
N UNK G 71 -14.75 -35.79 -5.07
CA UNK G 71 -14.72 -37.09 -4.47
C UNK G 71 -14.49 -36.97 -2.98
N UNK G 72 -14.45 -35.73 -2.50
CA UNK G 72 -14.11 -35.43 -1.13
C UNK G 72 -12.81 -36.13 -0.81
N UNK G 73 -11.85 -36.15 -1.73
CA UNK G 73 -10.68 -36.95 -1.43
C UNK G 73 -9.35 -36.43 -1.91
N UNK G 74 -8.41 -36.56 -1.00
CA UNK G 74 -7.03 -36.20 -1.18
C UNK G 74 -6.29 -37.32 -1.84
N UNK G 75 -5.23 -36.98 -2.52
CA UNK G 75 -4.37 -37.97 -3.08
C UNK G 75 -2.95 -37.49 -3.00
N UNK G 76 -2.04 -38.43 -2.92
CA UNK G 76 -0.63 -38.09 -2.87
C UNK G 76 0.20 -39.17 -3.50
N UNK G 77 1.40 -38.78 -3.92
CA UNK G 77 2.28 -39.77 -4.50
C UNK G 77 3.75 -39.49 -4.26
N UNK G 78 4.49 -40.58 -4.25
CA UNK G 78 5.94 -40.61 -4.16
C UNK G 78 6.47 -40.42 -5.56
N UNK G 79 7.51 -39.58 -5.69
CA UNK G 79 8.08 -39.25 -6.98
C UNK G 79 9.04 -40.29 -7.52
N UNK G 80 8.49 -41.44 -7.89
CA UNK G 80 9.27 -42.55 -8.43
C UNK G 80 10.43 -42.88 -7.53
N UNK G 81 10.18 -42.97 -6.24
CA UNK G 81 11.25 -43.25 -5.31
C UNK G 81 10.70 -43.97 -4.10
N UNK G 82 11.55 -44.81 -3.52
CA UNK G 82 11.20 -45.58 -2.35
C UNK G 82 12.44 -45.79 -1.51
N UNK G 83 13.05 -44.69 -1.07
CA UNK G 83 14.28 -44.75 -0.29
C UNK G 83 14.09 -45.44 1.05
N UNK G 84 12.93 -45.26 1.66
CA UNK G 84 12.67 -45.83 2.95
C UNK G 84 11.19 -46.10 3.10
N UNK G 85 10.86 -47.13 3.88
CA UNK G 85 9.49 -47.50 4.19
C UNK G 85 8.90 -46.63 5.28
N UNK G 86 7.59 -46.44 5.23
CA UNK G 86 6.90 -45.72 6.29
C UNK G 86 5.42 -46.09 6.31
N UNK G 87 4.76 -45.86 7.43
CA UNK G 87 3.32 -46.04 7.55
C UNK G 87 2.62 -44.72 7.53
N UNK G 88 1.88 -44.46 6.48
CA UNK G 88 1.23 -43.19 6.26
C UNK G 88 -0.06 -43.08 7.05
N UNK G 89 -0.42 -41.86 7.39
CA UNK G 89 -1.68 -41.61 8.05
C UNK G 89 -2.28 -40.31 7.59
N UNK G 90 -3.61 -40.21 7.45
CA UNK G 90 -4.18 -38.91 7.04
C UNK G 90 -4.58 -38.09 8.26
N UNK G 91 -4.85 -36.79 8.09
CA UNK G 91 -5.37 -35.97 9.23
C UNK G 91 -6.22 -34.81 8.71
N UNK G 92 -7.11 -34.24 9.51
CA UNK G 92 -7.99 -33.12 9.11
C UNK G 92 -7.99 -32.12 10.27
N UNK G 93 -8.27 -30.82 10.08
CA UNK G 93 -8.16 -29.95 11.30
C UNK G 93 -8.72 -28.51 11.25
N UNK G 94 -8.60 -27.82 12.39
CA UNK G 94 -8.73 -26.34 12.44
C UNK G 94 -7.72 -25.75 11.47
N UNK G 95 -6.50 -26.30 11.46
CA UNK G 95 -5.47 -25.70 10.61
C UNK G 95 -4.39 -26.71 10.24
N UNK G 96 -3.55 -26.36 9.26
CA UNK G 96 -2.42 -27.25 8.90
C UNK G 96 -1.52 -27.40 10.12
N UNK G 97 -1.34 -26.31 10.87
CA UNK G 97 -0.46 -26.35 12.07
C UNK G 97 -1.21 -26.97 13.25
N UNK G 98 -2.09 -27.95 12.99
CA UNK G 98 -2.68 -28.75 14.09
C UNK G 98 -3.44 -29.95 13.51
N UNK G 99 -3.63 -31.00 14.32
CA UNK G 99 -4.30 -32.23 13.80
C UNK G 99 -5.40 -32.72 14.75
N UNK G 100 -6.58 -33.04 14.21
CA UNK G 100 -7.68 -33.62 15.01
C UNK G 100 -8.32 -34.70 14.15
N UNK G 101 -9.24 -35.52 14.68
CA UNK G 101 -9.92 -36.45 13.81
C UNK G 101 -8.90 -37.12 12.88
N UNK G 102 -7.82 -37.60 13.50
CA UNK G 102 -6.84 -38.36 12.76
C UNK G 102 -7.55 -39.62 12.40
N UNK G 103 -7.27 -40.23 11.24
CA UNK G 103 -8.06 -41.41 10.90
C UNK G 103 -7.27 -42.58 10.34
N UNK G 104 -7.58 -42.95 9.09
CA UNK G 104 -7.03 -44.11 8.43
C UNK G 104 -5.54 -43.98 8.24
N UNK G 105 -4.85 -45.12 8.36
CA UNK G 105 -3.42 -45.19 8.19
C UNK G 105 -3.02 -46.55 7.66
N UNK G 106 -1.86 -46.61 6.98
CA UNK G 106 -1.37 -47.87 6.46
C UNK G 106 0.11 -47.92 6.19
N UNK G 107 0.66 -49.13 6.32
CA UNK G 107 2.04 -49.37 5.96
C UNK G 107 2.21 -49.26 4.46
N UNK G 108 3.34 -48.72 4.06
CA UNK G 108 3.78 -48.64 2.67
C UNK G 108 5.27 -49.01 2.64
N UNK G 109 5.54 -50.33 2.70
CA UNK G 109 6.87 -50.94 2.81
C UNK G 109 7.06 -51.95 1.68
N UNK H 1 15.56 -25.56 20.07
CA UNK H 1 14.28 -25.22 19.42
C UNK H 1 13.31 -26.43 19.28
N UNK H 2 13.77 -27.65 19.63
CA UNK H 2 13.03 -28.91 19.56
C UNK H 2 11.97 -29.07 20.63
N UNK H 3 10.90 -29.76 20.28
CA UNK H 3 9.97 -30.13 21.31
C UNK H 3 10.68 -31.17 22.15
N UNK H 4 10.53 -31.09 23.46
CA UNK H 4 11.14 -32.06 24.36
C UNK H 4 10.05 -32.82 25.06
N UNK H 5 10.32 -34.06 25.40
CA UNK H 5 9.37 -34.85 26.16
C UNK H 5 10.13 -35.84 27.00
N UNK H 6 9.54 -36.27 28.10
CA UNK H 6 10.22 -37.23 28.96
C UNK H 6 10.12 -38.67 28.48
N UNK H 7 11.28 -39.26 28.18
CA UNK H 7 11.31 -40.64 27.67
C UNK H 7 11.26 -41.63 28.82
N UNK H 8 10.14 -41.66 29.50
CA UNK H 8 9.97 -42.53 30.65
C UNK H 8 8.51 -42.90 30.82
N UNK H 9 8.25 -44.03 31.43
CA UNK H 9 6.86 -44.39 31.62
C UNK H 9 6.26 -43.76 32.84
N UNK H 10 4.99 -43.41 32.71
CA UNK H 10 4.18 -42.98 33.82
C UNK H 10 4.04 -44.14 34.79
N UNK H 11 4.00 -43.85 36.08
CA UNK H 11 3.85 -44.92 37.08
C UNK H 11 2.57 -45.71 36.82
N UNK H 12 2.65 -47.01 37.08
CA UNK H 12 1.53 -47.93 36.88
C UNK H 12 0.45 -47.84 37.95
N UNK H 13 0.69 -47.08 39.00
CA UNK H 13 -0.34 -46.98 40.02
C UNK H 13 -1.58 -46.43 39.35
N UNK H 14 -2.73 -47.01 39.62
CA UNK H 14 -3.95 -46.55 38.97
C UNK H 14 -4.52 -45.29 39.59
N UNK H 15 -4.05 -44.94 40.77
CA UNK H 15 -4.63 -43.84 41.51
C UNK H 15 -4.59 -42.47 40.84
N UNK H 16 -3.52 -42.14 40.12
CA UNK H 16 -3.39 -40.83 39.48
C UNK H 16 -2.31 -40.86 38.45
N UNK H 17 -2.28 -39.90 37.52
CA UNK H 17 -1.17 -39.86 36.58
C UNK H 17 -0.80 -38.44 36.14
N UNK H 18 0.46 -38.30 35.71
CA UNK H 18 0.97 -37.05 35.14
C UNK H 18 2.13 -37.33 34.19
N UNK H 19 2.37 -36.40 33.26
CA UNK H 19 3.46 -36.49 32.28
C UNK H 19 3.95 -35.10 31.90
N UNK H 20 5.18 -35.00 31.36
CA UNK H 20 5.68 -33.66 31.04
C UNK H 20 6.53 -33.58 29.77
N UNK H 21 6.59 -32.34 29.27
CA UNK H 21 7.25 -31.89 28.04
C UNK H 21 7.78 -30.46 28.18
N UNK H 22 8.63 -30.04 27.24
CA UNK H 22 9.16 -28.67 27.29
C UNK H 22 9.45 -28.05 25.93
N UNK H 23 9.45 -26.71 25.90
CA UNK H 23 9.73 -25.97 24.68
C UNK H 23 11.20 -25.58 24.63
N UNK H 24 12.03 -26.36 23.92
CA UNK H 24 13.42 -26.00 23.96
C UNK H 24 13.58 -24.70 23.26
N UNK H 25 14.33 -23.81 23.88
CA UNK H 25 14.62 -22.51 23.32
C UNK H 25 13.38 -21.76 22.87
N UNK H 26 12.24 -21.90 23.56
CA UNK H 26 11.08 -21.16 23.09
C UNK H 26 10.04 -20.89 24.16
N UNK H 27 9.25 -19.86 23.92
CA UNK H 27 8.10 -19.55 24.75
C UNK H 27 6.95 -20.41 24.29
N UNK H 28 5.93 -20.62 25.11
CA UNK H 28 4.75 -21.35 24.64
C UNK H 28 3.83 -20.36 23.90
N UNK H 29 4.38 -19.80 22.82
CA UNK H 29 3.77 -18.80 21.99
C UNK H 29 2.75 -19.41 21.07
N UNK H 30 3.01 -20.64 20.63
CA UNK H 30 2.12 -21.34 19.72
C UNK H 30 1.19 -22.22 20.53
N UNK H 31 0.01 -22.46 19.99
CA UNK H 31 -0.92 -23.36 20.61
C UNK H 31 -0.37 -24.76 20.48
N UNK H 32 -0.43 -25.56 21.55
CA UNK H 32 0.08 -26.93 21.43
C UNK H 32 -0.99 -28.00 21.40
N UNK H 33 -0.78 -28.94 20.51
CA UNK H 33 -1.64 -30.08 20.42
C UNK H 33 -1.10 -31.18 21.29
N UNK H 34 -2.01 -31.97 21.86
CA UNK H 34 -1.62 -33.16 22.60
C UNK H 34 -2.29 -34.33 21.94
N UNK H 35 -1.61 -35.47 21.92
CA UNK H 35 -2.14 -36.68 21.30
C UNK H 35 -1.58 -37.93 21.95
N UNK H 36 -2.26 -39.04 21.78
CA UNK H 36 -1.74 -40.31 22.25
C UNK H 36 -2.33 -41.45 21.47
N UNK H 37 -1.62 -42.56 21.41
CA UNK H 37 -2.16 -43.76 20.76
C UNK H 37 -1.61 -44.99 21.43
N UNK H 38 -2.51 -45.90 21.81
CA UNK H 38 -2.10 -47.13 22.49
C UNK H 38 -1.73 -48.21 21.53
N UNK H 39 -0.73 -48.99 21.88
CA UNK H 39 -0.35 -50.15 21.11
C UNK H 39 -0.23 -49.85 19.62
N UNK H 40 -1.04 -50.53 18.80
CA UNK H 40 -0.99 -50.40 17.37
C UNK H 40 -1.86 -49.26 16.83
N UNK H 41 -2.55 -48.55 17.69
CA UNK H 41 -3.40 -47.47 17.23
C UNK H 41 -2.53 -46.44 16.55
N UNK H 42 -3.00 -45.88 15.44
CA UNK H 42 -2.16 -44.89 14.78
C UNK H 42 -2.25 -43.52 15.40
N UNK H 43 -3.46 -43.04 15.63
CA UNK H 43 -3.58 -41.70 16.15
C UNK H 43 -4.93 -41.43 16.75
N UNK H 44 -4.92 -40.47 17.65
CA UNK H 44 -6.10 -39.91 18.27
C UNK H 44 -5.72 -38.55 18.80
N UNK H 45 -6.67 -37.64 18.96
CA UNK H 45 -6.37 -36.36 19.58
C UNK H 45 -6.58 -36.49 21.08
N UNK H 46 -5.80 -35.76 21.88
CA UNK H 46 -6.02 -35.76 23.31
C UNK H 46 -6.54 -34.40 23.79
N UNK H 47 -5.95 -33.33 23.27
CA UNK H 47 -6.31 -31.96 23.66
C UNK H 47 -5.89 -30.93 22.60
N UNK H 48 -6.53 -29.77 22.64
CA UNK H 48 -6.19 -28.69 21.75
C UNK H 48 -5.78 -27.44 22.51
N UNK H 49 -4.78 -26.76 21.97
CA UNK H 49 -4.24 -25.51 22.49
C UNK H 49 -3.85 -25.61 23.96
N UNK H 50 -3.31 -26.77 24.32
CA UNK H 50 -2.91 -27.07 25.67
C UNK H 50 -4.03 -26.78 26.65
N UNK H 51 -5.26 -27.04 26.28
CA UNK H 51 -6.34 -26.72 27.18
C UNK H 51 -7.57 -27.55 26.97
N UNK H 52 -8.18 -27.41 25.81
CA UNK H 52 -9.46 -28.03 25.58
C UNK H 52 -9.31 -29.51 25.46
N UNK H 53 -10.21 -30.25 26.05
CA UNK H 53 -10.17 -31.67 25.89
C UNK H 53 -10.60 -31.99 24.49
N UNK H 54 -10.05 -33.04 23.93
CA UNK H 54 -10.54 -33.46 22.65
C UNK H 54 -11.98 -33.86 22.86
N UNK H 55 -12.82 -33.66 21.86
CA UNK H 55 -14.21 -34.04 22.04
C UNK H 55 -14.28 -35.52 22.36
N UNK H 56 -15.15 -35.85 23.29
CA UNK H 56 -15.39 -37.22 23.77
C UNK H 56 -14.17 -37.84 24.45
N UNK H 57 -13.22 -37.01 24.86
CA UNK H 57 -12.08 -37.45 25.62
C UNK H 57 -12.55 -37.67 27.04
N UNK H 58 -11.83 -38.49 27.79
CA UNK H 58 -12.20 -38.70 29.17
C UNK H 58 -12.13 -37.38 29.93
N UNK H 59 -13.08 -37.19 30.85
CA UNK H 59 -13.11 -36.02 31.72
C UNK H 59 -11.92 -36.03 32.67
N UNK H 60 -11.37 -37.22 32.83
CA UNK H 60 -10.23 -37.46 33.66
C UNK H 60 -9.01 -36.74 33.15
N UNK H 61 -8.94 -36.52 31.82
CA UNK H 61 -7.77 -35.92 31.19
C UNK H 61 -7.72 -34.41 31.31
N UNK H 62 -6.51 -33.89 31.44
CA UNK H 62 -6.26 -32.46 31.50
C UNK H 62 -4.88 -32.08 30.95
N UNK H 63 -4.72 -30.83 30.53
CA UNK H 63 -3.43 -30.34 30.07
C UNK H 63 -3.28 -28.85 30.33
N UNK H 64 -2.02 -28.41 30.47
CA UNK H 64 -1.69 -27.01 30.67
C UNK H 64 -0.25 -26.70 30.28
N UNK H 65 0.05 -25.41 30.05
CA UNK H 65 1.43 -25.03 29.79
C UNK H 65 1.73 -23.63 30.32
N UNK H 66 2.98 -23.44 30.74
CA UNK H 66 3.49 -22.18 31.25
C UNK H 66 5.01 -22.20 31.27
N UNK H 67 5.66 -21.03 31.25
CA UNK H 67 7.12 -20.95 31.46
C UNK H 67 7.93 -21.88 30.55
N UNK H 68 7.57 -21.94 29.26
CA UNK H 68 8.25 -22.77 28.28
C UNK H 68 8.29 -24.24 28.70
N UNK H 69 7.22 -24.69 29.34
CA UNK H 69 7.09 -26.06 29.79
C UNK H 69 5.64 -26.48 29.70
N UNK H 70 5.39 -27.77 29.61
CA UNK H 70 4.01 -28.22 29.52
C UNK H 70 3.79 -29.54 30.19
N UNK H 71 2.55 -29.78 30.58
CA UNK H 71 2.25 -31.04 31.21
C UNK H 71 0.85 -31.52 30.96
N UNK H 72 0.74 -32.82 31.11
CA UNK H 72 -0.51 -33.55 31.01
C UNK H 72 -0.81 -34.14 32.36
N UNK H 73 -2.08 -34.36 32.61
CA UNK H 73 -2.49 -34.98 33.86
C UNK H 73 -3.73 -35.79 33.69
N UNK H 74 -3.91 -36.72 34.61
CA UNK H 74 -5.14 -37.47 34.61
C UNK H 74 -5.59 -37.82 36.01
N UNK H 75 -6.91 -37.78 36.21
CA UNK H 75 -7.51 -38.12 37.49
C UNK H 75 -7.20 -39.53 37.92
N UNK H 76 -7.10 -40.45 36.97
CA UNK H 76 -6.80 -41.84 37.26
C UNK H 76 -6.24 -42.47 36.01
N UNK H 77 -5.54 -43.59 36.16
CA UNK H 77 -5.04 -44.33 35.00
C UNK H 77 -6.20 -44.82 34.14
N UNK H 78 -7.32 -45.12 34.79
CA UNK H 78 -8.54 -45.56 34.12
C UNK H 78 -8.36 -46.75 33.20
N UNK H 79 -7.56 -47.71 33.65
CA UNK H 79 -7.30 -48.95 32.92
C UNK H 79 -6.81 -48.75 31.49
N UNK H 80 -5.97 -47.76 31.25
CA UNK H 80 -5.46 -47.57 29.91
C UNK H 80 -4.06 -47.01 29.91
N UNK H 81 -3.33 -47.25 28.85
CA UNK H 81 -2.01 -46.69 28.70
C UNK H 81 -1.72 -46.47 27.24
N UNK H 82 -1.01 -45.41 26.95
CA UNK H 82 -0.60 -45.09 25.60
C UNK H 82 0.61 -44.21 25.63
N UNK H 83 1.44 -44.28 24.61
CA UNK H 83 2.49 -43.29 24.55
C UNK H 83 1.83 -42.00 24.10
N UNK H 84 2.27 -40.90 24.68
CA UNK H 84 1.82 -39.56 24.38
C UNK H 84 2.73 -38.88 23.37
N UNK H 85 2.20 -37.84 22.76
CA UNK H 85 2.91 -37.01 21.81
C UNK H 85 2.41 -35.58 21.87
N UNK H 86 3.22 -34.63 21.40
CA UNK H 86 2.76 -33.25 21.35
C UNK H 86 3.33 -32.52 20.15
N UNK H 87 2.61 -31.48 19.70
CA UNK H 87 3.07 -30.73 18.54
C UNK H 87 2.70 -29.25 18.54
N UNK H 88 3.57 -28.46 17.90
CA UNK H 88 3.37 -27.02 17.70
C UNK H 88 4.26 -26.57 16.56
N UNK H 89 3.97 -25.45 15.90
CA UNK H 89 4.85 -24.98 14.83
C UNK H 89 5.78 -23.85 15.20
N UNK H 90 6.97 -23.89 14.58
CA UNK H 90 7.90 -22.78 14.61
C UNK H 90 7.58 -22.00 13.39
N UNK H 91 7.48 -20.69 13.41
CA UNK H 91 7.04 -20.04 12.19
C UNK H 91 5.71 -20.74 11.85
N UNK H 92 5.61 -21.39 10.70
CA UNK H 92 4.37 -22.09 10.35
C UNK H 92 4.69 -23.55 10.03
N UNK H 93 5.85 -23.99 10.50
CA UNK H 93 6.36 -25.33 10.31
C UNK H 93 6.09 -26.24 11.50
N UNK H 94 5.10 -27.12 11.37
CA UNK H 94 4.74 -27.97 12.48
C UNK H 94 5.89 -28.86 12.86
N UNK H 95 6.08 -29.06 14.16
CA UNK H 95 7.10 -29.91 14.71
C UNK H 95 6.52 -30.75 15.83
N UNK H 96 7.09 -31.92 16.06
CA UNK H 96 6.54 -32.76 17.10
C UNK H 96 7.58 -33.63 17.75
N UNK H 97 7.24 -34.10 18.94
CA UNK H 97 8.07 -35.04 19.67
C UNK H 97 7.16 -36.00 20.40
N UNK H 98 7.62 -37.23 20.60
CA UNK H 98 6.80 -38.22 21.30
C UNK H 98 7.60 -39.14 22.19
N UNK H 99 8.35 -38.56 23.11
CA UNK H 99 9.09 -39.39 24.03
C UNK H 99 8.15 -39.63 25.18
N UNK H 100 7.54 -40.79 25.20
CA UNK H 100 6.53 -41.05 26.19
C UNK H 100 6.28 -42.53 26.34
N UNK H 101 5.76 -42.91 27.48
CA UNK H 101 5.34 -44.27 27.76
C UNK H 101 4.41 -44.24 28.95
N UNK H 102 3.63 -45.29 29.17
CA UNK H 102 2.84 -45.29 30.38
C UNK H 102 2.66 -46.71 30.92
N UNK H 103 2.70 -46.84 32.28
CA UNK H 103 2.48 -48.05 33.07
C UNK H 103 3.39 -49.19 32.60
C1 NAG I . -15.50 -14.63 25.78
C2 NAG I . -16.03 -14.79 24.28
C3 NAG I . -16.50 -16.27 24.10
C4 NAG I . -15.39 -17.28 24.46
C5 NAG I . -14.91 -17.03 25.91
C6 NAG I . -13.77 -17.95 26.34
C7 NAG I . -17.53 -13.25 23.03
C8 NAG I . -18.81 -12.47 22.98
N2 NAG I . -17.24 -13.96 24.12
O3 NAG I . -16.85 -16.45 22.72
O4 NAG I . -16.02 -18.59 24.47
O5 NAG I . -14.46 -15.63 26.05
O6 NAG I . -13.55 -17.87 27.75
O7 NAG I . -16.77 -13.21 22.06
C1 NAG I . -15.51 -19.57 23.47
C2 NAG I . -16.07 -20.98 23.82
C3 NAG I . -15.47 -22.01 22.83
C4 NAG I . -15.88 -21.60 21.35
C5 NAG I . -15.37 -20.14 21.07
C6 NAG I . -15.86 -19.61 19.72
C7 NAG I . -16.74 -21.66 26.11
C8 NAG I . -16.40 -22.00 27.54
N2 NAG I . -15.77 -21.32 25.24
O3 NAG I . -15.98 -23.31 23.16
O4 NAG I . -15.13 -22.43 20.45
O5 NAG I . -15.87 -19.21 22.11
O6 NAG I . -17.28 -19.61 19.57
O7 NAG I . -17.93 -21.69 25.77
C1 BMA I . -15.88 -23.50 19.72
C2 BMA I . -14.81 -24.28 18.89
C3 BMA I . -15.52 -25.40 18.10
C4 BMA I . -16.27 -26.33 19.08
C5 BMA I . -17.31 -25.48 19.86
C6 BMA I . -18.10 -26.32 20.87
O2 BMA I . -13.81 -24.83 19.77
O3 BMA I . -14.50 -26.13 17.38
O4 BMA I . -16.94 -27.36 18.35
O5 BMA I . -16.61 -24.40 20.59
O6 BMA I . -17.31 -26.78 21.97
C1 MAN I . -14.62 -26.01 15.92
C2 MAN I . -15.56 -27.03 15.29
C3 MAN I . -15.04 -28.43 15.55
C4 MAN I . -13.64 -28.55 14.98
C5 MAN I . -12.74 -27.49 15.62
C6 MAN I . -11.35 -27.48 15.05
O2 MAN I . -15.64 -26.82 13.89
O3 MAN I . -15.90 -29.42 14.99
O4 MAN I . -13.10 -29.84 15.26
O5 MAN I . -13.30 -26.18 15.37
O6 MAN I . -11.33 -27.97 13.71
C1 MAN I . -16.91 -27.18 13.25
C2 MAN I . -16.90 -26.93 11.71
C3 MAN I . -16.92 -25.39 11.45
C4 MAN I . -18.15 -24.73 12.15
C5 MAN I . -18.07 -25.03 13.69
C6 MAN I . -19.24 -24.46 14.48
O2 MAN I . -17.94 -27.69 11.01
O3 MAN I . -16.94 -25.13 10.03
O4 MAN I . -18.15 -23.31 11.90
O5 MAN I . -18.03 -26.50 13.90
O6 MAN I . -18.97 -24.49 15.88
C1 MAN I . -17.41 -28.90 10.25
C2 MAN I . -18.27 -29.32 9.00
C3 MAN I . -19.56 -30.06 9.46
C4 MAN I . -19.17 -31.28 10.36
C5 MAN I . -18.40 -30.75 11.62
C6 MAN I . -17.95 -31.84 12.59
O2 MAN I . -17.48 -30.10 8.12
O3 MAN I . -20.28 -30.53 8.28
O4 MAN I . -20.29 -32.13 10.61
O5 MAN I . -17.17 -30.05 11.14
O6 MAN I . -19.03 -32.43 13.29
C1 MAN I . -17.84 -26.31 23.29
C2 MAN I . -16.83 -26.57 24.45
C3 MAN I . -16.72 -28.10 24.66
C4 MAN I . -18.13 -28.68 24.99
C5 MAN I . -19.09 -28.35 23.80
C6 MAN I . -20.54 -28.75 24.09
O2 MAN I . -17.27 -25.87 25.62
O3 MAN I . -15.71 -28.45 25.66
O4 MAN I . -18.01 -30.09 25.16
O5 MAN I . -19.14 -26.89 23.60
O6 MAN I . -20.78 -30.15 23.92
C1 MAN I . -15.94 -27.88 26.97
C2 MAN I . -15.00 -26.78 27.40
C3 MAN I . -13.83 -27.34 28.17
C4 MAN I . -14.31 -28.22 29.31
C5 MAN I . -15.28 -29.29 28.81
C6 MAN I . -15.91 -30.08 29.93
O2 MAN I . -15.72 -25.81 28.18
O3 MAN I . -13.02 -26.27 28.69
O4 MAN I . -13.22 -28.85 29.95
O5 MAN I . -16.36 -28.70 28.06
O6 MAN I . -14.94 -30.88 30.62
C1 MAN I . -21.33 -30.82 25.15
C2 MAN I . -21.82 -32.28 24.78
C3 MAN I . -23.10 -32.15 23.89
C4 MAN I . -24.22 -31.35 24.65
C5 MAN I . -23.64 -29.92 24.99
C6 MAN I . -24.61 -29.05 25.82
O2 MAN I . -22.06 -33.03 25.98
O3 MAN I . -23.58 -33.47 23.56
O4 MAN I . -25.38 -31.23 23.80
O5 MAN I . -22.41 -30.07 25.80
O6 MAN I . -25.66 -28.48 25.05
C1 NAG J . -39.36 -25.48 2.89
C2 NAG J . -39.24 -26.84 3.68
C3 NAG J . -38.72 -27.93 2.69
C4 NAG J . -39.67 -28.05 1.46
C5 NAG J . -39.82 -26.66 0.76
C6 NAG J . -40.83 -26.67 -0.41
C7 NAG J . -38.74 -26.40 6.08
C8 NAG J . -37.74 -26.19 7.20
N2 NAG J . -38.31 -26.64 4.82
O3 NAG J . -38.68 -29.21 3.36
O4 NAG J . -39.03 -28.94 0.50
O5 NAG J . -40.27 -25.66 1.75
O6 NAG J . -41.53 -25.44 -0.58
O7 NAG J . -39.94 -26.34 6.36
C1 NAG J . -39.80 -30.18 0.13
C2 NAG J . -39.11 -30.82 -1.14
C3 NAG J . -39.92 -32.10 -1.55
C4 NAG J . -39.96 -33.11 -0.33
C5 NAG J . -40.62 -32.38 0.90
C6 NAG J . -40.64 -33.25 2.16
C7 NAG J . -39.96 -29.19 -2.89
C8 NAG J . -39.64 -28.22 -3.99
N2 NAG J . -38.95 -29.83 -2.25
O3 NAG J . -39.28 -32.74 -2.67
O4 NAG J . -40.72 -34.26 -0.70
O5 NAG J . -39.86 -31.14 1.22
O6 NAG J . -41.50 -32.72 3.17
O7 NAG J . -41.14 -29.39 -2.60
C1 NAG K . 7.48 -25.79 -42.42
C2 NAG K . 6.99 -24.53 -43.16
C3 NAG K . 5.82 -24.91 -44.06
C4 NAG K . 6.21 -26.04 -45.00
C5 NAG K . 6.72 -27.23 -44.19
C6 NAG K . 7.23 -28.36 -45.04
C7 NAG K . 7.44 -22.66 -41.65
C8 NAG K . 6.89 -21.84 -40.52
N2 NAG K . 6.59 -23.50 -42.24
O3 NAG K . 5.41 -23.76 -44.79
O4 NAG K . 5.06 -26.45 -45.73
O5 NAG K . 7.81 -26.83 -43.33
O6 NAG K . 7.27 -29.58 -44.31
O7 NAG K . 8.62 -22.57 -41.99
C1 NAG K . 5.32 -26.29 -47.13
C2 NAG K . 4.46 -27.27 -47.92
C3 NAG K . 4.71 -27.09 -49.42
C4 NAG K . 4.48 -25.63 -49.81
C5 NAG K . 5.35 -24.72 -48.95
C6 NAG K . 5.09 -23.25 -49.20
C7 NAG K . 5.59 -29.41 -48.14
C8 NAG K . 5.16 -30.82 -48.39
N2 NAG K . 4.69 -28.64 -47.52
O3 NAG K . 3.87 -27.96 -50.15
O4 NAG K . 4.83 -25.46 -51.17
O5 NAG K . 5.09 -24.95 -47.54
O6 NAG K . 5.82 -22.43 -48.30
O7 NAG K . 6.69 -29.00 -48.46
C1 NAG L . 12.33 -14.31 -30.42
C2 NAG L . 10.78 -14.17 -30.08
C3 NAG L . 10.00 -13.96 -31.42
C4 NAG L . 10.51 -12.67 -32.16
C5 NAG L . 12.05 -12.87 -32.43
C6 NAG L . 12.75 -11.68 -33.10
C7 NAG L . 9.37 -15.47 -28.51
C8 NAG L . 9.02 -16.79 -27.88
N2 NAG L . 10.36 -15.42 -29.41
O3 NAG L . 8.60 -13.82 -31.15
O4 NAG L . 9.78 -12.57 -33.42
O5 NAG L . 12.77 -13.11 -31.14
O6 NAG L . 12.46 -10.42 -32.50
O7 NAG L . 8.76 -14.46 -28.16
C1 NAG L . 9.32 -11.19 -33.84
C2 NAG L . 9.15 -11.18 -35.43
C3 NAG L . 8.69 -9.74 -35.86
C4 NAG L . 7.34 -9.37 -35.15
C5 NAG L . 7.57 -9.46 -33.60
C6 NAG L . 6.30 -9.19 -32.79
C7 NAG L . 10.78 -12.81 -36.37
C8 NAG L . 12.07 -13.15 -37.04
N2 NAG L . 10.43 -11.53 -36.10
O3 NAG L . 8.52 -9.72 -37.29
O4 NAG L . 6.94 -8.01 -35.49
O5 NAG L . 8.06 -10.81 -33.21
O6 NAG L . 5.26 -10.12 -33.07
O7 NAG L . 10.02 -13.72 -36.06
C1 BMA L . 5.60 -7.86 -36.21
C2 BMA L . 4.99 -6.45 -35.88
C3 BMA L . 3.61 -6.35 -36.58
C4 BMA L . 3.81 -6.54 -38.11
C5 BMA L . 4.47 -7.93 -38.37
C6 BMA L . 4.77 -8.15 -39.85
O2 BMA L . 5.87 -5.40 -36.28
O3 BMA L . 3.03 -5.05 -36.31
O4 BMA L . 2.54 -6.48 -38.76
O5 BMA L . 5.75 -8.03 -37.65
O6 BMA L . 5.44 -7.02 -40.41
C1 MAN L . 1.57 -5.08 -35.91
C2 MAN L . 0.96 -3.62 -35.83
C3 MAN L . 1.62 -2.88 -34.62
C4 MAN L . 1.35 -3.69 -33.29
C5 MAN L . 1.97 -5.12 -33.46
C6 MAN L . 1.71 -6.05 -32.27
O2 MAN L . -0.46 -3.67 -35.75
O3 MAN L . 1.06 -1.56 -34.52
O4 MAN L . 1.98 -3.00 -32.20
O5 MAN L . 1.36 -5.79 -34.64
O6 MAN L . 2.56 -5.76 -31.15
C1 MAN L . 5.98 -7.23 -41.78
C2 MAN L . 7.56 -7.32 -41.67
C3 MAN L . 8.08 -5.92 -41.19
C4 MAN L . 7.62 -4.80 -42.19
C5 MAN L . 6.04 -4.81 -42.27
C6 MAN L . 5.47 -3.83 -43.28
O2 MAN L . 8.12 -7.73 -42.92
O3 MAN L . 9.52 -5.96 -41.10
O4 MAN L . 8.09 -3.54 -41.70
O5 MAN L . 5.58 -6.17 -42.69
O6 MAN L . 5.59 -2.48 -42.86
C1 NAG M . -20.93 -19.44 -39.72
C2 NAG M . -20.44 -19.42 -41.24
C3 NAG M . -21.13 -18.21 -41.96
C4 NAG M . -22.69 -18.36 -41.87
C5 NAG M . -23.11 -18.45 -40.36
C6 NAG M . -24.61 -18.71 -40.19
C7 NAG M . -18.10 -20.25 -41.41
C8 NAG M . -16.62 -19.96 -41.43
N2 NAG M . -18.97 -19.24 -41.27
O3 NAG M . -20.75 -18.22 -43.36
O4 NAG M . -23.27 -17.12 -42.38
O5 NAG M . -22.40 -19.56 -39.70
O6 NAG M . -25.08 -19.82 -40.95
O7 NAG M . -18.48 -21.42 -41.53
C1 NAG M . -24.08 -17.24 -43.65
C2 NAG M . -24.90 -15.90 -43.82
C3 NAG M . -25.74 -16.02 -45.15
C4 NAG M . -24.79 -16.28 -46.37
C5 NAG M . -23.99 -17.62 -46.09
C6 NAG M . -22.95 -17.95 -47.17
C7 NAG M . -25.57 -14.92 -41.63
C8 NAG M . -26.55 -14.82 -40.50
N2 NAG M . -25.82 -15.73 -42.66
O3 NAG M . -26.45 -14.78 -45.37
O4 NAG M . -25.56 -16.40 -47.56
O5 NAG M . -23.25 -17.49 -44.81
O6 NAG M . -23.55 -18.52 -48.34
O7 NAG M . -24.53 -14.23 -41.58
C1 NAG N . -31.13 41.42 -20.33
C2 NAG N . -31.88 40.88 -19.11
C3 NAG N . -33.33 40.63 -19.47
C4 NAG N . -33.96 41.90 -20.04
C5 NAG N . -33.14 42.39 -21.23
C6 NAG N . -33.62 43.71 -21.77
C7 NAG N . -30.88 39.51 -17.35
C8 NAG N . -29.57 38.81 -17.14
N2 NAG N . -31.27 39.67 -18.61
O3 NAG N . -34.04 40.20 -18.31
O4 NAG N . -35.28 41.60 -20.48
O5 NAG N . -31.77 42.59 -20.84
O6 NAG N . -34.75 43.53 -22.64
O7 NAG N . -31.56 39.90 -16.40
C1 NAG N . -36.19 42.50 -19.83
C2 NAG N . -37.58 42.39 -20.47
C3 NAG N . -38.53 43.36 -19.79
C4 NAG N . -38.55 43.11 -18.28
C5 NAG N . -37.13 43.19 -17.72
C6 NAG N . -37.05 42.84 -16.26
C7 NAG N . -37.70 41.69 -22.81
C8 NAG N . -38.13 42.15 -24.16
N2 NAG N . -37.52 42.64 -21.89
O3 NAG N . -39.83 43.23 -20.34
O4 NAG N . -39.36 44.09 -17.65
O5 NAG N . -36.27 42.26 -18.42
O6 NAG N . -36.65 43.97 -15.49
O7 NAG N . -37.51 40.50 -22.55
C1 NAG O . -17.59 34.96 -10.54
C2 NAG O . -18.33 33.60 -10.90
C3 NAG O . -19.85 33.74 -10.53
C4 NAG O . -20.01 34.09 -9.01
C5 NAG O . -19.22 35.43 -8.73
C6 NAG O . -19.23 35.89 -7.28
C7 NAG O . -17.74 32.25 -12.92
C8 NAG O . -17.64 32.14 -14.41
N2 NAG O . -18.18 33.38 -12.36
O3 NAG O . -20.51 32.51 -10.82
O4 NAG O . -21.43 34.32 -8.75
O5 NAG O . -17.81 35.26 -9.12
O6 NAG O . -18.77 34.92 -6.35
O7 NAG O . -17.40 31.28 -12.22
C1 NAG O . -21.97 33.73 -7.45
C2 NAG O . -23.30 34.49 -7.05
C3 NAG O . -23.78 33.92 -5.66
C4 NAG O . -24.03 32.37 -5.80
C5 NAG O . -22.69 31.69 -6.27
C6 NAG O . -22.84 30.19 -6.52
C7 NAG O . -23.65 36.87 -7.73
C8 NAG O . -23.34 38.33 -7.58
N2 NAG O . -23.03 35.96 -6.94
O3 NAG O . -25.00 34.57 -5.27
O4 NAG O . -24.40 31.82 -4.49
O5 NAG O . -22.23 32.30 -7.55
O6 NAG O . -23.85 29.89 -7.49
O7 NAG O . -24.47 36.53 -8.58
C1 BMA O . -25.72 31.07 -4.44
C2 BMA O . -25.62 29.93 -3.37
C3 BMA O . -26.97 29.14 -3.39
C4 BMA O . -28.12 30.12 -3.07
C5 BMA O . -28.14 31.25 -4.14
C6 BMA O . -29.24 32.28 -3.91
O2 BMA O . -25.35 30.46 -2.08
O3 BMA O . -26.93 28.07 -2.41
O4 BMA O . -29.38 29.42 -3.11
O5 BMA O . -26.83 31.96 -4.13
O6 BMA O . -29.39 32.63 -2.52
C1 MAN O . -27.50 26.73 -2.88
C2 MAN O . -28.19 25.97 -1.68
C3 MAN O . -27.08 25.51 -0.68
C4 MAN O . -26.01 24.63 -1.41
C5 MAN O . -25.38 25.46 -2.57
C6 MAN O . -24.33 24.73 -3.41
O2 MAN O . -28.95 24.86 -2.17
O3 MAN O . -27.68 24.79 0.41
O4 MAN O . -25.00 24.24 -0.47
O5 MAN O . -26.48 25.90 -3.51
O6 MAN O . -23.48 25.68 -4.06
C1 MAN O . -30.72 33.20 -2.14
C2 MAN O . -30.74 34.76 -2.38
C3 MAN O . -29.75 35.42 -1.38
C4 MAN O . -30.15 35.05 0.10
C5 MAN O . -30.13 33.47 0.24
C6 MAN O . -30.60 32.99 1.62
O2 MAN O . -32.07 35.27 -2.26
O3 MAN O . -29.76 36.85 -1.54
O4 MAN O . -29.22 35.64 1.01
O5 MAN O . -31.06 32.88 -0.76
O6 MAN O . -30.32 31.60 1.82
C1 NAG P . -44.64 14.83 -20.02
C2 NAG P . -45.43 16.10 -19.48
C3 NAG P . -46.19 15.67 -18.17
C4 NAG P . -47.19 14.51 -18.51
C5 NAG P . -46.37 13.31 -19.10
C6 NAG P . -47.25 12.13 -19.55
C7 NAG P . -44.24 18.21 -20.05
C8 NAG P . -43.30 19.31 -19.67
N2 NAG P . -44.50 17.22 -19.18
O3 NAG P . -46.86 16.81 -17.61
O4 NAG P . -47.84 14.05 -17.30
O5 NAG P . -45.60 13.74 -20.29
O6 NAG P . -48.35 12.51 -20.37
O7 NAG P . -44.79 18.25 -21.17
C1 NAG P . -49.25 14.30 -17.42
C2 NAG P . -50.03 13.28 -16.60
C3 NAG P . -51.53 13.55 -16.76
C4 NAG P . -51.85 14.99 -16.37
C5 NAG P . -51.00 15.94 -17.21
C6 NAG P . -51.17 17.39 -16.82
C7 NAG P . -48.87 11.15 -16.29
C8 NAG P . -48.54 9.83 -16.91
N2 NAG P . -49.72 11.93 -16.98
O3 NAG P . -52.26 12.64 -15.94
O4 NAG P . -53.23 15.25 -16.64
O5 NAG P . -49.59 15.63 -17.05
O6 NAG P . -50.95 17.57 -15.43
O7 NAG P . -48.38 11.51 -15.23
C1 NAG Q . 11.12 10.55 45.52
C2 NAG Q . 12.65 10.43 45.08
C3 NAG Q . 13.40 9.54 46.15
C4 NAG Q . 13.25 10.20 47.57
C5 NAG Q . 11.73 10.35 47.92
C6 NAG Q . 11.48 11.05 49.26
C7 NAG Q . 13.65 9.98 42.83
C8 NAG Q . 13.51 9.35 41.47
N2 NAG Q . 12.65 9.84 43.71
O3 NAG Q . 14.80 9.43 45.82
O4 NAG Q . 13.91 9.38 48.55
O5 NAG Q . 11.04 11.14 46.87
O6 NAG Q . 11.98 12.38 49.29
O7 NAG Q . 14.68 10.61 43.11
C1 NAG R . -14.47 10.97 39.92
C2 NAG R . -13.69 12.20 39.45
C3 NAG R . -14.63 13.37 39.24
C4 NAG R . -15.74 12.98 38.27
C5 NAG R . -16.46 11.73 38.77
C6 NAG R . -17.47 11.19 37.78
C7 NAG R . -11.34 12.33 40.15
C8 NAG R . -10.44 13.52 40.29
N2 NAG R . -12.64 12.56 40.38
O3 NAG R . -13.90 14.48 38.74
O4 NAG R . -16.68 14.04 38.17
O5 NAG R . -15.51 10.67 39.00
O6 NAG R . -17.88 12.20 36.85
O7 NAG R . -10.93 11.23 39.83
C1 NAG S . 0.60 2.26 44.19
C2 NAG S . 1.92 1.63 44.62
C3 NAG S . 1.68 0.79 45.87
C4 NAG S . 1.03 1.63 46.96
C5 NAG S . -0.26 2.26 46.42
C6 NAG S . -0.91 3.20 47.42
C7 NAG S . 3.30 1.36 42.62
C8 NAG S . 3.83 0.40 41.60
N2 NAG S . 2.52 0.84 43.56
O3 NAG S . 2.91 0.24 46.31
O4 NAG S . 0.71 0.80 48.07
O5 NAG S . 0.01 3.03 45.24
O6 NAG S . -2.25 2.83 47.68
O7 NAG S . 3.56 2.56 42.58
C1 NAG T . -22.07 18.42 34.45
C2 NAG T . -21.31 19.74 34.40
C3 NAG T . -22.06 20.79 35.21
C4 NAG T . -23.49 20.92 34.71
C5 NAG T . -24.17 19.55 34.76
C6 NAG T . -25.57 19.56 34.17
C7 NAG T . -18.89 19.57 34.10
C8 NAG T . -18.02 18.34 34.19
N2 NAG T . -19.96 19.59 34.89
O3 NAG T . -21.38 22.03 35.11
O4 NAG T . -24.21 21.81 35.54
O5 NAG T . -23.41 18.58 34.01
O6 NAG T . -26.21 18.30 34.33
O7 NAG T . -18.62 20.50 33.34
C1 NAG U . -40.76 -7.89 37.39
C2 NAG U . -40.97 -9.10 36.38
C3 NAG U . -42.47 -9.51 36.39
C4 NAG U . -42.90 -9.93 37.84
C5 NAG U . -42.63 -8.72 38.81
C6 NAG U . -42.91 -9.06 40.29
C7 NAG U . -39.40 -9.14 34.44
C8 NAG U . -39.00 -8.65 33.08
N2 NAG U . -40.52 -8.67 35.03
O3 NAG U . -42.67 -10.63 35.50
O4 NAG U . -44.28 -10.28 37.86
O5 NAG U . -41.19 -8.32 38.74
O6 NAG U . -44.30 -9.26 40.55
O7 NAG U . -38.69 -9.99 34.99
C1 NAG V . -38.76 -8.56 27.01
C2 NAG V . -39.63 -7.92 25.85
C3 NAG V . -40.87 -7.21 26.48
C4 NAG V . -41.71 -8.23 27.31
C5 NAG V . -40.79 -8.85 28.42
C6 NAG V . -41.49 -9.92 29.27
C7 NAG V . -38.39 -7.02 23.90
C8 NAG V . -37.51 -5.96 23.30
N2 NAG V . -38.78 -6.91 25.16
O3 NAG V . -41.68 -6.67 25.42
O4 NAG V . -42.82 -7.56 27.89
O5 NAG V . -39.60 -9.48 27.79
O6 NAG V . -42.42 -9.36 30.17
O7 NAG V . -38.73 -7.98 23.20
C1 NAG W . -31.96 -9.44 45.74
C2 NAG W . -31.95 -9.71 47.24
C3 NAG W . -33.21 -9.14 47.87
C4 NAG W . -33.34 -7.67 47.53
C5 NAG W . -33.30 -7.48 46.01
C6 NAG W . -33.31 -6.03 45.61
C7 NAG W . -30.70 -11.66 48.04
C8 NAG W . -29.93 -12.55 47.11
N2 NAG W . -31.81 -11.12 47.54
O3 NAG W . -33.18 -9.35 49.28
O4 NAG W . -34.58 -7.17 48.03
O5 NAG W . -32.09 -8.06 45.47
O6 NAG W . -33.76 -5.87 44.27
O7 NAG W . -30.33 -11.43 49.18
C1 NAG X . -31.24 -22.58 30.95
C2 NAG X . -30.49 -23.72 30.13
C3 NAG X . -31.55 -24.74 29.59
C4 NAG X . -32.36 -25.34 30.78
C5 NAG X . -33.05 -24.17 31.55
C6 NAG X . -33.84 -24.63 32.78
C7 NAG X . -28.50 -22.74 29.00
C8 NAG X . -27.91 -22.05 27.80
N2 NAG X . -29.80 -23.05 28.99
O3 NAG X . -30.85 -25.80 28.91
O4 NAG X . -33.35 -26.24 30.27
O5 NAG X . -32.02 -23.21 32.03
O6 NAG X . -34.64 -23.57 33.31
O7 NAG X . -27.78 -23.01 29.96
C1 NAG Y . -22.53 -22.41 32.48
C2 NAG Y . -23.40 -22.36 33.82
C3 NAG Y . -22.49 -22.78 35.02
C4 NAG Y . -21.92 -24.21 34.79
C5 NAG Y . -21.12 -24.23 33.44
C6 NAG Y . -20.62 -25.64 33.09
C7 NAG Y . -25.19 -20.66 34.16
C8 NAG Y . -25.59 -19.22 34.33
N2 NAG Y . -23.89 -20.97 34.00
O3 NAG Y . -23.27 -22.76 36.23
O4 NAG Y . -21.06 -24.56 35.87
O5 NAG Y . -22.00 -23.78 32.32
O6 NAG Y . -19.81 -25.63 31.92
O7 NAG Y . -26.06 -21.54 34.17
C1 NAG Z . -13.79 -15.81 33.53
C2 NAG Z . -12.41 -15.74 32.77
C3 NAG Z . -11.53 -16.96 33.19
C4 NAG Z . -11.31 -16.93 34.73
C5 NAG Z . -12.70 -16.97 35.45
C6 NAG Z . -12.61 -16.87 36.97
C7 NAG Z . -12.70 -14.65 30.55
C8 NAG Z . -12.98 -14.74 29.07
N2 NAG Z . -12.67 -15.76 31.30
O3 NAG Z . -10.26 -16.87 32.51
O4 NAG Z . -10.51 -18.08 35.09
O5 NAG Z . -13.53 -15.82 34.99
O6 NAG Z . -12.02 -18.04 37.57
O7 NAG Z . -12.52 -13.53 31.05
C1 NAG AA . -27.27 -32.56 13.30
C2 NAG AA . -26.49 -33.14 14.56
C3 NAG AA . -25.41 -34.17 14.06
C4 NAG AA . -26.10 -35.32 13.25
C5 NAG AA . -26.88 -34.68 12.04
C6 NAG AA . -27.67 -35.71 11.22
C7 NAG AA . -26.20 -31.50 16.40
C8 NAG AA . -25.41 -30.39 17.00
N2 NAG AA . -25.78 -32.03 15.25
O3 NAG AA . -24.74 -34.73 15.20
O4 NAG AA . -25.10 -36.22 12.78
O5 NAG AA . -27.87 -33.70 12.55
O6 NAG AA . -26.81 -36.54 10.43
O7 NAG AA . -27.22 -31.91 16.98
C1 NAG BA . -40.40 -17.59 -11.07
C2 NAG BA . -41.45 -16.97 -10.15
C3 NAG BA . -42.76 -17.72 -10.32
C4 NAG BA . -43.18 -17.70 -11.78
C5 NAG BA . -42.07 -18.29 -12.64
C6 NAG BA . -42.36 -18.21 -14.12
C7 NAG BA . -41.05 -15.91 -7.98
C8 NAG BA . -39.71 -15.42 -7.53
N2 NAG BA . -41.04 -16.99 -8.76
O3 NAG BA . -43.76 -17.12 -9.50
O4 NAG BA . -44.36 -18.50 -11.95
O5 NAG BA . -40.84 -17.56 -12.42
O6 NAG BA . -43.74 -18.39 -14.40
O7 NAG BA . -42.10 -15.34 -7.67
C1 NAG CA . -37.76 0.45 3.99
C2 NAG CA . -37.74 1.97 4.46
C3 NAG CA . -38.12 2.03 5.99
C4 NAG CA . -39.53 1.41 6.20
C5 NAG CA . -39.54 -0.07 5.67
C6 NAG CA . -40.94 -0.70 5.73
C7 NAG CA . -36.12 3.37 3.23
C8 NAG CA . -34.72 3.87 3.05
N2 NAG CA . -36.39 2.52 4.23
O3 NAG CA . -38.11 3.40 6.43
O4 NAG CA . -39.85 1.42 7.61
O5 NAG CA . -39.11 -0.09 4.24
O6 NAG CA . -41.90 -0.02 4.94
O7 NAG CA . -37.00 3.73 2.42
C1 NAG DA . -47.45 -17.24 10.13
C2 NAG DA . -48.32 -17.29 11.39
C3 NAG DA . -49.12 -15.99 11.49
C4 NAG DA . -48.17 -14.80 11.46
C5 NAG DA . -47.31 -14.85 10.20
C6 NAG DA . -46.27 -13.75 10.17
C7 NAG DA . -48.94 -19.54 12.09
C8 NAG DA . -49.99 -19.95 13.08
N2 NAG DA . -49.20 -18.43 11.39
O3 NAG DA . -49.89 -16.01 12.67
O4 NAG DA . -48.94 -13.60 11.45
O5 NAG DA . -46.60 -16.10 10.14
O6 NAG DA . -46.07 -13.28 8.84
O7 NAG DA . -47.91 -20.18 11.93
C1 NAG EA . -16.14 -6.45 45.58
C2 NAG EA . -15.23 -7.27 46.59
C3 NAG EA . -16.05 -7.56 47.90
C4 NAG EA . -16.50 -6.19 48.54
C5 NAG EA . -17.36 -5.40 47.49
C6 NAG EA . -17.84 -4.02 47.96
C7 NAG EA . -13.61 -8.95 45.70
C8 NAG EA . -13.37 -10.22 44.92
N2 NAG EA . -14.87 -8.53 45.87
O3 NAG EA . -15.20 -8.27 48.82
O4 NAG EA . -17.30 -6.47 49.70
O5 NAG EA . -16.58 -5.20 46.25
O6 NAG EA . -16.76 -3.13 48.26
O7 NAG EA . -12.65 -8.34 46.17
C1 NAG FA . -41.33 -34.19 14.23
C2 NAG FA . -42.94 -34.23 14.36
C3 NAG FA . -43.42 -35.67 13.99
C4 NAG FA . -42.96 -36.00 12.53
C5 NAG FA . -41.40 -35.90 12.44
C6 NAG FA . -40.85 -36.13 11.02
C7 NAG FA . -43.93 -32.71 16.08
C8 NAG FA . -44.23 -32.39 17.52
N2 NAG FA . -43.30 -33.85 15.76
O3 NAG FA . -44.86 -35.72 14.08
O4 NAG FA . -43.38 -37.33 12.21
O5 NAG FA . -40.95 -34.54 12.85
O6 NAG FA . -41.39 -35.22 10.06
O7 NAG FA . -44.27 -31.88 15.22
C1 NAG GA . -39.88 -2.43 28.82
C2 NAG GA . -40.20 -3.00 27.36
C3 NAG GA . -41.59 -2.46 26.90
C4 NAG GA . -42.70 -2.92 27.91
C5 NAG GA . -42.33 -2.37 29.34
C6 NAG GA . -43.30 -2.83 30.43
C7 NAG GA . -38.08 -3.31 26.08
C8 NAG GA . -37.07 -2.77 25.10
N2 NAG GA . -39.15 -2.55 26.41
O3 NAG GA . -41.92 -2.98 25.59
O4 NAG GA . -43.97 -2.39 27.50
O5 NAG GA . -40.97 -2.86 29.72
O6 NAG GA . -43.49 -4.25 30.47
O7 NAG GA . -37.89 -4.42 26.60
C1 NAG HA . 16.24 39.73 30.77
C2 NAG HA . 17.52 40.30 30.03
C3 NAG HA . 17.40 41.84 29.94
C4 NAG HA . 16.09 42.21 29.16
C5 NAG HA . 14.85 41.59 29.92
C6 NAG HA . 13.53 41.82 29.17
C7 NAG HA . 19.50 38.79 30.39
C8 NAG HA . 20.68 38.32 31.20
N2 NAG HA . 18.74 39.83 30.80
O3 NAG HA . 18.54 42.37 29.23
O4 NAG HA . 15.96 43.63 29.09
O5 NAG HA . 15.03 40.11 30.03
O6 NAG HA . 12.39 41.41 29.95
O7 NAG HA . 19.24 38.18 29.33
C1 NAG IA . 4.44 31.36 31.39
C2 NAG IA . 3.62 32.64 31.51
C3 NAG IA . 2.46 32.39 32.46
C4 NAG IA . 1.63 31.21 31.96
C5 NAG IA . 2.53 29.99 31.82
C6 NAG IA . 1.81 28.80 31.23
C7 NAG IA . 4.75 34.79 31.22
C8 NAG IA . 4.19 34.77 29.82
N2 NAG IA . 4.43 33.74 31.98
O3 NAG IA . 1.66 33.56 32.56
O4 NAG IA . 0.59 30.92 32.90
O5 NAG IA . 3.63 30.28 30.94
O6 NAG IA . 2.68 27.68 31.06
O7 NAG IA . 5.44 35.71 31.63
C1 NAG JA . 46.70 -10.55 -6.49
C2 NAG JA . 47.35 -9.23 -5.87
C3 NAG JA . 48.69 -8.91 -6.64
C4 NAG JA . 49.66 -10.14 -6.52
C5 NAG JA . 48.94 -11.42 -7.12
C6 NAG JA . 49.78 -12.68 -6.98
C7 NAG JA . 45.74 -7.54 -5.03
C8 NAG JA . 44.74 -6.44 -5.28
N2 NAG JA . 46.37 -8.13 -6.05
O3 NAG JA . 49.30 -7.75 -6.06
O4 NAG JA . 50.86 -9.86 -7.25
O5 NAG JA . 47.66 -11.66 -6.39
O6 NAG JA . 49.19 -13.78 -7.67
O7 NAG JA . 45.96 -7.87 -3.85
C1 NAG KA . 29.64 -28.68 -10.07
C2 NAG KA . 29.53 -27.93 -8.66
C3 NAG KA . 30.49 -28.62 -7.63
C4 NAG KA . 30.12 -30.13 -7.50
C5 NAG KA . 30.24 -30.81 -8.91
C6 NAG KA . 29.86 -32.29 -8.91
C7 NAG KA . 29.10 -25.53 -9.08
C8 NAG KA . 29.59 -24.13 -9.24
N2 NAG KA . 29.96 -26.52 -8.81
O3 NAG KA . 30.36 -27.99 -6.34
O4 NAG KA . 30.99 -30.77 -6.56
O5 NAG KA . 29.35 -30.10 -9.87
O6 NAG KA . 30.22 -32.93 -10.13
O7 NAG KA . 27.88 -25.75 -9.20
C1 NAG LA . 38.26 -13.11 -16.42
C2 NAG LA . 39.42 -14.11 -16.89
C3 NAG LA . 40.46 -13.28 -17.72
C4 NAG LA . 39.76 -12.59 -18.93
C5 NAG LA . 38.59 -11.67 -18.42
C6 NAG LA . 37.79 -11.00 -19.54
C7 NAG LA . 39.80 -15.98 -15.27
C8 NAG LA . 40.45 -16.51 -14.03
N2 NAG LA . 40.04 -14.72 -15.68
O3 NAG LA . 41.50 -14.16 -18.18
O4 NAG LA . 40.72 -11.79 -19.63
O5 NAG LA . 37.65 -12.49 -17.60
O6 NAG LA . 36.95 -11.91 -20.25
O7 NAG LA . 39.02 -16.71 -15.91
C1 NAG MA . 20.63 -35.70 -3.70
C2 NAG MA . 22.20 -35.91 -3.38
C3 NAG MA . 22.36 -37.29 -2.66
C4 NAG MA . 21.52 -37.29 -1.33
C5 NAG MA . 20.01 -37.05 -1.70
C6 NAG MA . 19.12 -36.94 -0.46
C7 NAG MA . 23.74 -34.97 -5.11
C8 NAG MA . 24.39 -35.12 -6.45
N2 NAG MA . 22.93 -35.94 -4.67
O3 NAG MA . 23.76 -37.51 -2.37
O4 NAG MA . 21.66 -38.57 -0.70
O5 NAG MA . 19.88 -35.77 -2.44
O6 NAG MA . 19.50 -35.87 0.41
O7 NAG MA . 23.96 -33.96 -4.43
C1 NAG NA . 10.03 -42.83 -33.80
C2 NAG NA . 8.77 -42.14 -34.47
C3 NAG NA . 7.86 -43.27 -35.10
C4 NAG NA . 8.70 -44.07 -36.15
C5 NAG NA . 9.96 -44.69 -35.46
C6 NAG NA . 10.89 -45.41 -36.45
C7 NAG NA . 8.06 -40.03 -33.34
C8 NAG NA . 7.32 -39.30 -32.26
N2 NAG NA . 8.03 -41.37 -33.42
O3 NAG NA . 6.73 -42.65 -35.75
O4 NAG NA . 7.89 -45.12 -36.70
O5 NAG NA . 10.76 -43.59 -34.83
O6 NAG NA . 11.97 -46.06 -35.79
O7 NAG NA . 8.70 -39.36 -34.17
C1 NAG OA . 1.96 -36.39 -30.58
C2 NAG OA . 0.78 -36.69 -29.56
C3 NAG OA . 0.74 -38.23 -29.31
C4 NAG OA . 0.55 -39.01 -30.64
C5 NAG OA . 1.73 -38.64 -31.61
C6 NAG OA . 1.61 -39.30 -32.98
C7 NAG OA . 0.55 -34.81 -27.94
C8 NAG OA . 0.89 -34.19 -26.62
N2 NAG OA . 1.06 -36.00 -28.28
O3 NAG OA . -0.36 -38.52 -28.42
O4 NAG OA . 0.58 -40.42 -30.36
O5 NAG OA . 1.76 -37.17 -31.82
O6 NAG OA . 1.88 -40.70 -32.94
O7 NAG OA . -0.22 -34.19 -28.70
C1 NAG PA . 21.64 -39.24 -35.38
C2 NAG PA . 21.61 -39.67 -36.91
C3 NAG PA . 21.51 -41.24 -37.00
C4 NAG PA . 22.74 -41.87 -36.25
C5 NAG PA . 22.78 -41.36 -34.76
C6 NAG PA . 24.00 -41.85 -33.97
C7 NAG PA . 20.59 -37.89 -38.34
C8 NAG PA . 19.40 -37.22 -38.96
N2 NAG PA . 20.45 -38.99 -37.58
O3 NAG PA . 21.52 -41.65 -38.37
O4 NAG PA . 22.64 -43.30 -36.28
O5 NAG PA . 22.80 -39.86 -34.74
O6 NAG PA . 23.87 -43.20 -33.53
O7 NAG PA . 21.72 -37.41 -38.56
C1 NAG QA . 13.08 -20.42 -41.56
C2 NAG QA . 13.97 -21.66 -42.05
C3 NAG QA . 15.27 -21.09 -42.70
C4 NAG QA . 14.88 -20.17 -43.91
C5 NAG QA . 13.96 -19.00 -43.39
C6 NAG QA . 13.46 -18.08 -44.51
C7 NAG QA . 13.88 -23.77 -40.72
C8 NAG QA . 14.21 -24.54 -39.47
N2 NAG QA . 14.28 -22.50 -40.85
O3 NAG QA . 16.08 -22.18 -43.18
O4 NAG QA . 16.08 -19.61 -44.48
O5 NAG QA . 12.75 -19.58 -42.72
O6 NAG QA . 13.10 -16.79 -44.01
O7 NAG QA . 13.21 -24.33 -41.61
C1 NAG RA . 19.71 -16.83 -33.24
C2 NAG RA . 19.53 -15.26 -32.99
C3 NAG RA . 20.24 -14.49 -34.14
C4 NAG RA . 21.75 -14.90 -34.20
C5 NAG RA . 21.87 -16.45 -34.42
C6 NAG RA . 23.31 -16.95 -34.41
C7 NAG RA . 17.38 -14.61 -31.89
C8 NAG RA . 15.89 -14.39 -31.97
N2 NAG RA . 18.06 -14.98 -32.98
O3 NAG RA . 20.14 -13.07 -33.90
O4 NAG RA . 22.40 -14.21 -35.28
O5 NAG RA . 21.14 -17.15 -33.32
O6 NAG RA . 23.39 -18.32 -34.80
O7 NAG RA . 17.96 -14.47 -30.80
C1 NAG SA . -5.76 -12.39 -46.57
C2 NAG SA . -4.29 -12.02 -47.07
C3 NAG SA . -4.29 -10.52 -47.53
C4 NAG SA . -5.33 -10.31 -48.68
C5 NAG SA . -6.75 -10.72 -48.15
C6 NAG SA . -7.84 -10.67 -49.22
C7 NAG SA . -2.20 -12.89 -46.06
C8 NAG SA . -1.27 -13.01 -44.90
N2 NAG SA . -3.33 -12.18 -45.95
O3 NAG SA . -2.97 -10.17 -48.02
O4 NAG SA . -5.33 -8.93 -49.06
O5 NAG SA . -6.70 -12.14 -47.67
O6 NAG SA . -8.17 -9.34 -49.58
O7 NAG SA . -1.89 -13.46 -47.13
C1 NAG TA . -32.57 -15.88 -29.18
C2 NAG TA . -32.32 -17.47 -29.16
C3 NAG TA . -33.50 -18.17 -29.91
C4 NAG TA . -34.87 -17.80 -29.25
C5 NAG TA . -35.04 -16.24 -29.29
C6 NAG TA . -36.33 -15.78 -28.60
C7 NAG TA . -29.89 -18.01 -29.32
C8 NAG TA . -28.70 -18.33 -30.19
N2 NAG TA . -31.08 -17.78 -29.91
O3 NAG TA . -33.32 -19.59 -29.85
O4 NAG TA . -35.94 -18.44 -29.95
O5 NAG TA . -33.90 -15.61 -28.60
O6 NAG TA . -36.59 -14.40 -28.87
O7 NAG TA . -29.77 -17.97 -28.09
C1 NAG UA . -16.31 -27.48 -15.16
C2 NAG UA . -16.61 -28.42 -13.92
C3 NAG UA . -15.56 -29.57 -13.87
C4 NAG UA . -15.61 -30.40 -15.21
C5 NAG UA . -15.33 -29.41 -16.41
C6 NAG UA . -15.42 -30.09 -17.77
C7 NAG UA . -17.61 -27.09 -12.06
C8 NAG UA . -17.45 -26.27 -10.83
N2 NAG UA . -16.52 -27.60 -12.68
O3 NAG UA . -15.87 -30.45 -12.78
O4 NAG UA . -14.64 -31.45 -15.18
O5 NAG UA . -16.33 -28.30 -16.40
O6 NAG UA . -14.29 -30.93 -18.04
O7 NAG UA . -18.76 -27.27 -12.51
C1 NAG VA . -19.83 -33.60 -36.47
C2 NAG VA . -18.44 -33.49 -35.72
C3 NAG VA . -18.14 -34.83 -34.98
C4 NAG VA . -19.29 -35.08 -33.93
C5 NAG VA . -20.68 -35.11 -34.69
C6 NAG VA . -21.86 -35.24 -33.71
C7 NAG VA . -16.75 -31.99 -36.75
C8 NAG VA . -15.78 -31.69 -37.84
N2 NAG VA . -17.42 -33.16 -36.75
O3 NAG VA . -16.88 -34.72 -34.28
O4 NAG VA . -19.07 -36.33 -33.28
O5 NAG VA . -20.89 -33.84 -35.46
O6 NAG VA . -23.09 -35.43 -34.40
O7 NAG VA . -16.92 -31.14 -35.85
C1 NAG WA . 34.79 -41.17 -20.47
C2 NAG WA . 36.13 -41.79 -19.85
C3 NAG WA . 37.21 -40.66 -19.75
C4 NAG WA . 37.47 -40.04 -21.16
C5 NAG WA . 36.12 -39.47 -21.73
C6 NAG WA . 36.26 -38.89 -23.15
C7 NAG WA . 35.73 -43.65 -18.24
C8 NAG WA . 35.40 -44.11 -16.86
N2 NAG WA . 35.83 -42.33 -18.51
O3 NAG WA . 38.43 -41.21 -19.23
O4 NAG WA . 38.43 -38.98 -21.04
O5 NAG WA . 35.10 -40.56 -21.78
O6 NAG WA . 36.70 -39.86 -24.10
O7 NAG WA . 35.89 -44.51 -19.13
C1 NAG XA . 29.59 -26.42 -28.77
C2 NAG XA . 30.72 -25.94 -29.79
C3 NAG XA . 31.29 -27.18 -30.55
C4 NAG XA . 31.86 -28.21 -29.52
C5 NAG XA . 30.71 -28.64 -28.53
C6 NAG XA . 31.19 -29.58 -27.41
C7 NAG XA . 30.52 -23.77 -31.01
C8 NAG XA . 29.79 -22.90 -32.00
N2 NAG XA . 30.07 -25.01 -30.76
O3 NAG XA . 32.34 -26.77 -31.43
O4 NAG XA . 32.36 -29.36 -30.20
O5 NAG XA . 30.15 -27.43 -27.86
O6 NAG XA . 30.13 -30.43 -26.97
O7 NAG XA . 31.53 -23.32 -30.44
C1 NAG YA . 3.82 -40.53 -25.74
C2 NAG YA . 2.41 -39.78 -25.83
C3 NAG YA . 1.27 -40.81 -25.54
C4 NAG YA . 1.34 -41.98 -26.58
C5 NAG YA . 2.74 -42.66 -26.48
C6 NAG YA . 2.93 -43.75 -27.53
C7 NAG YA . 2.68 -37.41 -25.15
C8 NAG YA . 2.59 -36.33 -24.11
N2 NAG YA . 2.34 -38.67 -24.85
O3 NAG YA . -0.01 -40.16 -25.65
O4 NAG YA . 0.29 -42.92 -26.31
O5 NAG YA . 3.81 -41.65 -26.70
O6 NAG YA . 4.10 -44.52 -27.30
O7 NAG YA . 3.06 -37.12 -26.31
C1 NAG ZA . 54.77 -11.76 14.22
C2 NAG ZA . 55.38 -11.95 12.76
C3 NAG ZA . 56.95 -11.97 12.89
C4 NAG ZA . 57.44 -10.64 13.56
C5 NAG ZA . 56.76 -10.49 14.98
C6 NAG ZA . 57.12 -9.19 15.71
C7 NAG ZA . 54.06 -13.30 11.13
C8 NAG ZA . 53.54 -14.63 10.66
N2 NAG ZA . 54.85 -13.23 12.22
O3 NAG ZA . 57.52 -12.09 11.57
O4 NAG ZA . 58.86 -10.68 13.71
O5 NAG ZA . 55.26 -10.52 14.83
O6 NAG ZA . 56.75 -9.23 17.07
O7 NAG ZA . 53.75 -12.28 10.49
C1 NAG AB . 32.97 -17.57 16.13
C2 NAG AB . 31.61 -18.16 16.74
C3 NAG AB . 31.45 -19.64 16.24
C4 NAG AB . 31.45 -19.66 14.68
C5 NAG AB . 32.79 -19.03 14.15
C6 NAG AB . 32.85 -18.96 12.62
C7 NAG AB . 31.03 -17.22 18.99
C8 NAG AB . 31.26 -17.20 20.48
N2 NAG AB . 31.73 -18.07 18.22
O3 NAG AB . 30.21 -20.17 16.74
O4 NAG AB . 31.33 -21.01 14.23
O5 NAG AB . 32.93 -17.64 14.67
O6 NAG AB . 34.15 -18.53 12.17
O7 NAG AB . 30.18 -16.45 18.51
C1 NAG BB . 39.82 -9.25 27.51
C2 NAG BB . 38.93 -10.48 27.40
C3 NAG BB . 38.89 -11.22 28.73
C4 NAG BB . 40.32 -11.56 29.17
C5 NAG BB . 41.15 -10.29 29.23
C6 NAG BB . 42.61 -10.56 29.55
C7 NAG BB . 36.76 -10.98 26.37
C8 NAG BB . 36.05 -10.44 25.16
N2 NAG BB . 37.59 -10.12 26.99
O3 NAG BB . 38.11 -12.40 28.60
O4 NAG BB . 40.27 -12.15 30.47
O5 NAG BB . 41.13 -9.61 27.96
O6 NAG BB . 43.33 -9.35 29.75
O7 NAG BB . 36.60 -12.12 26.77
C1 NAG CB . 21.13 48.21 -4.36
C2 NAG CB . 21.86 47.78 -3.01
C3 NAG CB . 21.92 49.02 -2.05
C4 NAG CB . 22.68 50.19 -2.74
C5 NAG CB . 21.96 50.55 -4.09
C6 NAG CB . 22.71 51.63 -4.90
C7 NAG CB . 21.67 45.47 -2.05
C8 NAG CB . 20.86 44.36 -1.42
N2 NAG CB . 21.10 46.65 -2.37
O3 NAG CB . 22.62 48.65 -0.83
O4 NAG CB . 22.71 51.33 -1.88
O5 NAG CB . 21.88 49.34 -4.95
O6 NAG CB . 21.96 52.07 -6.02
O7 NAG CB . 22.88 45.27 -2.26
C1 NAG DB . 6.95 39.99 -25.94
C2 NAG DB . 8.41 39.53 -25.91
C3 NAG DB . 8.81 39.03 -27.29
C4 NAG DB . 7.85 37.95 -27.77
C5 NAG DB . 6.42 38.48 -27.73
C6 NAG DB . 5.39 37.43 -28.09
C7 NAG DB . 9.73 40.76 -24.26
C8 NAG DB . 11.14 40.32 -24.01
N2 NAG DB . 9.29 40.60 -25.50
O3 NAG DB . 10.14 38.54 -27.25
O4 NAG DB . 8.17 37.59 -29.10
O5 NAG DB . 6.09 38.96 -26.41
O6 NAG DB . 5.25 37.32 -29.50
O7 NAG DB . 9.03 41.24 -23.38
C1 NAG EB . 8.63 48.51 -9.54
C2 NAG EB . 8.19 49.18 -10.84
C3 NAG EB . 8.26 50.70 -10.67
C4 NAG EB . 7.43 51.13 -9.47
C5 NAG EB . 7.89 50.38 -8.23
C6 NAG EB . 7.04 50.67 -7.01
C7 NAG EB . 10.30 48.56 -11.90
C8 NAG EB . 11.09 49.63 -11.22
N2 NAG EB . 8.98 48.77 -11.97
O3 NAG EB . 7.80 51.33 -11.86
O4 NAG EB . 7.59 52.54 -9.26
O5 NAG EB . 7.83 48.96 -8.45
O6 NAG EB . 5.85 49.89 -7.01
O7 NAG EB . 10.82 47.55 -12.36
C1 NAG FB . 7.72 33.11 -34.56
C2 NAG FB . 9.11 32.49 -34.74
C3 NAG FB . 9.70 32.95 -36.07
C4 NAG FB . 8.76 32.61 -37.21
C5 NAG FB . 7.39 33.23 -36.95
C6 NAG FB . 6.36 32.85 -37.98
C7 NAG FB . 10.18 32.03 -32.59
C8 NAG FB . 11.56 31.48 -32.42
N2 NAG FB . 9.99 32.82 -33.64
O3 NAG FB . 10.97 32.34 -36.25
O4 NAG FB . 9.28 33.14 -38.42
O5 NAG FB . 6.88 32.79 -35.67
O6 NAG FB . 5.89 31.52 -37.79
O7 NAG FB . 9.27 31.76 -31.81
C1 NAG GB . -23.16 42.55 -37.80
C2 NAG GB . -24.28 41.43 -38.03
C3 NAG GB . -25.15 41.84 -39.27
C4 NAG GB . -25.80 43.25 -39.01
C5 NAG GB . -24.68 44.30 -38.74
C6 NAG GB . -25.21 45.69 -38.36
C7 NAG GB . -23.88 38.99 -37.61
C8 NAG GB . -23.13 37.72 -37.92
N2 NAG GB . -23.61 40.12 -38.28
O3 NAG GB . -26.19 40.86 -39.47
O4 NAG GB . -26.58 43.62 -40.15
O5 NAG GB . -23.83 43.85 -37.59
O6 NAG GB . -25.76 46.38 -39.47
O7 NAG GB . -24.75 38.96 -36.72
C1 NAG HB . -25.26 32.31 -33.32
C2 NAG HB . -26.08 31.17 -33.92
C3 NAG HB . -26.28 31.42 -35.41
C4 NAG HB . -26.93 32.78 -35.63
C5 NAG HB . -26.07 33.86 -34.96
C6 NAG HB . -26.69 35.23 -35.04
C7 NAG HB . -25.95 28.92 -32.96
C8 NAG HB . -25.16 27.66 -32.90
N2 NAG HB . -25.44 29.89 -33.72
O3 NAG HB . -27.07 30.38 -35.98
O4 NAG HB . -27.10 33.07 -37.02
O5 NAG HB . -25.90 33.55 -33.57
O6 NAG HB . -25.84 36.22 -34.45
O7 NAG HB . -27.00 29.06 -32.37
C1 NAG IB . -19.22 51.44 -31.33
C2 NAG IB . -19.47 52.90 -30.75
C3 NAG IB . -19.67 53.88 -31.97
C4 NAG IB . -18.37 53.85 -32.87
C5 NAG IB . -18.12 52.38 -33.36
C6 NAG IB . -16.83 52.21 -34.18
C7 NAG IB . -20.66 53.14 -28.56
C8 NAG IB . -21.89 52.99 -27.73
N2 NAG IB . -20.68 52.83 -29.87
O3 NAG IB . -19.88 55.22 -31.46
O4 NAG IB . -18.58 54.70 -34.00
O5 NAG IB . -18.00 51.45 -32.18
O6 NAG IB . -15.68 52.79 -33.56
O7 NAG IB . -19.62 53.54 -28.01
C1 NAG JB . -26.56 43.48 -15.07
C2 NAG JB . -26.42 43.65 -13.56
C3 NAG JB . -26.22 45.12 -13.23
C4 NAG JB . -25.03 45.67 -14.00
C5 NAG JB . -25.21 45.42 -15.49
C6 NAG JB . -24.02 45.83 -16.32
C7 NAG JB . -27.47 42.60 -11.62
C8 NAG JB . -28.74 42.52 -10.83
N2 NAG JB . -27.57 43.13 -12.84
O3 NAG JB . -26.04 45.28 -11.83
O4 NAG JB . -24.92 47.08 -13.77
O5 NAG JB . -25.43 44.02 -15.75
O6 NAG JB . -23.59 47.15 -15.99
O7 NAG JB . -26.39 42.20 -11.17
C1 NAG KB . -15.42 42.79 -10.42
C2 NAG KB . -15.16 41.89 -9.14
C3 NAG KB . -15.38 42.77 -7.86
C4 NAG KB . -14.36 43.97 -7.89
C5 NAG KB . -14.63 44.82 -9.20
C6 NAG KB . -13.61 45.96 -9.37
C7 NAG KB . -15.76 39.47 -9.21
C8 NAG KB . -16.79 38.39 -9.29
N2 NAG KB . -16.14 40.76 -9.18
O3 NAG KB . -15.12 41.97 -6.68
O4 NAG KB . -14.56 44.79 -6.73
O5 NAG KB . -14.49 43.93 -10.39
O6 NAG KB . -13.98 46.83 -10.43
O7 NAG KB . -14.56 39.14 -9.19
C1 NAG LB . -40.34 28.56 -8.17
C2 NAG LB . -40.61 30.01 -7.59
C3 NAG LB . -40.70 29.92 -6.02
C4 NAG LB . -41.84 28.92 -5.62
C5 NAG LB . -41.54 27.52 -6.26
C6 NAG LB . -42.64 26.49 -5.99
C7 NAG LB . -38.26 30.92 -7.90
C8 NAG LB . -37.36 31.99 -8.45
N2 NAG LB . -39.59 31.00 -8.08
O3 NAG LB . -40.98 31.23 -5.49
O4 NAG LB . -41.89 28.81 -4.19
O5 NAG LB . -41.42 27.66 -7.74
O6 NAG LB . -42.24 25.17 -6.34
O7 NAG LB . -37.73 29.99 -7.27
C1 NAG MB . -42.41 -1.15 -21.56
C2 NAG MB . -42.52 -0.35 -22.93
C3 NAG MB . -43.91 -0.64 -23.58
C4 NAG MB . -44.08 -2.17 -23.82
C5 NAG MB . -43.93 -2.91 -22.45
C6 NAG MB . -44.01 -4.44 -22.59
C7 NAG MB . -41.55 1.94 -23.24
C8 NAG MB . -41.52 3.38 -22.85
N2 NAG MB . -42.41 1.10 -22.63
O3 NAG MB . -44.00 0.05 -24.85
O4 NAG MB . -45.38 -2.43 -24.37
O5 NAG MB . -42.61 -2.58 -21.84
O6 NAG MB . -43.04 -4.96 -23.49
O7 NAG MB . -40.79 1.53 -24.12
C1 NAG NB . -22.36 7.55 -31.74
C2 NAG NB . -21.38 7.31 -32.96
C3 NAG NB . -21.07 8.69 -33.64
C4 NAG NB . -22.43 9.32 -34.14
C5 NAG NB . -23.39 9.49 -32.91
C6 NAG NB . -24.77 10.02 -33.30
C7 NAG NB . -19.79 5.40 -32.72
C8 NAG NB . -18.56 4.79 -32.11
N2 NAG NB . -20.14 6.67 -32.42
O3 NAG NB . -20.20 8.49 -34.76
O4 NAG NB . -22.17 10.60 -34.73
O5 NAG NB . -23.60 8.17 -32.23
O6 NAG NB . -25.40 9.23 -34.32
O7 NAG NB . -20.48 4.71 -33.49
C1 NAG OB . -41.97 17.92 -32.61
C2 NAG OB . -40.76 18.71 -33.14
C3 NAG OB . -40.49 18.29 -34.57
C4 NAG OB . -40.29 16.78 -34.65
C5 NAG OB . -41.51 16.08 -34.07
C6 NAG OB . -41.35 14.58 -34.01
C7 NAG OB . -41.95 20.78 -33.65
C8 NAG OB . -42.01 22.27 -33.43
N2 NAG OB . -40.96 20.14 -33.04
O3 NAG OB . -39.35 18.98 -35.05
O4 NAG OB . -40.11 16.39 -36.00
O5 NAG OB . -41.74 16.53 -32.71
O6 NAG OB . -42.52 13.95 -33.48
O7 NAG OB . -42.76 20.20 -34.36
C1 NAG PB . 1.03 54.95 -34.40
C2 NAG PB . 2.41 54.15 -34.17
C3 NAG PB . 2.99 54.54 -32.77
C4 NAG PB . 3.22 56.10 -32.71
C5 NAG PB . 1.87 56.83 -32.98
C6 NAG PB . 2.00 58.35 -33.03
C7 NAG PB . 2.66 51.81 -34.99
C8 NAG PB . 2.26 50.37 -34.90
N2 NAG PB . 2.10 52.70 -34.16
O3 NAG PB . 4.25 53.87 -32.57
O4 NAG PB . 3.71 56.45 -31.41
O5 NAG PB . 1.32 56.40 -34.29
O6 NAG PB . 2.88 58.80 -34.06
O7 NAG PB . 3.51 52.14 -35.83
C1 NAG QB . -7.47 51.32 -18.92
C2 NAG QB . -7.66 52.68 -18.11
C3 NAG QB . -7.76 53.87 -19.13
C4 NAG QB . -6.47 53.91 -20.02
C5 NAG QB . -6.34 52.54 -20.79
C6 NAG QB . -5.06 52.39 -21.61
C7 NAG QB . -9.02 52.86 -16.01
C8 NAG QB . -10.34 52.72 -15.30
N2 NAG QB . -8.92 52.57 -17.32
O3 NAG QB . -7.87 55.11 -18.40
O4 NAG QB . -6.57 54.98 -20.96
O5 NAG QB . -6.29 51.45 -19.80
O6 NAG QB . -5.09 53.14 -22.82
O7 NAG QB . -8.03 53.27 -15.36
C1 NAG RB . -21.84 33.38 -37.55
C2 NAG RB . -22.46 32.01 -37.30
C3 NAG RB . -22.88 31.41 -38.64
C4 NAG RB . -23.81 32.37 -39.37
C5 NAG RB . -23.12 33.72 -39.54
C6 NAG RB . -24.03 34.77 -40.16
C7 NAG RB . -21.60 30.79 -35.35
C8 NAG RB . -20.51 29.89 -34.84
N2 NAG RB . -21.52 31.14 -36.63
O3 NAG RB . -23.52 30.16 -38.43
O4 NAG RB . -24.10 31.88 -40.68
O5 NAG RB . -22.73 34.22 -38.25
O6 NAG RB . -25.17 35.00 -39.35
O7 NAG RB . -22.50 31.19 -34.62
C1 NAG SB . 42.04 44.33 -8.69
C2 NAG SB . 42.87 45.27 -7.70
C3 NAG SB . 42.40 46.76 -7.94
C4 NAG SB . 42.64 47.16 -9.44
C5 NAG SB . 41.86 46.16 -10.36
C6 NAG SB . 42.07 46.41 -11.86
C7 NAG SB . 43.40 44.05 -5.58
C8 NAG SB . 43.03 43.67 -4.19
N2 NAG SB . 42.59 44.87 -6.29
O3 NAG SB . 43.13 47.64 -7.07
O4 NAG SB . 42.17 48.49 -9.65
O5 NAG SB . 42.28 44.76 -10.08
O6 NAG SB . 43.44 46.41 -12.24
O7 NAG SB . 44.44 43.58 -6.08
C1 NAG TB . 32.22 26.58 -18.38
C2 NAG TB . 31.59 26.67 -19.84
C3 NAG TB . 31.95 28.07 -20.45
C4 NAG TB . 31.40 29.21 -19.52
C5 NAG TB . 32.02 29.05 -18.08
C6 NAG TB . 31.45 30.02 -17.04
C7 NAG TB . 31.49 24.43 -20.94
C8 NAG TB . 32.14 23.37 -21.79
N2 NAG TB . 32.15 25.57 -20.67
O3 NAG TB . 31.35 28.18 -21.76
O4 NAG TB . 31.78 30.48 -20.06
O5 NAG TB . 31.70 27.70 -17.57
O6 NAG TB . 30.03 30.18 -17.09
O7 NAG TB . 30.34 24.23 -20.49
C1 NAG UB . 44.33 24.91 -12.93
C2 NAG UB . 45.57 23.98 -12.54
C3 NAG UB . 46.16 23.38 -13.87
C4 NAG UB . 45.07 22.57 -14.65
C5 NAG UB . 43.86 23.54 -14.98
C6 NAG UB . 42.69 22.86 -15.69
C7 NAG UB . 46.68 24.94 -10.53
C8 NAG UB . 47.71 25.84 -9.93
N2 NAG UB . 46.58 24.83 -11.87
O3 NAG UB . 47.25 22.49 -13.52
O4 NAG UB . 45.62 22.05 -15.86
O5 NAG UB . 43.34 24.12 -13.70
O6 NAG UB . 42.13 21.78 -14.93
O7 NAG UB . 45.92 24.31 -9.77
#